data_5CY0
# 
_entry.id   5CY0 
# 
_audit_conform.dict_name       mmcif_pdbx.dic 
_audit_conform.dict_version    5.399 
_audit_conform.dict_location   http://mmcif.pdb.org/dictionaries/ascii/mmcif_pdbx.dic 
# 
loop_
_database_2.database_id 
_database_2.database_code 
_database_2.pdbx_database_accession 
_database_2.pdbx_DOI 
PDB   5CY0         pdb_00005cy0 10.2210/pdb5cy0/pdb 
WWPDB D_1000212286 ?            ?                   
# 
loop_
_pdbx_audit_revision_history.ordinal 
_pdbx_audit_revision_history.data_content_type 
_pdbx_audit_revision_history.major_revision 
_pdbx_audit_revision_history.minor_revision 
_pdbx_audit_revision_history.revision_date 
1 'Structure model' 1 0 2016-06-01 
2 'Structure model' 1 1 2016-06-15 
3 'Structure model' 1 2 2016-07-27 
4 'Structure model' 1 3 2017-09-13 
5 'Structure model' 1 4 2018-01-17 
6 'Structure model' 1 5 2019-12-25 
7 'Structure model' 1 6 2023-09-27 
8 'Structure model' 1 7 2024-11-20 
# 
_pdbx_audit_revision_details.ordinal             1 
_pdbx_audit_revision_details.revision_ordinal    1 
_pdbx_audit_revision_details.data_content_type   'Structure model' 
_pdbx_audit_revision_details.provider            repository 
_pdbx_audit_revision_details.type                'Initial release' 
_pdbx_audit_revision_details.description         ? 
_pdbx_audit_revision_details.details             ? 
# 
loop_
_pdbx_audit_revision_group.ordinal 
_pdbx_audit_revision_group.revision_ordinal 
_pdbx_audit_revision_group.data_content_type 
_pdbx_audit_revision_group.group 
1  2 'Structure model' 'Database references'        
2  3 'Structure model' 'Database references'        
3  4 'Structure model' 'Author supporting evidence' 
4  4 'Structure model' 'Database references'        
5  4 'Structure model' 'Derived calculations'       
6  5 'Structure model' 'Author supporting evidence' 
7  6 'Structure model' 'Author supporting evidence' 
8  7 'Structure model' 'Data collection'            
9  7 'Structure model' 'Database references'        
10 7 'Structure model' 'Refinement description'     
11 8 'Structure model' 'Structure summary'          
# 
loop_
_pdbx_audit_revision_category.ordinal 
_pdbx_audit_revision_category.revision_ordinal 
_pdbx_audit_revision_category.data_content_type 
_pdbx_audit_revision_category.category 
1  4 'Structure model' citation                      
2  4 'Structure model' pdbx_audit_support            
3  4 'Structure model' pdbx_struct_oper_list         
4  5 'Structure model' pdbx_audit_support            
5  6 'Structure model' pdbx_audit_support            
6  7 'Structure model' chem_comp_atom                
7  7 'Structure model' chem_comp_bond                
8  7 'Structure model' database_2                    
9  7 'Structure model' pdbx_initial_refinement_model 
10 8 'Structure model' pdbx_entry_details            
11 8 'Structure model' pdbx_modification_feature     
# 
loop_
_pdbx_audit_revision_item.ordinal 
_pdbx_audit_revision_item.revision_ordinal 
_pdbx_audit_revision_item.data_content_type 
_pdbx_audit_revision_item.item 
1 4 'Structure model' '_citation.journal_id_CSD'                  
2 4 'Structure model' '_pdbx_audit_support.funding_organization'  
3 4 'Structure model' '_pdbx_struct_oper_list.symmetry_operation' 
4 5 'Structure model' '_pdbx_audit_support.country'               
5 5 'Structure model' '_pdbx_audit_support.funding_organization'  
6 6 'Structure model' '_pdbx_audit_support.funding_organization'  
7 7 'Structure model' '_database_2.pdbx_DOI'                      
8 7 'Structure model' '_database_2.pdbx_database_accession'       
# 
_pdbx_database_status.status_code                     REL 
_pdbx_database_status.status_code_sf                  REL 
_pdbx_database_status.status_code_mr                  ? 
_pdbx_database_status.entry_id                        5CY0 
_pdbx_database_status.recvd_initial_deposition_date   2015-07-29 
_pdbx_database_status.SG_entry                        N 
_pdbx_database_status.deposit_site                    RCSB 
_pdbx_database_status.process_site                    RCSB 
_pdbx_database_status.status_code_cs                  ? 
_pdbx_database_status.methods_development_category    ? 
_pdbx_database_status.pdb_format_compatible           Y 
_pdbx_database_status.status_code_nmr_data            ? 
# 
loop_
_audit_author.name 
_audit_author.pdbx_ordinal 
_audit_author.identifier_ORCID 
'Dang, B.'      1 ? 
'Kubota, T.'    2 ? 
'Mandal, K.'    3 ? 
'Correa, A.M.'  4 ? 
'Bezanilla, F.' 5 ? 
'Kent, S.B.'    6 ? 
# 
_citation.abstract                  ? 
_citation.abstract_id_CAS           ? 
_citation.book_id_ISBN              ? 
_citation.book_publisher            ? 
_citation.book_publisher_city       ? 
_citation.book_title                ? 
_citation.coordinate_linkage        ? 
_citation.country                   GE 
_citation.database_id_Medline       ? 
_citation.details                   ? 
_citation.id                        primary 
_citation.journal_abbrev            Angew.Chem.Int.Ed.Engl. 
_citation.journal_id_ASTM           ACIEAY 
_citation.journal_id_CSD            0179 
_citation.journal_id_ISSN           1521-3773 
_citation.journal_full              ? 
_citation.journal_issue             ? 
_citation.journal_volume            55 
_citation.language                  ? 
_citation.page_first                8639 
_citation.page_last                 8642 
_citation.title                     'Elucidation of the Covalent and Tertiary Structures of Biologically Active Ts3 Toxin.' 
_citation.year                      2016 
_citation.database_id_CSD           ? 
_citation.pdbx_database_id_DOI      10.1002/anie.201603420 
_citation.pdbx_database_id_PubMed   27244051 
_citation.unpublished_flag          ? 
# 
loop_
_citation_author.citation_id 
_citation_author.name 
_citation_author.ordinal 
_citation_author.identifier_ORCID 
primary 'Dang, B.'      1 ? 
primary 'Kubota, T.'    2 ? 
primary 'Mandal, K.'    3 ? 
primary 'Correa, A.M.'  4 ? 
primary 'Bezanilla, F.' 5 ? 
primary 'Kent, S.B.'    6 ? 
# 
loop_
_entity.id 
_entity.type 
_entity.src_method 
_entity.pdbx_description 
_entity.formula_weight 
_entity.pdbx_number_of_molecules 
_entity.pdbx_ec 
_entity.pdbx_mutation 
_entity.pdbx_fragment 
_entity.details 
1 polymer     syn 'Ts3 Toxin' 7465.436 1  ? ? 'UNP residues 14-77' ? 
2 non-polymer syn GLYCEROL    92.094   3  ? ? ?                    ? 
3 water       nat water       18.015   67 ? ? ?                    ? 
# 
_entity_name_com.entity_id   1 
_entity_name_com.name        'Tityustoxin V,TsV,Toxin V, Toxin-5' 
# 
_entity_poly.entity_id                      1 
_entity_poly.type                           'polypeptide(L)' 
_entity_poly.nstd_linkage                   no 
_entity_poly.nstd_monomer                   no 
_entity_poly.pdbx_seq_one_letter_code       KKDGYPVEYDNCAYICWNYDNAYCDKLCKDKKADSGYCYWVHILCYCYGLPDSEPTKTNGKCKS 
_entity_poly.pdbx_seq_one_letter_code_can   KKDGYPVEYDNCAYICWNYDNAYCDKLCKDKKADSGYCYWVHILCYCYGLPDSEPTKTNGKCKS 
_entity_poly.pdbx_strand_id                 A 
_entity_poly.pdbx_target_identifier         ? 
# 
loop_
_pdbx_entity_nonpoly.entity_id 
_pdbx_entity_nonpoly.name 
_pdbx_entity_nonpoly.comp_id 
2 GLYCEROL GOL 
3 water    HOH 
# 
loop_
_entity_poly_seq.entity_id 
_entity_poly_seq.num 
_entity_poly_seq.mon_id 
_entity_poly_seq.hetero 
1 1  LYS n 
1 2  LYS n 
1 3  ASP n 
1 4  GLY n 
1 5  TYR n 
1 6  PRO n 
1 7  VAL n 
1 8  GLU n 
1 9  TYR n 
1 10 ASP n 
1 11 ASN n 
1 12 CYS n 
1 13 ALA n 
1 14 TYR n 
1 15 ILE n 
1 16 CYS n 
1 17 TRP n 
1 18 ASN n 
1 19 TYR n 
1 20 ASP n 
1 21 ASN n 
1 22 ALA n 
1 23 TYR n 
1 24 CYS n 
1 25 ASP n 
1 26 LYS n 
1 27 LEU n 
1 28 CYS n 
1 29 LYS n 
1 30 ASP n 
1 31 LYS n 
1 32 LYS n 
1 33 ALA n 
1 34 ASP n 
1 35 SER n 
1 36 GLY n 
1 37 TYR n 
1 38 CYS n 
1 39 TYR n 
1 40 TRP n 
1 41 VAL n 
1 42 HIS n 
1 43 ILE n 
1 44 LEU n 
1 45 CYS n 
1 46 TYR n 
1 47 CYS n 
1 48 TYR n 
1 49 GLY n 
1 50 LEU n 
1 51 PRO n 
1 52 ASP n 
1 53 SER n 
1 54 GLU n 
1 55 PRO n 
1 56 THR n 
1 57 LYS n 
1 58 THR n 
1 59 ASN n 
1 60 GLY n 
1 61 LYS n 
1 62 CYS n 
1 63 LYS n 
1 64 SER n 
# 
_pdbx_entity_src_syn.entity_id              1 
_pdbx_entity_src_syn.pdbx_src_id            1 
_pdbx_entity_src_syn.pdbx_alt_source_flag   sample 
_pdbx_entity_src_syn.pdbx_beg_seq_num       1 
_pdbx_entity_src_syn.pdbx_end_seq_num       64 
_pdbx_entity_src_syn.organism_scientific    'Tityus serrulatus' 
_pdbx_entity_src_syn.organism_common_name   'Brazilian scorpion' 
_pdbx_entity_src_syn.ncbi_taxonomy_id       6887 
_pdbx_entity_src_syn.details                ? 
# 
loop_
_chem_comp.id 
_chem_comp.type 
_chem_comp.mon_nstd_flag 
_chem_comp.name 
_chem_comp.pdbx_synonyms 
_chem_comp.formula 
_chem_comp.formula_weight 
ALA 'L-peptide linking' y ALANINE         ?                               'C3 H7 N O2'     89.093  
ASN 'L-peptide linking' y ASPARAGINE      ?                               'C4 H8 N2 O3'    132.118 
ASP 'L-peptide linking' y 'ASPARTIC ACID' ?                               'C4 H7 N O4'     133.103 
CYS 'L-peptide linking' y CYSTEINE        ?                               'C3 H7 N O2 S'   121.158 
GLU 'L-peptide linking' y 'GLUTAMIC ACID' ?                               'C5 H9 N O4'     147.129 
GLY 'peptide linking'   y GLYCINE         ?                               'C2 H5 N O2'     75.067  
GOL non-polymer         . GLYCEROL        'GLYCERIN; PROPANE-1,2,3-TRIOL' 'C3 H8 O3'       92.094  
HIS 'L-peptide linking' y HISTIDINE       ?                               'C6 H10 N3 O2 1' 156.162 
HOH non-polymer         . WATER           ?                               'H2 O'           18.015  
ILE 'L-peptide linking' y ISOLEUCINE      ?                               'C6 H13 N O2'    131.173 
LEU 'L-peptide linking' y LEUCINE         ?                               'C6 H13 N O2'    131.173 
LYS 'L-peptide linking' y LYSINE          ?                               'C6 H15 N2 O2 1' 147.195 
PRO 'L-peptide linking' y PROLINE         ?                               'C5 H9 N O2'     115.130 
SER 'L-peptide linking' y SERINE          ?                               'C3 H7 N O3'     105.093 
THR 'L-peptide linking' y THREONINE       ?                               'C4 H9 N O3'     119.119 
TRP 'L-peptide linking' y TRYPTOPHAN      ?                               'C11 H12 N2 O2'  204.225 
TYR 'L-peptide linking' y TYROSINE        ?                               'C9 H11 N O3'    181.189 
VAL 'L-peptide linking' y VALINE          ?                               'C5 H11 N O2'    117.146 
# 
loop_
_pdbx_poly_seq_scheme.asym_id 
_pdbx_poly_seq_scheme.entity_id 
_pdbx_poly_seq_scheme.seq_id 
_pdbx_poly_seq_scheme.mon_id 
_pdbx_poly_seq_scheme.ndb_seq_num 
_pdbx_poly_seq_scheme.pdb_seq_num 
_pdbx_poly_seq_scheme.auth_seq_num 
_pdbx_poly_seq_scheme.pdb_mon_id 
_pdbx_poly_seq_scheme.auth_mon_id 
_pdbx_poly_seq_scheme.pdb_strand_id 
_pdbx_poly_seq_scheme.pdb_ins_code 
_pdbx_poly_seq_scheme.hetero 
A 1 1  LYS 1  1  1  LYS LYS A . n 
A 1 2  LYS 2  2  2  LYS LYS A . n 
A 1 3  ASP 3  3  3  ASP ASP A . n 
A 1 4  GLY 4  4  4  GLY GLY A . n 
A 1 5  TYR 5  5  5  TYR TYR A . n 
A 1 6  PRO 6  6  6  PRO PRO A . n 
A 1 7  VAL 7  7  7  VAL VAL A . n 
A 1 8  GLU 8  8  8  GLU GLU A . n 
A 1 9  TYR 9  9  9  TYR TYR A . n 
A 1 10 ASP 10 10 10 ASP ASP A . n 
A 1 11 ASN 11 11 11 ASN ASN A . n 
A 1 12 CYS 12 12 12 CYS CYS A . n 
A 1 13 ALA 13 13 13 ALA ALA A . n 
A 1 14 TYR 14 14 14 TYR TYR A . n 
A 1 15 ILE 15 15 15 ILE ILE A . n 
A 1 16 CYS 16 16 16 CYS CYS A . n 
A 1 17 TRP 17 17 17 TRP TRP A . n 
A 1 18 ASN 18 18 18 ASN ASN A . n 
A 1 19 TYR 19 19 19 TYR TYR A . n 
A 1 20 ASP 20 20 20 ASP ASP A . n 
A 1 21 ASN 21 21 21 ASN ASN A . n 
A 1 22 ALA 22 22 22 ALA ALA A . n 
A 1 23 TYR 23 23 23 TYR TYR A . n 
A 1 24 CYS 24 24 24 CYS CYS A . n 
A 1 25 ASP 25 25 25 ASP ASP A . n 
A 1 26 LYS 26 26 26 LYS LYS A . n 
A 1 27 LEU 27 27 27 LEU LEU A . n 
A 1 28 CYS 28 28 28 CYS CYS A . n 
A 1 29 LYS 29 29 29 LYS LYS A . n 
A 1 30 ASP 30 30 30 ASP ASP A . n 
A 1 31 LYS 31 31 31 LYS LYS A . n 
A 1 32 LYS 32 32 32 LYS LYS A . n 
A 1 33 ALA 33 33 33 ALA ALA A . n 
A 1 34 ASP 34 34 34 ASP ASP A . n 
A 1 35 SER 35 35 35 SER SER A . n 
A 1 36 GLY 36 36 36 GLY GLY A . n 
A 1 37 TYR 37 37 37 TYR TYR A . n 
A 1 38 CYS 38 38 38 CYS CYS A . n 
A 1 39 TYR 39 39 39 TYR TYR A . n 
A 1 40 TRP 40 40 40 TRP TRP A . n 
A 1 41 VAL 41 41 41 VAL VAL A . n 
A 1 42 HIS 42 42 42 HIS HIS A . n 
A 1 43 ILE 43 43 43 ILE ILE A . n 
A 1 44 LEU 44 44 44 LEU LEU A . n 
A 1 45 CYS 45 45 45 CYS CYS A . n 
A 1 46 TYR 46 46 46 TYR TYR A . n 
A 1 47 CYS 47 47 47 CYS CYS A . n 
A 1 48 TYR 48 48 48 TYR TYR A . n 
A 1 49 GLY 49 49 49 GLY GLY A . n 
A 1 50 LEU 50 50 50 LEU LEU A . n 
A 1 51 PRO 51 51 51 PRO PRO A . n 
A 1 52 ASP 52 52 52 ASP ASP A . n 
A 1 53 SER 53 53 53 SER SER A . n 
A 1 54 GLU 54 54 54 GLU GLU A . n 
A 1 55 PRO 55 55 55 PRO PRO A . n 
A 1 56 THR 56 56 56 THR THR A . n 
A 1 57 LYS 57 57 57 LYS LYS A . n 
A 1 58 THR 58 58 58 THR THR A . n 
A 1 59 ASN 59 59 59 ASN ASN A . n 
A 1 60 GLY 60 60 60 GLY GLY A . n 
A 1 61 LYS 61 61 61 LYS LYS A . n 
A 1 62 CYS 62 62 62 CYS CYS A . n 
A 1 63 LYS 63 63 63 LYS LYS A . n 
A 1 64 SER 64 64 ?  ?   ?   A . n 
# 
loop_
_pdbx_nonpoly_scheme.asym_id 
_pdbx_nonpoly_scheme.entity_id 
_pdbx_nonpoly_scheme.mon_id 
_pdbx_nonpoly_scheme.ndb_seq_num 
_pdbx_nonpoly_scheme.pdb_seq_num 
_pdbx_nonpoly_scheme.auth_seq_num 
_pdbx_nonpoly_scheme.pdb_mon_id 
_pdbx_nonpoly_scheme.auth_mon_id 
_pdbx_nonpoly_scheme.pdb_strand_id 
_pdbx_nonpoly_scheme.pdb_ins_code 
B 2 GOL 1  101 1  GOL GOL A . 
C 2 GOL 1  102 1  GOL GOL A . 
D 2 GOL 1  103 1  GOL GOL A . 
E 3 HOH 1  201 84 HOH HOH A . 
E 3 HOH 2  202 43 HOH HOH A . 
E 3 HOH 3  203 38 HOH HOH A . 
E 3 HOH 4  204 26 HOH HOH A . 
E 3 HOH 5  205 89 HOH HOH A . 
E 3 HOH 6  206 34 HOH HOH A . 
E 3 HOH 7  207 5  HOH HOH A . 
E 3 HOH 8  208 79 HOH HOH A . 
E 3 HOH 9  209 41 HOH HOH A . 
E 3 HOH 10 210 74 HOH HOH A . 
E 3 HOH 11 211 57 HOH HOH A . 
E 3 HOH 12 212 29 HOH HOH A . 
E 3 HOH 13 213 1  HOH HOH A . 
E 3 HOH 14 214 8  HOH HOH A . 
E 3 HOH 15 215 7  HOH HOH A . 
E 3 HOH 16 216 23 HOH HOH A . 
E 3 HOH 17 217 13 HOH HOH A . 
E 3 HOH 18 218 53 HOH HOH A . 
E 3 HOH 19 219 55 HOH HOH A . 
E 3 HOH 20 220 40 HOH HOH A . 
E 3 HOH 21 221 12 HOH HOH A . 
E 3 HOH 22 222 16 HOH HOH A . 
E 3 HOH 23 223 60 HOH HOH A . 
E 3 HOH 24 224 69 HOH HOH A . 
E 3 HOH 25 225 10 HOH HOH A . 
E 3 HOH 26 226 35 HOH HOH A . 
E 3 HOH 27 227 11 HOH HOH A . 
E 3 HOH 28 228 2  HOH HOH A . 
E 3 HOH 29 229 49 HOH HOH A . 
E 3 HOH 30 230 72 HOH HOH A . 
E 3 HOH 31 231 44 HOH HOH A . 
E 3 HOH 32 232 46 HOH HOH A . 
E 3 HOH 33 233 61 HOH HOH A . 
E 3 HOH 34 234 77 HOH HOH A . 
E 3 HOH 35 235 20 HOH HOH A . 
E 3 HOH 36 236 3  HOH HOH A . 
E 3 HOH 37 237 9  HOH HOH A . 
E 3 HOH 38 238 93 HOH HOH A . 
E 3 HOH 39 239 32 HOH HOH A . 
E 3 HOH 40 240 86 HOH HOH A . 
E 3 HOH 41 241 36 HOH HOH A . 
E 3 HOH 42 242 4  HOH HOH A . 
E 3 HOH 43 243 19 HOH HOH A . 
E 3 HOH 44 244 85 HOH HOH A . 
E 3 HOH 45 245 18 HOH HOH A . 
E 3 HOH 46 246 6  HOH HOH A . 
E 3 HOH 47 247 30 HOH HOH A . 
E 3 HOH 48 248 28 HOH HOH A . 
E 3 HOH 49 249 52 HOH HOH A . 
E 3 HOH 50 250 33 HOH HOH A . 
E 3 HOH 51 251 71 HOH HOH A . 
E 3 HOH 52 252 50 HOH HOH A . 
E 3 HOH 53 253 82 HOH HOH A . 
E 3 HOH 54 254 59 HOH HOH A . 
E 3 HOH 55 255 68 HOH HOH A . 
E 3 HOH 56 256 22 HOH HOH A . 
E 3 HOH 57 257 54 HOH HOH A . 
E 3 HOH 58 258 15 HOH HOH A . 
E 3 HOH 59 259 31 HOH HOH A . 
E 3 HOH 60 260 21 HOH HOH A . 
E 3 HOH 61 261 37 HOH HOH A . 
E 3 HOH 62 262 87 HOH HOH A . 
E 3 HOH 63 263 91 HOH HOH A . 
E 3 HOH 64 264 70 HOH HOH A . 
E 3 HOH 65 265 47 HOH HOH A . 
E 3 HOH 66 266 88 HOH HOH A . 
E 3 HOH 67 267 66 HOH HOH A . 
# 
loop_
_pdbx_unobs_or_zero_occ_atoms.id 
_pdbx_unobs_or_zero_occ_atoms.PDB_model_num 
_pdbx_unobs_or_zero_occ_atoms.polymer_flag 
_pdbx_unobs_or_zero_occ_atoms.occupancy_flag 
_pdbx_unobs_or_zero_occ_atoms.auth_asym_id 
_pdbx_unobs_or_zero_occ_atoms.auth_comp_id 
_pdbx_unobs_or_zero_occ_atoms.auth_seq_id 
_pdbx_unobs_or_zero_occ_atoms.PDB_ins_code 
_pdbx_unobs_or_zero_occ_atoms.auth_atom_id 
_pdbx_unobs_or_zero_occ_atoms.label_alt_id 
_pdbx_unobs_or_zero_occ_atoms.label_asym_id 
_pdbx_unobs_or_zero_occ_atoms.label_comp_id 
_pdbx_unobs_or_zero_occ_atoms.label_seq_id 
_pdbx_unobs_or_zero_occ_atoms.label_atom_id 
1  1 Y 1 A TYR 9  ? CG  ? A TYR 9  CG  
2  1 Y 1 A TYR 9  ? CD1 ? A TYR 9  CD1 
3  1 Y 1 A TYR 9  ? CD2 ? A TYR 9  CD2 
4  1 Y 1 A TYR 9  ? CE1 ? A TYR 9  CE1 
5  1 Y 1 A TYR 9  ? CE2 ? A TYR 9  CE2 
6  1 Y 1 A TYR 9  ? CZ  ? A TYR 9  CZ  
7  1 Y 1 A TYR 9  ? OH  ? A TYR 9  OH  
8  1 Y 1 A ASP 10 ? CB  ? A ASP 10 CB  
9  1 Y 1 A ASP 10 ? CG  ? A ASP 10 CG  
10 1 Y 1 A ASP 10 ? OD1 ? A ASP 10 OD1 
11 1 Y 1 A ASP 10 ? OD2 ? A ASP 10 OD2 
12 1 Y 1 A LYS 63 ? CG  ? A LYS 63 CG  
13 1 Y 1 A LYS 63 ? CD  ? A LYS 63 CD  
14 1 Y 1 A LYS 63 ? CE  ? A LYS 63 CE  
15 1 Y 1 A LYS 63 ? NZ  ? A LYS 63 NZ  
# 
loop_
_software.citation_id 
_software.classification 
_software.compiler_name 
_software.compiler_version 
_software.contact_author 
_software.contact_author_email 
_software.date 
_software.description 
_software.dependencies 
_software.hardware 
_software.language 
_software.location 
_software.mods 
_software.name 
_software.os 
_software.os_version 
_software.type 
_software.version 
_software.pdbx_ordinal 
? refinement       ? ? ? ? ? ? ? ? ? ? ? PHENIX ? ? ? 1.9_1692 1 
? phasing          ? ? ? ? ? ? ? ? ? ? ? PHASER ? ? ? .        2 
? 'data reduction' ? ? ? ? ? ? ? ? ? ? ? XDS    ? ? ? .        3 
? 'data scaling'   ? ? ? ? ? ? ? ? ? ? ? XDS    ? ? ? .        4 
# 
_cell.angle_alpha                  101.17 
_cell.angle_alpha_esd              ? 
_cell.angle_beta                   91.26 
_cell.angle_beta_esd               ? 
_cell.angle_gamma                  98.61 
_cell.angle_gamma_esd              ? 
_cell.entry_id                     5CY0 
_cell.details                      ? 
_cell.formula_units_Z              ? 
_cell.length_a                     19.322 
_cell.length_a_esd                 ? 
_cell.length_b                     30.406 
_cell.length_b_esd                 ? 
_cell.length_c                     52.468 
_cell.length_c_esd                 ? 
_cell.volume                       ? 
_cell.volume_esd                   ? 
_cell.Z_PDB                        2 
_cell.reciprocal_angle_alpha       ? 
_cell.reciprocal_angle_beta        ? 
_cell.reciprocal_angle_gamma       ? 
_cell.reciprocal_angle_alpha_esd   ? 
_cell.reciprocal_angle_beta_esd    ? 
_cell.reciprocal_angle_gamma_esd   ? 
_cell.reciprocal_length_a          ? 
_cell.reciprocal_length_b          ? 
_cell.reciprocal_length_c          ? 
_cell.reciprocal_length_a_esd      ? 
_cell.reciprocal_length_b_esd      ? 
_cell.reciprocal_length_c_esd      ? 
_cell.pdbx_unique_axis             ? 
# 
_symmetry.entry_id                         5CY0 
_symmetry.cell_setting                     ? 
_symmetry.Int_Tables_number                2 
_symmetry.space_group_name_Hall            ? 
_symmetry.space_group_name_H-M             'P -1' 
_symmetry.pdbx_full_space_group_name_H-M   ? 
# 
_exptl.absorpt_coefficient_mu     ? 
_exptl.absorpt_correction_T_max   ? 
_exptl.absorpt_correction_T_min   ? 
_exptl.absorpt_correction_type    ? 
_exptl.absorpt_process_details    ? 
_exptl.entry_id                   5CY0 
_exptl.crystals_number            1 
_exptl.details                    ? 
_exptl.method                     'X-RAY DIFFRACTION' 
_exptl.method_details             ? 
# 
_exptl_crystal.colour                      ? 
_exptl_crystal.density_diffrn              ? 
_exptl_crystal.density_Matthews            2.01 
_exptl_crystal.density_method              ? 
_exptl_crystal.density_percent_sol         38.69 
_exptl_crystal.description                 ? 
_exptl_crystal.F_000                       ? 
_exptl_crystal.id                          1 
_exptl_crystal.preparation                 ? 
_exptl_crystal.size_max                    ? 
_exptl_crystal.size_mid                    ? 
_exptl_crystal.size_min                    ? 
_exptl_crystal.size_rad                    ? 
_exptl_crystal.colour_lustre               ? 
_exptl_crystal.colour_modifier             ? 
_exptl_crystal.colour_primary              ? 
_exptl_crystal.density_meas                ? 
_exptl_crystal.density_meas_esd            ? 
_exptl_crystal.density_meas_gt             ? 
_exptl_crystal.density_meas_lt             ? 
_exptl_crystal.density_meas_temp           ? 
_exptl_crystal.density_meas_temp_esd       ? 
_exptl_crystal.density_meas_temp_gt        ? 
_exptl_crystal.density_meas_temp_lt        ? 
_exptl_crystal.pdbx_crystal_image_url      ? 
_exptl_crystal.pdbx_crystal_image_format   ? 
_exptl_crystal.pdbx_mosaicity              ? 
_exptl_crystal.pdbx_mosaicity_esd          ? 
# 
_exptl_crystal_grow.apparatus       ? 
_exptl_crystal_grow.atmosphere      ? 
_exptl_crystal_grow.crystal_id      1 
_exptl_crystal_grow.details         ? 
_exptl_crystal_grow.method          'VAPOR DIFFUSION, HANGING DROP' 
_exptl_crystal_grow.method_ref      ? 
_exptl_crystal_grow.pH              6.5 
_exptl_crystal_grow.pressure        ? 
_exptl_crystal_grow.pressure_esd    ? 
_exptl_crystal_grow.seeding         ? 
_exptl_crystal_grow.seeding_ref     ? 
_exptl_crystal_grow.temp            292 
_exptl_crystal_grow.temp_details    ? 
_exptl_crystal_grow.temp_esd        ? 
_exptl_crystal_grow.time            ? 
_exptl_crystal_grow.pdbx_details    'BIS-TRIS, Polyethylene glycol monomethyl ether 2,000' 
_exptl_crystal_grow.pdbx_pH_range   ? 
# 
_diffrn.ambient_environment    ? 
_diffrn.ambient_temp           100 
_diffrn.ambient_temp_details   ? 
_diffrn.ambient_temp_esd       ? 
_diffrn.crystal_id             1 
_diffrn.crystal_support        ? 
_diffrn.crystal_treatment      ? 
_diffrn.details                ? 
_diffrn.id                     1 
_diffrn.ambient_pressure       ? 
_diffrn.ambient_pressure_esd   ? 
_diffrn.ambient_pressure_gt    ? 
_diffrn.ambient_pressure_lt    ? 
_diffrn.ambient_temp_gt        ? 
_diffrn.ambient_temp_lt        ? 
# 
_diffrn_detector.details                      ? 
_diffrn_detector.detector                     CCD 
_diffrn_detector.diffrn_id                    1 
_diffrn_detector.type                         'ADSC QUANTUM 315' 
_diffrn_detector.area_resol_mean              ? 
_diffrn_detector.dtime                        ? 
_diffrn_detector.pdbx_frames_total            ? 
_diffrn_detector.pdbx_collection_time_total   ? 
_diffrn_detector.pdbx_collection_date         2015-02-21 
# 
_diffrn_radiation.collimation                      ? 
_diffrn_radiation.diffrn_id                        1 
_diffrn_radiation.filter_edge                      ? 
_diffrn_radiation.inhomogeneity                    ? 
_diffrn_radiation.monochromator                    ? 
_diffrn_radiation.polarisn_norm                    ? 
_diffrn_radiation.polarisn_ratio                   ? 
_diffrn_radiation.probe                            ? 
_diffrn_radiation.type                             ? 
_diffrn_radiation.xray_symbol                      ? 
_diffrn_radiation.wavelength_id                    1 
_diffrn_radiation.pdbx_monochromatic_or_laue_m_l   M 
_diffrn_radiation.pdbx_wavelength_list             ? 
_diffrn_radiation.pdbx_wavelength                  ? 
_diffrn_radiation.pdbx_diffrn_protocol             'SINGLE WAVELENGTH' 
_diffrn_radiation.pdbx_analyzer                    ? 
_diffrn_radiation.pdbx_scattering_type             x-ray 
# 
_diffrn_radiation_wavelength.id           1 
_diffrn_radiation_wavelength.wavelength   0.979 
_diffrn_radiation_wavelength.wt           1.0 
# 
_diffrn_source.current                     ? 
_diffrn_source.details                     ? 
_diffrn_source.diffrn_id                   1 
_diffrn_source.power                       ? 
_diffrn_source.size                        ? 
_diffrn_source.source                      SYNCHROTRON 
_diffrn_source.target                      ? 
_diffrn_source.type                        'APS BEAMLINE 24-ID-E' 
_diffrn_source.voltage                     ? 
_diffrn_source.take-off_angle              ? 
_diffrn_source.pdbx_wavelength_list        0.979 
_diffrn_source.pdbx_wavelength             ? 
_diffrn_source.pdbx_synchrotron_beamline   24-ID-E 
_diffrn_source.pdbx_synchrotron_site       APS 
# 
_reflns.B_iso_Wilson_estimate            ? 
_reflns.entry_id                         5CY0 
_reflns.data_reduction_details           ? 
_reflns.data_reduction_method            ? 
_reflns.d_resolution_high                1.93 
_reflns.d_resolution_low                 18.2 
_reflns.details                          ? 
_reflns.limit_h_max                      ? 
_reflns.limit_h_min                      ? 
_reflns.limit_k_max                      ? 
_reflns.limit_k_min                      ? 
_reflns.limit_l_max                      ? 
_reflns.limit_l_min                      ? 
_reflns.number_all                       ? 
_reflns.number_obs                       9391 
_reflns.observed_criterion               ? 
_reflns.observed_criterion_F_max         ? 
_reflns.observed_criterion_F_min         ? 
_reflns.observed_criterion_I_max         ? 
_reflns.observed_criterion_I_min         ? 
_reflns.observed_criterion_sigma_F       ? 
_reflns.observed_criterion_sigma_I       ? 
_reflns.percent_possible_obs             92 
_reflns.R_free_details                   ? 
_reflns.Rmerge_F_all                     ? 
_reflns.Rmerge_F_obs                     ? 
_reflns.Friedel_coverage                 ? 
_reflns.number_gt                        ? 
_reflns.threshold_expression             ? 
_reflns.pdbx_redundancy                  3.3 
_reflns.pdbx_Rmerge_I_obs                0.242 
_reflns.pdbx_Rmerge_I_all                ? 
_reflns.pdbx_Rsym_value                  ? 
_reflns.pdbx_netI_over_av_sigmaI         ? 
_reflns.pdbx_netI_over_sigmaI            4.4 
_reflns.pdbx_res_netI_over_av_sigmaI_2   ? 
_reflns.pdbx_res_netI_over_sigmaI_2      ? 
_reflns.pdbx_chi_squared                 ? 
_reflns.pdbx_scaling_rejects             ? 
_reflns.pdbx_d_res_high_opt              ? 
_reflns.pdbx_d_res_low_opt               ? 
_reflns.pdbx_d_res_opt_method            ? 
_reflns.phase_calculation_details        ? 
_reflns.pdbx_Rrim_I_all                  ? 
_reflns.pdbx_Rpim_I_all                  ? 
_reflns.pdbx_d_opt                       ? 
_reflns.pdbx_number_measured_all         ? 
_reflns.pdbx_diffrn_id                   1 
_reflns.pdbx_ordinal                     1 
_reflns.pdbx_CC_half                     ? 
_reflns.pdbx_R_split                     ? 
# 
_reflns_shell.d_res_high                  1.93 
_reflns_shell.d_res_low                   1.98 
_reflns_shell.meanI_over_sigI_all         ? 
_reflns_shell.meanI_over_sigI_obs         1.5 
_reflns_shell.number_measured_all         ? 
_reflns_shell.number_measured_obs         ? 
_reflns_shell.number_possible             ? 
_reflns_shell.number_unique_all           ? 
_reflns_shell.number_unique_obs           ? 
_reflns_shell.percent_possible_all        92.6 
_reflns_shell.percent_possible_obs        ? 
_reflns_shell.Rmerge_F_all                ? 
_reflns_shell.Rmerge_F_obs                ? 
_reflns_shell.Rmerge_I_all                ? 
_reflns_shell.Rmerge_I_obs                0.635 
_reflns_shell.meanI_over_sigI_gt          ? 
_reflns_shell.meanI_over_uI_all           ? 
_reflns_shell.meanI_over_uI_gt            ? 
_reflns_shell.number_measured_gt          ? 
_reflns_shell.number_unique_gt            ? 
_reflns_shell.percent_possible_gt         ? 
_reflns_shell.Rmerge_F_gt                 ? 
_reflns_shell.Rmerge_I_gt                 ? 
_reflns_shell.pdbx_redundancy             3.1 
_reflns_shell.pdbx_Rsym_value             ? 
_reflns_shell.pdbx_chi_squared            ? 
_reflns_shell.pdbx_netI_over_sigmaI_all   ? 
_reflns_shell.pdbx_netI_over_sigmaI_obs   ? 
_reflns_shell.pdbx_Rrim_I_all             ? 
_reflns_shell.pdbx_Rpim_I_all             ? 
_reflns_shell.pdbx_rejects                ? 
_reflns_shell.pdbx_ordinal                1 
_reflns_shell.pdbx_diffrn_id              1 
_reflns_shell.pdbx_CC_half                ? 
_reflns_shell.pdbx_R_split                ? 
# 
_refine.aniso_B[1][1]                            ? 
_refine.aniso_B[1][2]                            ? 
_refine.aniso_B[1][3]                            ? 
_refine.aniso_B[2][2]                            ? 
_refine.aniso_B[2][3]                            ? 
_refine.aniso_B[3][3]                            ? 
_refine.B_iso_max                                ? 
_refine.B_iso_mean                               ? 
_refine.B_iso_min                                ? 
_refine.correlation_coeff_Fo_to_Fc               ? 
_refine.correlation_coeff_Fo_to_Fc_free          ? 
_refine.details                                  ? 
_refine.diff_density_max                         ? 
_refine.diff_density_max_esd                     ? 
_refine.diff_density_min                         ? 
_refine.diff_density_min_esd                     ? 
_refine.diff_density_rms                         ? 
_refine.diff_density_rms_esd                     ? 
_refine.entry_id                                 5CY0 
_refine.pdbx_refine_id                           'X-RAY DIFFRACTION' 
_refine.ls_abs_structure_details                 ? 
_refine.ls_abs_structure_Flack                   ? 
_refine.ls_abs_structure_Flack_esd               ? 
_refine.ls_abs_structure_Rogers                  ? 
_refine.ls_abs_structure_Rogers_esd              ? 
_refine.ls_d_res_high                            1.930 
_refine.ls_d_res_low                             18.200 
_refine.ls_extinction_coef                       ? 
_refine.ls_extinction_coef_esd                   ? 
_refine.ls_extinction_expression                 ? 
_refine.ls_extinction_method                     ? 
_refine.ls_goodness_of_fit_all                   ? 
_refine.ls_goodness_of_fit_all_esd               ? 
_refine.ls_goodness_of_fit_obs                   ? 
_refine.ls_goodness_of_fit_obs_esd               ? 
_refine.ls_hydrogen_treatment                    ? 
_refine.ls_matrix_type                           ? 
_refine.ls_number_constraints                    ? 
_refine.ls_number_parameters                     ? 
_refine.ls_number_reflns_all                     ? 
_refine.ls_number_reflns_obs                     7934 
_refine.ls_number_reflns_R_free                  382 
_refine.ls_number_reflns_R_work                  ? 
_refine.ls_number_restraints                     ? 
_refine.ls_percent_reflns_obs                    91.43 
_refine.ls_percent_reflns_R_free                 4.81 
_refine.ls_R_factor_all                          ? 
_refine.ls_R_factor_obs                          0.2587 
_refine.ls_R_factor_R_free                       0.3043 
_refine.ls_R_factor_R_free_error                 ? 
_refine.ls_R_factor_R_free_error_details         ? 
_refine.ls_R_factor_R_work                       0.2564 
_refine.ls_R_Fsqd_factor_obs                     ? 
_refine.ls_R_I_factor_obs                        ? 
_refine.ls_redundancy_reflns_all                 ? 
_refine.ls_redundancy_reflns_obs                 ? 
_refine.ls_restrained_S_all                      ? 
_refine.ls_restrained_S_obs                      ? 
_refine.ls_shift_over_esd_max                    ? 
_refine.ls_shift_over_esd_mean                   ? 
_refine.ls_structure_factor_coef                 ? 
_refine.ls_weighting_details                     ? 
_refine.ls_weighting_scheme                      ? 
_refine.ls_wR_factor_all                         ? 
_refine.ls_wR_factor_obs                         ? 
_refine.ls_wR_factor_R_free                      ? 
_refine.ls_wR_factor_R_work                      ? 
_refine.occupancy_max                            ? 
_refine.occupancy_min                            ? 
_refine.solvent_model_details                    'FLAT BULK SOLVENT MODEL' 
_refine.solvent_model_param_bsol                 ? 
_refine.solvent_model_param_ksol                 ? 
_refine.ls_R_factor_gt                           ? 
_refine.ls_goodness_of_fit_gt                    ? 
_refine.ls_goodness_of_fit_ref                   ? 
_refine.ls_shift_over_su_max                     ? 
_refine.ls_shift_over_su_max_lt                  ? 
_refine.ls_shift_over_su_mean                    ? 
_refine.ls_shift_over_su_mean_lt                 ? 
_refine.pdbx_ls_sigma_I                          ? 
_refine.pdbx_ls_sigma_F                          1.34 
_refine.pdbx_ls_sigma_Fsqd                       ? 
_refine.pdbx_data_cutoff_high_absF               ? 
_refine.pdbx_data_cutoff_high_rms_absF           ? 
_refine.pdbx_data_cutoff_low_absF                ? 
_refine.pdbx_isotropic_thermal_model             ? 
_refine.pdbx_ls_cross_valid_method               'FREE R-VALUE' 
_refine.pdbx_method_to_determine_struct          'MOLECULAR REPLACEMENT' 
_refine.pdbx_starting_model                      2ASC 
_refine.pdbx_stereochemistry_target_values       ML 
_refine.pdbx_R_Free_selection_details            ? 
_refine.pdbx_stereochem_target_val_spec_case     ? 
_refine.pdbx_overall_ESU_R                       ? 
_refine.pdbx_overall_ESU_R_Free                  ? 
_refine.pdbx_solvent_vdw_probe_radii             1.11 
_refine.pdbx_solvent_ion_probe_radii             ? 
_refine.pdbx_solvent_shrinkage_radii             0.90 
_refine.pdbx_real_space_R                        ? 
_refine.pdbx_density_correlation                 ? 
_refine.pdbx_pd_number_of_powder_patterns        ? 
_refine.pdbx_pd_number_of_points                 ? 
_refine.pdbx_pd_meas_number_of_points            ? 
_refine.pdbx_pd_proc_ls_prof_R_factor            ? 
_refine.pdbx_pd_proc_ls_prof_wR_factor           ? 
_refine.pdbx_pd_Marquardt_correlation_coeff      ? 
_refine.pdbx_pd_Fsqrd_R_factor                   ? 
_refine.pdbx_pd_ls_matrix_band_width             ? 
_refine.pdbx_overall_phase_error                 29.17 
_refine.pdbx_overall_SU_R_free_Cruickshank_DPI   ? 
_refine.pdbx_overall_SU_R_free_Blow_DPI          ? 
_refine.pdbx_overall_SU_R_Blow_DPI               ? 
_refine.pdbx_TLS_residual_ADP_flag               ? 
_refine.pdbx_diffrn_id                           1 
_refine.overall_SU_B                             ? 
_refine.overall_SU_ML                            0.25 
_refine.overall_SU_R_Cruickshank_DPI             ? 
_refine.overall_SU_R_free                        ? 
_refine.overall_FOM_free_R_set                   ? 
_refine.overall_FOM_work_R_set                   ? 
_refine.pdbx_average_fsc_overall                 ? 
_refine.pdbx_average_fsc_work                    ? 
_refine.pdbx_average_fsc_free                    ? 
# 
_refine_hist.pdbx_refine_id                   'X-RAY DIFFRACTION' 
_refine_hist.cycle_id                         LAST 
_refine_hist.pdbx_number_atoms_protein        498 
_refine_hist.pdbx_number_atoms_nucleic_acid   0 
_refine_hist.pdbx_number_atoms_ligand         18 
_refine_hist.number_atoms_solvent             67 
_refine_hist.number_atoms_total               583 
_refine_hist.d_res_high                       1.930 
_refine_hist.d_res_low                        18.200 
# 
loop_
_refine_ls_restr.pdbx_refine_id 
_refine_ls_restr.criterion 
_refine_ls_restr.dev_ideal 
_refine_ls_restr.dev_ideal_target 
_refine_ls_restr.number 
_refine_ls_restr.rejects 
_refine_ls_restr.type 
_refine_ls_restr.weight 
_refine_ls_restr.pdbx_restraint_function 
'X-RAY DIFFRACTION' ? 0.007  ? 546 ? f_bond_d           ? ? 
'X-RAY DIFFRACTION' ? 0.936  ? 732 ? f_angle_d          ? ? 
'X-RAY DIFFRACTION' ? 12.032 ? 193 ? f_dihedral_angle_d ? ? 
'X-RAY DIFFRACTION' ? 0.035  ? 68  ? f_chiral_restr     ? ? 
'X-RAY DIFFRACTION' ? 0.005  ? 90  ? f_plane_restr      ? ? 
# 
loop_
_refine_ls_shell.pdbx_refine_id 
_refine_ls_shell.d_res_high 
_refine_ls_shell.d_res_low 
_refine_ls_shell.number_reflns_all 
_refine_ls_shell.number_reflns_obs 
_refine_ls_shell.number_reflns_R_free 
_refine_ls_shell.number_reflns_R_work 
_refine_ls_shell.percent_reflns_obs 
_refine_ls_shell.percent_reflns_R_free 
_refine_ls_shell.R_factor_all 
_refine_ls_shell.R_factor_obs 
_refine_ls_shell.R_factor_R_free 
_refine_ls_shell.R_factor_R_free_error 
_refine_ls_shell.R_factor_R_work 
_refine_ls_shell.redundancy_reflns_all 
_refine_ls_shell.redundancy_reflns_obs 
_refine_ls_shell.wR_factor_all 
_refine_ls_shell.wR_factor_obs 
_refine_ls_shell.wR_factor_R_free 
_refine_ls_shell.wR_factor_R_work 
_refine_ls_shell.pdbx_total_number_of_bins_used 
_refine_ls_shell.pdbx_phase_error 
_refine_ls_shell.pdbx_fsc_work 
_refine_ls_shell.pdbx_fsc_free 
'X-RAY DIFFRACTION' 1.9300 2.2089  . . 130 2461 90.00 . . . 0.4120 . 0.3534 . . . . . . . . . . 
'X-RAY DIFFRACTION' 2.2089 2.7813  . . 123 2540 91.00 . . . 0.3157 . 0.3172 . . . . . . . . . . 
'X-RAY DIFFRACTION' 2.7813 18.2009 . . 129 2551 93.00 . . . 0.2724 . 0.2079 . . . . . . . . . . 
# 
_struct.entry_id                     5CY0 
_struct.title                        
;Total Chemical Synthesis, Covalent Structure Verification, and X-ray Structure of Bioactive Ts3 Toxin by Racemic Protein Crystallography
;
_struct.pdbx_model_details           ? 
_struct.pdbx_formula_weight          ? 
_struct.pdbx_formula_weight_method   ? 
_struct.pdbx_model_type_details      ? 
_struct.pdbx_CASP_flag               ? 
# 
_struct_keywords.entry_id        5CY0 
_struct_keywords.text            'Racemic Structure, Nav ligand, central symmetric, TOXIN' 
_struct_keywords.pdbx_keywords   TOXIN 
# 
loop_
_struct_asym.id 
_struct_asym.pdbx_blank_PDB_chainid_flag 
_struct_asym.pdbx_modified 
_struct_asym.entity_id 
_struct_asym.details 
A N N 1 ? 
B N N 2 ? 
C N N 2 ? 
D N N 2 ? 
E N N 3 ? 
# 
_struct_ref.id                         1 
_struct_ref.db_name                    UNP 
_struct_ref.db_code                    SCX3_TITSE 
_struct_ref.pdbx_db_accession          P01496 
_struct_ref.pdbx_db_isoform            ? 
_struct_ref.entity_id                  1 
_struct_ref.pdbx_seq_one_letter_code   KKDGYPVEYDNCAYICWNYDNAYCDKLCKDKKADSGYCYWVHILCYCYGLPDSEPTKTNGKCKS 
_struct_ref.pdbx_align_begin           14 
# 
_struct_ref_seq.align_id                      1 
_struct_ref_seq.ref_id                        1 
_struct_ref_seq.pdbx_PDB_id_code              5CY0 
_struct_ref_seq.pdbx_strand_id                A 
_struct_ref_seq.seq_align_beg                 1 
_struct_ref_seq.pdbx_seq_align_beg_ins_code   ? 
_struct_ref_seq.seq_align_end                 64 
_struct_ref_seq.pdbx_seq_align_end_ins_code   ? 
_struct_ref_seq.pdbx_db_accession             P01496 
_struct_ref_seq.db_align_beg                  14 
_struct_ref_seq.pdbx_db_align_beg_ins_code    ? 
_struct_ref_seq.db_align_end                  77 
_struct_ref_seq.pdbx_db_align_end_ins_code    ? 
_struct_ref_seq.pdbx_auth_seq_align_beg       1 
_struct_ref_seq.pdbx_auth_seq_align_end       64 
# 
_pdbx_struct_assembly.id                   1 
_pdbx_struct_assembly.details              author_and_software_defined_assembly 
_pdbx_struct_assembly.method_details       PISA 
_pdbx_struct_assembly.oligomeric_details   monomeric 
_pdbx_struct_assembly.oligomeric_count     1 
# 
loop_
_pdbx_struct_assembly_prop.biol_id 
_pdbx_struct_assembly_prop.type 
_pdbx_struct_assembly_prop.value 
_pdbx_struct_assembly_prop.details 
1 'ABSA (A^2)' 400  ? 
1 MORE         -1   ? 
1 'SSA (A^2)'  4420 ? 
# 
_pdbx_struct_assembly_gen.assembly_id       1 
_pdbx_struct_assembly_gen.oper_expression   1 
_pdbx_struct_assembly_gen.asym_id_list      A,B,C,D,E 
# 
_pdbx_struct_oper_list.id                   1 
_pdbx_struct_oper_list.type                 'identity operation' 
_pdbx_struct_oper_list.name                 1_555 
_pdbx_struct_oper_list.symmetry_operation   x,y,z 
_pdbx_struct_oper_list.matrix[1][1]         1.0000000000 
_pdbx_struct_oper_list.matrix[1][2]         0.0000000000 
_pdbx_struct_oper_list.matrix[1][3]         0.0000000000 
_pdbx_struct_oper_list.vector[1]            0.0000000000 
_pdbx_struct_oper_list.matrix[2][1]         0.0000000000 
_pdbx_struct_oper_list.matrix[2][2]         1.0000000000 
_pdbx_struct_oper_list.matrix[2][3]         0.0000000000 
_pdbx_struct_oper_list.vector[2]            0.0000000000 
_pdbx_struct_oper_list.matrix[3][1]         0.0000000000 
_pdbx_struct_oper_list.matrix[3][2]         0.0000000000 
_pdbx_struct_oper_list.matrix[3][3]         1.0000000000 
_pdbx_struct_oper_list.vector[3]            0.0000000000 
# 
_struct_conf.conf_type_id            HELX_P 
_struct_conf.id                      HELX_P1 
_struct_conf.pdbx_PDB_helix_id       AA1 
_struct_conf.beg_label_comp_id       ASP 
_struct_conf.beg_label_asym_id       A 
_struct_conf.beg_label_seq_id        20 
_struct_conf.pdbx_beg_PDB_ins_code   ? 
_struct_conf.end_label_comp_id       LYS 
_struct_conf.end_label_asym_id       A 
_struct_conf.end_label_seq_id        31 
_struct_conf.pdbx_end_PDB_ins_code   ? 
_struct_conf.beg_auth_comp_id        ASP 
_struct_conf.beg_auth_asym_id        A 
_struct_conf.beg_auth_seq_id         20 
_struct_conf.end_auth_comp_id        LYS 
_struct_conf.end_auth_asym_id        A 
_struct_conf.end_auth_seq_id         31 
_struct_conf.pdbx_PDB_helix_class    1 
_struct_conf.details                 ? 
_struct_conf.pdbx_PDB_helix_length   12 
# 
_struct_conf_type.id          HELX_P 
_struct_conf_type.criteria    ? 
_struct_conf_type.reference   ? 
# 
loop_
_struct_conn.id 
_struct_conn.conn_type_id 
_struct_conn.pdbx_leaving_atom_flag 
_struct_conn.pdbx_PDB_id 
_struct_conn.ptnr1_label_asym_id 
_struct_conn.ptnr1_label_comp_id 
_struct_conn.ptnr1_label_seq_id 
_struct_conn.ptnr1_label_atom_id 
_struct_conn.pdbx_ptnr1_label_alt_id 
_struct_conn.pdbx_ptnr1_PDB_ins_code 
_struct_conn.pdbx_ptnr1_standard_comp_id 
_struct_conn.ptnr1_symmetry 
_struct_conn.ptnr2_label_asym_id 
_struct_conn.ptnr2_label_comp_id 
_struct_conn.ptnr2_label_seq_id 
_struct_conn.ptnr2_label_atom_id 
_struct_conn.pdbx_ptnr2_label_alt_id 
_struct_conn.pdbx_ptnr2_PDB_ins_code 
_struct_conn.ptnr1_auth_asym_id 
_struct_conn.ptnr1_auth_comp_id 
_struct_conn.ptnr1_auth_seq_id 
_struct_conn.ptnr2_auth_asym_id 
_struct_conn.ptnr2_auth_comp_id 
_struct_conn.ptnr2_auth_seq_id 
_struct_conn.ptnr2_symmetry 
_struct_conn.pdbx_ptnr3_label_atom_id 
_struct_conn.pdbx_ptnr3_label_seq_id 
_struct_conn.pdbx_ptnr3_label_comp_id 
_struct_conn.pdbx_ptnr3_label_asym_id 
_struct_conn.pdbx_ptnr3_label_alt_id 
_struct_conn.pdbx_ptnr3_PDB_ins_code 
_struct_conn.details 
_struct_conn.pdbx_dist_value 
_struct_conn.pdbx_value_order 
_struct_conn.pdbx_role 
disulf1 disulf ? ? A CYS 12 SG ? ? ? 1_555 A CYS 62 SG ? ? A CYS 12 A CYS 62 1_555 ? ? ? ? ? ? ? 2.027 ? ? 
disulf2 disulf ? ? A CYS 16 SG ? ? ? 1_555 A CYS 38 SG ? ? A CYS 16 A CYS 38 1_555 ? ? ? ? ? ? ? 2.057 ? ? 
disulf3 disulf ? ? A CYS 24 SG ? ? ? 1_555 A CYS 45 SG ? ? A CYS 24 A CYS 45 1_555 ? ? ? ? ? ? ? 2.052 ? ? 
disulf4 disulf ? ? A CYS 28 SG ? ? ? 1_555 A CYS 47 SG ? ? A CYS 28 A CYS 47 1_555 ? ? ? ? ? ? ? 2.029 ? ? 
# 
_struct_conn_type.id          disulf 
_struct_conn_type.criteria    ? 
_struct_conn_type.reference   ? 
# 
loop_
_pdbx_modification_feature.ordinal 
_pdbx_modification_feature.label_comp_id 
_pdbx_modification_feature.label_asym_id 
_pdbx_modification_feature.label_seq_id 
_pdbx_modification_feature.label_alt_id 
_pdbx_modification_feature.modified_residue_label_comp_id 
_pdbx_modification_feature.modified_residue_label_asym_id 
_pdbx_modification_feature.modified_residue_label_seq_id 
_pdbx_modification_feature.modified_residue_label_alt_id 
_pdbx_modification_feature.auth_comp_id 
_pdbx_modification_feature.auth_asym_id 
_pdbx_modification_feature.auth_seq_id 
_pdbx_modification_feature.PDB_ins_code 
_pdbx_modification_feature.symmetry 
_pdbx_modification_feature.modified_residue_auth_comp_id 
_pdbx_modification_feature.modified_residue_auth_asym_id 
_pdbx_modification_feature.modified_residue_auth_seq_id 
_pdbx_modification_feature.modified_residue_PDB_ins_code 
_pdbx_modification_feature.modified_residue_symmetry 
_pdbx_modification_feature.comp_id_linking_atom 
_pdbx_modification_feature.modified_residue_id_linking_atom 
_pdbx_modification_feature.modified_residue_id 
_pdbx_modification_feature.ref_pcm_id 
_pdbx_modification_feature.ref_comp_id 
_pdbx_modification_feature.type 
_pdbx_modification_feature.category 
1 CYS A 12 ? CYS A 62 ? CYS A 12 ? 1_555 CYS A 62 ? 1_555 SG SG . . . None 'Disulfide bridge' 
2 CYS A 16 ? CYS A 38 ? CYS A 16 ? 1_555 CYS A 38 ? 1_555 SG SG . . . None 'Disulfide bridge' 
3 CYS A 24 ? CYS A 45 ? CYS A 24 ? 1_555 CYS A 45 ? 1_555 SG SG . . . None 'Disulfide bridge' 
4 CYS A 28 ? CYS A 47 ? CYS A 28 ? 1_555 CYS A 47 ? 1_555 SG SG . . . None 'Disulfide bridge' 
# 
_struct_mon_prot_cis.pdbx_id                1 
_struct_mon_prot_cis.label_comp_id          TYR 
_struct_mon_prot_cis.label_seq_id           9 
_struct_mon_prot_cis.label_asym_id          A 
_struct_mon_prot_cis.label_alt_id           . 
_struct_mon_prot_cis.pdbx_PDB_ins_code      ? 
_struct_mon_prot_cis.auth_comp_id           TYR 
_struct_mon_prot_cis.auth_seq_id            9 
_struct_mon_prot_cis.auth_asym_id           A 
_struct_mon_prot_cis.pdbx_label_comp_id_2   ASP 
_struct_mon_prot_cis.pdbx_label_seq_id_2    10 
_struct_mon_prot_cis.pdbx_label_asym_id_2   A 
_struct_mon_prot_cis.pdbx_PDB_ins_code_2    ? 
_struct_mon_prot_cis.pdbx_auth_comp_id_2    ASP 
_struct_mon_prot_cis.pdbx_auth_seq_id_2     10 
_struct_mon_prot_cis.pdbx_auth_asym_id_2    A 
_struct_mon_prot_cis.pdbx_PDB_model_num     1 
_struct_mon_prot_cis.pdbx_omega_angle       -6.61 
# 
loop_
_struct_sheet.id 
_struct_sheet.type 
_struct_sheet.number_strands 
_struct_sheet.details 
AA1 ? 3 ? 
AA2 ? 2 ? 
# 
loop_
_struct_sheet_order.sheet_id 
_struct_sheet_order.range_id_1 
_struct_sheet_order.range_id_2 
_struct_sheet_order.offset 
_struct_sheet_order.sense 
AA1 1 2 ? anti-parallel 
AA1 2 3 ? anti-parallel 
AA2 1 2 ? anti-parallel 
# 
loop_
_struct_sheet_range.sheet_id 
_struct_sheet_range.id 
_struct_sheet_range.beg_label_comp_id 
_struct_sheet_range.beg_label_asym_id 
_struct_sheet_range.beg_label_seq_id 
_struct_sheet_range.pdbx_beg_PDB_ins_code 
_struct_sheet_range.end_label_comp_id 
_struct_sheet_range.end_label_asym_id 
_struct_sheet_range.end_label_seq_id 
_struct_sheet_range.pdbx_end_PDB_ins_code 
_struct_sheet_range.beg_auth_comp_id 
_struct_sheet_range.beg_auth_asym_id 
_struct_sheet_range.beg_auth_seq_id 
_struct_sheet_range.end_auth_comp_id 
_struct_sheet_range.end_auth_asym_id 
_struct_sheet_range.end_auth_seq_id 
AA1 1 LYS A 2  ? GLY A 4  ? LYS A 2  GLY A 4  
AA1 2 LEU A 44 ? LEU A 50 ? LEU A 44 LEU A 50 
AA1 3 SER A 35 ? TYR A 39 ? SER A 35 TYR A 39 
AA2 1 VAL A 7  ? GLU A 8  ? VAL A 7  GLU A 8  
AA2 2 CYS A 12 ? ALA A 13 ? CYS A 12 ALA A 13 
# 
loop_
_pdbx_struct_sheet_hbond.sheet_id 
_pdbx_struct_sheet_hbond.range_id_1 
_pdbx_struct_sheet_hbond.range_id_2 
_pdbx_struct_sheet_hbond.range_1_label_atom_id 
_pdbx_struct_sheet_hbond.range_1_label_comp_id 
_pdbx_struct_sheet_hbond.range_1_label_asym_id 
_pdbx_struct_sheet_hbond.range_1_label_seq_id 
_pdbx_struct_sheet_hbond.range_1_PDB_ins_code 
_pdbx_struct_sheet_hbond.range_1_auth_atom_id 
_pdbx_struct_sheet_hbond.range_1_auth_comp_id 
_pdbx_struct_sheet_hbond.range_1_auth_asym_id 
_pdbx_struct_sheet_hbond.range_1_auth_seq_id 
_pdbx_struct_sheet_hbond.range_2_label_atom_id 
_pdbx_struct_sheet_hbond.range_2_label_comp_id 
_pdbx_struct_sheet_hbond.range_2_label_asym_id 
_pdbx_struct_sheet_hbond.range_2_label_seq_id 
_pdbx_struct_sheet_hbond.range_2_PDB_ins_code 
_pdbx_struct_sheet_hbond.range_2_auth_atom_id 
_pdbx_struct_sheet_hbond.range_2_auth_comp_id 
_pdbx_struct_sheet_hbond.range_2_auth_asym_id 
_pdbx_struct_sheet_hbond.range_2_auth_seq_id 
AA1 1 2 N GLY A 4  ? N GLY A 4  O CYS A 47 ? O CYS A 47 
AA1 2 3 O TYR A 46 ? O TYR A 46 N TYR A 37 ? N TYR A 37 
AA2 1 2 N GLU A 8  ? N GLU A 8  O CYS A 12 ? O CYS A 12 
# 
loop_
_struct_site.id 
_struct_site.pdbx_evidence_code 
_struct_site.pdbx_auth_asym_id 
_struct_site.pdbx_auth_comp_id 
_struct_site.pdbx_auth_seq_id 
_struct_site.pdbx_auth_ins_code 
_struct_site.pdbx_num_residues 
_struct_site.details 
AC1 Software A GOL 101 ? 6 'binding site for residue GOL A 101' 
AC2 Software A GOL 102 ? 2 'binding site for residue GOL A 102' 
AC3 Software A GOL 103 ? 4 'binding site for residue GOL A 103' 
# 
loop_
_struct_site_gen.id 
_struct_site_gen.site_id 
_struct_site_gen.pdbx_num_res 
_struct_site_gen.label_comp_id 
_struct_site_gen.label_asym_id 
_struct_site_gen.label_seq_id 
_struct_site_gen.pdbx_auth_ins_code 
_struct_site_gen.auth_comp_id 
_struct_site_gen.auth_asym_id 
_struct_site_gen.auth_seq_id 
_struct_site_gen.label_atom_id 
_struct_site_gen.label_alt_id 
_struct_site_gen.symmetry 
_struct_site_gen.details 
1  AC1 6 TYR A 23 ? TYR A 23  . ? 1_555 ? 
2  AC1 6 LYS A 26 ? LYS A 26  . ? 1_555 ? 
3  AC1 6 ASP A 30 ? ASP A 30  . ? 1_555 ? 
4  AC1 6 TYR A 37 ? TYR A 37  . ? 1_455 ? 
5  AC1 6 TYR A 48 ? TYR A 48  . ? 1_455 ? 
6  AC1 6 HOH E .  ? HOH A 202 . ? 1_555 ? 
7  AC2 2 TYR A 19 ? TYR A 19  . ? 1_555 ? 
8  AC2 2 HOH E .  ? HOH A 218 . ? 1_555 ? 
9  AC3 4 GLU A 8  ? GLU A 8   . ? 1_555 ? 
10 AC3 4 TYR A 9  ? TYR A 9   . ? 1_555 ? 
11 AC3 4 LYS A 57 ? LYS A 57  . ? 1_455 ? 
12 AC3 4 THR A 58 ? THR A 58  . ? 1_455 ? 
# 
_pdbx_entry_details.entry_id                   5CY0 
_pdbx_entry_details.compound_details           ? 
_pdbx_entry_details.source_details             ? 
_pdbx_entry_details.nonpolymer_details         ? 
_pdbx_entry_details.sequence_details           ? 
_pdbx_entry_details.has_ligand_of_interest     ? 
_pdbx_entry_details.has_protein_modification   Y 
# 
loop_
_pdbx_validate_close_contact.id 
_pdbx_validate_close_contact.PDB_model_num 
_pdbx_validate_close_contact.auth_atom_id_1 
_pdbx_validate_close_contact.auth_asym_id_1 
_pdbx_validate_close_contact.auth_comp_id_1 
_pdbx_validate_close_contact.auth_seq_id_1 
_pdbx_validate_close_contact.PDB_ins_code_1 
_pdbx_validate_close_contact.label_alt_id_1 
_pdbx_validate_close_contact.auth_atom_id_2 
_pdbx_validate_close_contact.auth_asym_id_2 
_pdbx_validate_close_contact.auth_comp_id_2 
_pdbx_validate_close_contact.auth_seq_id_2 
_pdbx_validate_close_contact.PDB_ins_code_2 
_pdbx_validate_close_contact.label_alt_id_2 
_pdbx_validate_close_contact.dist 
1 1 O  A HOH 205 ? ? O A HOH 211 ? ? 2.14 
2 1 OH A TYR 14  ? ? O A HOH 201 ? ? 2.19 
# 
_pdbx_validate_symm_contact.id                1 
_pdbx_validate_symm_contact.PDB_model_num     1 
_pdbx_validate_symm_contact.auth_atom_id_1    O 
_pdbx_validate_symm_contact.auth_asym_id_1    A 
_pdbx_validate_symm_contact.auth_comp_id_1    HOH 
_pdbx_validate_symm_contact.auth_seq_id_1     212 
_pdbx_validate_symm_contact.PDB_ins_code_1    ? 
_pdbx_validate_symm_contact.label_alt_id_1    ? 
_pdbx_validate_symm_contact.site_symmetry_1   1_555 
_pdbx_validate_symm_contact.auth_atom_id_2    O 
_pdbx_validate_symm_contact.auth_asym_id_2    A 
_pdbx_validate_symm_contact.auth_comp_id_2    HOH 
_pdbx_validate_symm_contact.auth_seq_id_2     244 
_pdbx_validate_symm_contact.PDB_ins_code_2    ? 
_pdbx_validate_symm_contact.label_alt_id_2    ? 
_pdbx_validate_symm_contact.site_symmetry_2   1_655 
_pdbx_validate_symm_contact.dist              2.11 
# 
_pdbx_validate_torsion.id              1 
_pdbx_validate_torsion.PDB_model_num   1 
_pdbx_validate_torsion.auth_comp_id    ASN 
_pdbx_validate_torsion.auth_asym_id    A 
_pdbx_validate_torsion.auth_seq_id     18 
_pdbx_validate_torsion.PDB_ins_code    ? 
_pdbx_validate_torsion.label_alt_id    ? 
_pdbx_validate_torsion.phi             48.52 
_pdbx_validate_torsion.psi             -123.07 
# 
loop_
_pdbx_refine_tls.id 
_pdbx_refine_tls.pdbx_refine_id 
_pdbx_refine_tls.details 
_pdbx_refine_tls.method 
_pdbx_refine_tls.origin_x 
_pdbx_refine_tls.origin_y 
_pdbx_refine_tls.origin_z 
_pdbx_refine_tls.T[1][1] 
_pdbx_refine_tls.T[1][1]_esd 
_pdbx_refine_tls.T[1][2] 
_pdbx_refine_tls.T[1][2]_esd 
_pdbx_refine_tls.T[1][3] 
_pdbx_refine_tls.T[1][3]_esd 
_pdbx_refine_tls.T[2][2] 
_pdbx_refine_tls.T[2][2]_esd 
_pdbx_refine_tls.T[2][3] 
_pdbx_refine_tls.T[2][3]_esd 
_pdbx_refine_tls.T[3][3] 
_pdbx_refine_tls.T[3][3]_esd 
_pdbx_refine_tls.L[1][1] 
_pdbx_refine_tls.L[1][1]_esd 
_pdbx_refine_tls.L[1][2] 
_pdbx_refine_tls.L[1][2]_esd 
_pdbx_refine_tls.L[1][3] 
_pdbx_refine_tls.L[1][3]_esd 
_pdbx_refine_tls.L[2][2] 
_pdbx_refine_tls.L[2][2]_esd 
_pdbx_refine_tls.L[2][3] 
_pdbx_refine_tls.L[2][3]_esd 
_pdbx_refine_tls.L[3][3] 
_pdbx_refine_tls.L[3][3]_esd 
_pdbx_refine_tls.S[1][1] 
_pdbx_refine_tls.S[1][1]_esd 
_pdbx_refine_tls.S[1][2] 
_pdbx_refine_tls.S[1][2]_esd 
_pdbx_refine_tls.S[1][3] 
_pdbx_refine_tls.S[1][3]_esd 
_pdbx_refine_tls.S[2][1] 
_pdbx_refine_tls.S[2][1]_esd 
_pdbx_refine_tls.S[2][2] 
_pdbx_refine_tls.S[2][2]_esd 
_pdbx_refine_tls.S[2][3] 
_pdbx_refine_tls.S[2][3]_esd 
_pdbx_refine_tls.S[3][1] 
_pdbx_refine_tls.S[3][1]_esd 
_pdbx_refine_tls.S[3][2] 
_pdbx_refine_tls.S[3][2]_esd 
_pdbx_refine_tls.S[3][3] 
_pdbx_refine_tls.S[3][3]_esd 
1 'X-RAY DIFFRACTION' ? refined -2.2412 -1.8592 0.6765  0.1533 ? 0.0188  ? -0.0035 ? 0.1596 ? 0.0206  ? 0.1423 ? 7.3659 ? 2.0874  ? 2.4184  ? 7.9863  ? -0.2356 ? 2.4057 ? 0.2231  ? -0.1764 ? -0.5237 ? 0.2261  ? 0.1842  ? -0.1315 ? 0.0186  ? -0.0338 ? -0.2936 ? 
2 'X-RAY DIFFRACTION' ? refined -0.2342 -1.2606 -8.3213 0.3714 ? -0.0748 ? 0.0723  ? 0.4025 ? -0.0366 ? 0.1398 ? 3.0477 ? 3.5683  ? -1.4766 ? 8.5544  ? -2.2978 ? 2.1021 ? -0.3797 ? 0.9493  ? -0.2895 ? -1.3306 ? 0.2385  ? -0.4417 ? 0.0892  ? 0.1444  ? -0.0118 ? 
3 'X-RAY DIFFRACTION' ? refined 3.8098  0.0833  -4.0595 0.1777 ? -0.0286 ? 0.0213  ? 0.2817 ? -0.0376 ? 0.2423 ? 5.7719 ? 0.6860  ? 0.2920  ? 11.1989 ? -1.2262 ? 4.2451 ? -0.0836 ? 0.8209  ? -0.3866 ? -0.7086 ? 0.1151  ? -0.8632 ? -0.0706 ? 0.2097  ? -0.0437 ? 
4 'X-RAY DIFFRACTION' ? refined 3.9423  -6.3962 1.4374  0.1713 ? -0.0080 ? -0.0838 ? 0.1903 ? -0.0565 ? 0.2644 ? 3.0260 ? -3.0576 ? -0.0358 ? 8.9477  ? -2.3132 ? 2.6814 ? 0.1575  ? 0.1596  ? -0.4432 ? -0.0700 ? 0.2164  ? -0.1683 ? 0.2092  ? 0.0542  ? -0.4350 ? 
5 'X-RAY DIFFRACTION' ? refined -1.0308 5.1057  6.0544  0.3264 ? 0.0005  ? -0.0111 ? 0.3065 ? 0.0656  ? 0.2180 ? 5.4222 ? 1.5941  ? -1.5800 ? 8.7598  ? -1.8283 ? 4.0867 ? -0.1047 ? -0.8258 ? -0.1044 ? 1.0944  ? -0.0723 ? -0.1218 ? 0.0483  ? -0.2262 ? 0.1654  ? 
# 
loop_
_pdbx_refine_tls_group.id 
_pdbx_refine_tls_group.pdbx_refine_id 
_pdbx_refine_tls_group.refine_tls_id 
_pdbx_refine_tls_group.beg_label_asym_id 
_pdbx_refine_tls_group.beg_label_seq_id 
_pdbx_refine_tls_group.beg_auth_asym_id 
_pdbx_refine_tls_group.beg_auth_seq_id 
_pdbx_refine_tls_group.end_label_asym_id 
_pdbx_refine_tls_group.end_label_seq_id 
_pdbx_refine_tls_group.end_auth_asym_id 
_pdbx_refine_tls_group.end_auth_seq_id 
_pdbx_refine_tls_group.selection 
_pdbx_refine_tls_group.selection_details 
1 'X-RAY DIFFRACTION' 1 ? ? ? ? ? ? ? ? ? 
;chain 'A' and (resid 1 through 20 )
;
2 'X-RAY DIFFRACTION' 2 ? ? ? ? ? ? ? ? ? 
;chain 'A' and (resid 21 through 30 )
;
3 'X-RAY DIFFRACTION' 3 ? ? ? ? ? ? ? ? ? 
;chain 'A' and (resid 31 through 39 )
;
4 'X-RAY DIFFRACTION' 4 ? ? ? ? ? ? ? ? ? 
;chain 'A' and (resid 40 through 48 )
;
5 'X-RAY DIFFRACTION' 5 ? ? ? ? ? ? ? ? ? 
;chain 'A' and (resid 49 through 63 )
;
# 
_pdbx_unobs_or_zero_occ_residues.id               1 
_pdbx_unobs_or_zero_occ_residues.PDB_model_num    1 
_pdbx_unobs_or_zero_occ_residues.polymer_flag     Y 
_pdbx_unobs_or_zero_occ_residues.occupancy_flag   1 
_pdbx_unobs_or_zero_occ_residues.auth_asym_id     A 
_pdbx_unobs_or_zero_occ_residues.auth_comp_id     SER 
_pdbx_unobs_or_zero_occ_residues.auth_seq_id      64 
_pdbx_unobs_or_zero_occ_residues.PDB_ins_code     ? 
_pdbx_unobs_or_zero_occ_residues.label_asym_id    A 
_pdbx_unobs_or_zero_occ_residues.label_comp_id    SER 
_pdbx_unobs_or_zero_occ_residues.label_seq_id     64 
# 
loop_
_chem_comp_atom.comp_id 
_chem_comp_atom.atom_id 
_chem_comp_atom.type_symbol 
_chem_comp_atom.pdbx_aromatic_flag 
_chem_comp_atom.pdbx_stereo_config 
_chem_comp_atom.pdbx_ordinal 
ALA N    N N N 1   
ALA CA   C N S 2   
ALA C    C N N 3   
ALA O    O N N 4   
ALA CB   C N N 5   
ALA OXT  O N N 6   
ALA H    H N N 7   
ALA H2   H N N 8   
ALA HA   H N N 9   
ALA HB1  H N N 10  
ALA HB2  H N N 11  
ALA HB3  H N N 12  
ALA HXT  H N N 13  
ASN N    N N N 14  
ASN CA   C N S 15  
ASN C    C N N 16  
ASN O    O N N 17  
ASN CB   C N N 18  
ASN CG   C N N 19  
ASN OD1  O N N 20  
ASN ND2  N N N 21  
ASN OXT  O N N 22  
ASN H    H N N 23  
ASN H2   H N N 24  
ASN HA   H N N 25  
ASN HB2  H N N 26  
ASN HB3  H N N 27  
ASN HD21 H N N 28  
ASN HD22 H N N 29  
ASN HXT  H N N 30  
ASP N    N N N 31  
ASP CA   C N S 32  
ASP C    C N N 33  
ASP O    O N N 34  
ASP CB   C N N 35  
ASP CG   C N N 36  
ASP OD1  O N N 37  
ASP OD2  O N N 38  
ASP OXT  O N N 39  
ASP H    H N N 40  
ASP H2   H N N 41  
ASP HA   H N N 42  
ASP HB2  H N N 43  
ASP HB3  H N N 44  
ASP HD2  H N N 45  
ASP HXT  H N N 46  
CYS N    N N N 47  
CYS CA   C N R 48  
CYS C    C N N 49  
CYS O    O N N 50  
CYS CB   C N N 51  
CYS SG   S N N 52  
CYS OXT  O N N 53  
CYS H    H N N 54  
CYS H2   H N N 55  
CYS HA   H N N 56  
CYS HB2  H N N 57  
CYS HB3  H N N 58  
CYS HG   H N N 59  
CYS HXT  H N N 60  
GLU N    N N N 61  
GLU CA   C N S 62  
GLU C    C N N 63  
GLU O    O N N 64  
GLU CB   C N N 65  
GLU CG   C N N 66  
GLU CD   C N N 67  
GLU OE1  O N N 68  
GLU OE2  O N N 69  
GLU OXT  O N N 70  
GLU H    H N N 71  
GLU H2   H N N 72  
GLU HA   H N N 73  
GLU HB2  H N N 74  
GLU HB3  H N N 75  
GLU HG2  H N N 76  
GLU HG3  H N N 77  
GLU HE2  H N N 78  
GLU HXT  H N N 79  
GLY N    N N N 80  
GLY CA   C N N 81  
GLY C    C N N 82  
GLY O    O N N 83  
GLY OXT  O N N 84  
GLY H    H N N 85  
GLY H2   H N N 86  
GLY HA2  H N N 87  
GLY HA3  H N N 88  
GLY HXT  H N N 89  
GOL C1   C N N 90  
GOL O1   O N N 91  
GOL C2   C N N 92  
GOL O2   O N N 93  
GOL C3   C N N 94  
GOL O3   O N N 95  
GOL H11  H N N 96  
GOL H12  H N N 97  
GOL HO1  H N N 98  
GOL H2   H N N 99  
GOL HO2  H N N 100 
GOL H31  H N N 101 
GOL H32  H N N 102 
GOL HO3  H N N 103 
HIS N    N N N 104 
HIS CA   C N S 105 
HIS C    C N N 106 
HIS O    O N N 107 
HIS CB   C N N 108 
HIS CG   C Y N 109 
HIS ND1  N Y N 110 
HIS CD2  C Y N 111 
HIS CE1  C Y N 112 
HIS NE2  N Y N 113 
HIS OXT  O N N 114 
HIS H    H N N 115 
HIS H2   H N N 116 
HIS HA   H N N 117 
HIS HB2  H N N 118 
HIS HB3  H N N 119 
HIS HD1  H N N 120 
HIS HD2  H N N 121 
HIS HE1  H N N 122 
HIS HE2  H N N 123 
HIS HXT  H N N 124 
HOH O    O N N 125 
HOH H1   H N N 126 
HOH H2   H N N 127 
ILE N    N N N 128 
ILE CA   C N S 129 
ILE C    C N N 130 
ILE O    O N N 131 
ILE CB   C N S 132 
ILE CG1  C N N 133 
ILE CG2  C N N 134 
ILE CD1  C N N 135 
ILE OXT  O N N 136 
ILE H    H N N 137 
ILE H2   H N N 138 
ILE HA   H N N 139 
ILE HB   H N N 140 
ILE HG12 H N N 141 
ILE HG13 H N N 142 
ILE HG21 H N N 143 
ILE HG22 H N N 144 
ILE HG23 H N N 145 
ILE HD11 H N N 146 
ILE HD12 H N N 147 
ILE HD13 H N N 148 
ILE HXT  H N N 149 
LEU N    N N N 150 
LEU CA   C N S 151 
LEU C    C N N 152 
LEU O    O N N 153 
LEU CB   C N N 154 
LEU CG   C N N 155 
LEU CD1  C N N 156 
LEU CD2  C N N 157 
LEU OXT  O N N 158 
LEU H    H N N 159 
LEU H2   H N N 160 
LEU HA   H N N 161 
LEU HB2  H N N 162 
LEU HB3  H N N 163 
LEU HG   H N N 164 
LEU HD11 H N N 165 
LEU HD12 H N N 166 
LEU HD13 H N N 167 
LEU HD21 H N N 168 
LEU HD22 H N N 169 
LEU HD23 H N N 170 
LEU HXT  H N N 171 
LYS N    N N N 172 
LYS CA   C N S 173 
LYS C    C N N 174 
LYS O    O N N 175 
LYS CB   C N N 176 
LYS CG   C N N 177 
LYS CD   C N N 178 
LYS CE   C N N 179 
LYS NZ   N N N 180 
LYS OXT  O N N 181 
LYS H    H N N 182 
LYS H2   H N N 183 
LYS HA   H N N 184 
LYS HB2  H N N 185 
LYS HB3  H N N 186 
LYS HG2  H N N 187 
LYS HG3  H N N 188 
LYS HD2  H N N 189 
LYS HD3  H N N 190 
LYS HE2  H N N 191 
LYS HE3  H N N 192 
LYS HZ1  H N N 193 
LYS HZ2  H N N 194 
LYS HZ3  H N N 195 
LYS HXT  H N N 196 
PRO N    N N N 197 
PRO CA   C N S 198 
PRO C    C N N 199 
PRO O    O N N 200 
PRO CB   C N N 201 
PRO CG   C N N 202 
PRO CD   C N N 203 
PRO OXT  O N N 204 
PRO H    H N N 205 
PRO HA   H N N 206 
PRO HB2  H N N 207 
PRO HB3  H N N 208 
PRO HG2  H N N 209 
PRO HG3  H N N 210 
PRO HD2  H N N 211 
PRO HD3  H N N 212 
PRO HXT  H N N 213 
SER N    N N N 214 
SER CA   C N S 215 
SER C    C N N 216 
SER O    O N N 217 
SER CB   C N N 218 
SER OG   O N N 219 
SER OXT  O N N 220 
SER H    H N N 221 
SER H2   H N N 222 
SER HA   H N N 223 
SER HB2  H N N 224 
SER HB3  H N N 225 
SER HG   H N N 226 
SER HXT  H N N 227 
THR N    N N N 228 
THR CA   C N S 229 
THR C    C N N 230 
THR O    O N N 231 
THR CB   C N R 232 
THR OG1  O N N 233 
THR CG2  C N N 234 
THR OXT  O N N 235 
THR H    H N N 236 
THR H2   H N N 237 
THR HA   H N N 238 
THR HB   H N N 239 
THR HG1  H N N 240 
THR HG21 H N N 241 
THR HG22 H N N 242 
THR HG23 H N N 243 
THR HXT  H N N 244 
TRP N    N N N 245 
TRP CA   C N S 246 
TRP C    C N N 247 
TRP O    O N N 248 
TRP CB   C N N 249 
TRP CG   C Y N 250 
TRP CD1  C Y N 251 
TRP CD2  C Y N 252 
TRP NE1  N Y N 253 
TRP CE2  C Y N 254 
TRP CE3  C Y N 255 
TRP CZ2  C Y N 256 
TRP CZ3  C Y N 257 
TRP CH2  C Y N 258 
TRP OXT  O N N 259 
TRP H    H N N 260 
TRP H2   H N N 261 
TRP HA   H N N 262 
TRP HB2  H N N 263 
TRP HB3  H N N 264 
TRP HD1  H N N 265 
TRP HE1  H N N 266 
TRP HE3  H N N 267 
TRP HZ2  H N N 268 
TRP HZ3  H N N 269 
TRP HH2  H N N 270 
TRP HXT  H N N 271 
TYR N    N N N 272 
TYR CA   C N S 273 
TYR C    C N N 274 
TYR O    O N N 275 
TYR CB   C N N 276 
TYR CG   C Y N 277 
TYR CD1  C Y N 278 
TYR CD2  C Y N 279 
TYR CE1  C Y N 280 
TYR CE2  C Y N 281 
TYR CZ   C Y N 282 
TYR OH   O N N 283 
TYR OXT  O N N 284 
TYR H    H N N 285 
TYR H2   H N N 286 
TYR HA   H N N 287 
TYR HB2  H N N 288 
TYR HB3  H N N 289 
TYR HD1  H N N 290 
TYR HD2  H N N 291 
TYR HE1  H N N 292 
TYR HE2  H N N 293 
TYR HH   H N N 294 
TYR HXT  H N N 295 
VAL N    N N N 296 
VAL CA   C N S 297 
VAL C    C N N 298 
VAL O    O N N 299 
VAL CB   C N N 300 
VAL CG1  C N N 301 
VAL CG2  C N N 302 
VAL OXT  O N N 303 
VAL H    H N N 304 
VAL H2   H N N 305 
VAL HA   H N N 306 
VAL HB   H N N 307 
VAL HG11 H N N 308 
VAL HG12 H N N 309 
VAL HG13 H N N 310 
VAL HG21 H N N 311 
VAL HG22 H N N 312 
VAL HG23 H N N 313 
VAL HXT  H N N 314 
# 
loop_
_chem_comp_bond.comp_id 
_chem_comp_bond.atom_id_1 
_chem_comp_bond.atom_id_2 
_chem_comp_bond.value_order 
_chem_comp_bond.pdbx_aromatic_flag 
_chem_comp_bond.pdbx_stereo_config 
_chem_comp_bond.pdbx_ordinal 
ALA N   CA   sing N N 1   
ALA N   H    sing N N 2   
ALA N   H2   sing N N 3   
ALA CA  C    sing N N 4   
ALA CA  CB   sing N N 5   
ALA CA  HA   sing N N 6   
ALA C   O    doub N N 7   
ALA C   OXT  sing N N 8   
ALA CB  HB1  sing N N 9   
ALA CB  HB2  sing N N 10  
ALA CB  HB3  sing N N 11  
ALA OXT HXT  sing N N 12  
ASN N   CA   sing N N 13  
ASN N   H    sing N N 14  
ASN N   H2   sing N N 15  
ASN CA  C    sing N N 16  
ASN CA  CB   sing N N 17  
ASN CA  HA   sing N N 18  
ASN C   O    doub N N 19  
ASN C   OXT  sing N N 20  
ASN CB  CG   sing N N 21  
ASN CB  HB2  sing N N 22  
ASN CB  HB3  sing N N 23  
ASN CG  OD1  doub N N 24  
ASN CG  ND2  sing N N 25  
ASN ND2 HD21 sing N N 26  
ASN ND2 HD22 sing N N 27  
ASN OXT HXT  sing N N 28  
ASP N   CA   sing N N 29  
ASP N   H    sing N N 30  
ASP N   H2   sing N N 31  
ASP CA  C    sing N N 32  
ASP CA  CB   sing N N 33  
ASP CA  HA   sing N N 34  
ASP C   O    doub N N 35  
ASP C   OXT  sing N N 36  
ASP CB  CG   sing N N 37  
ASP CB  HB2  sing N N 38  
ASP CB  HB3  sing N N 39  
ASP CG  OD1  doub N N 40  
ASP CG  OD2  sing N N 41  
ASP OD2 HD2  sing N N 42  
ASP OXT HXT  sing N N 43  
CYS N   CA   sing N N 44  
CYS N   H    sing N N 45  
CYS N   H2   sing N N 46  
CYS CA  C    sing N N 47  
CYS CA  CB   sing N N 48  
CYS CA  HA   sing N N 49  
CYS C   O    doub N N 50  
CYS C   OXT  sing N N 51  
CYS CB  SG   sing N N 52  
CYS CB  HB2  sing N N 53  
CYS CB  HB3  sing N N 54  
CYS SG  HG   sing N N 55  
CYS OXT HXT  sing N N 56  
GLU N   CA   sing N N 57  
GLU N   H    sing N N 58  
GLU N   H2   sing N N 59  
GLU CA  C    sing N N 60  
GLU CA  CB   sing N N 61  
GLU CA  HA   sing N N 62  
GLU C   O    doub N N 63  
GLU C   OXT  sing N N 64  
GLU CB  CG   sing N N 65  
GLU CB  HB2  sing N N 66  
GLU CB  HB3  sing N N 67  
GLU CG  CD   sing N N 68  
GLU CG  HG2  sing N N 69  
GLU CG  HG3  sing N N 70  
GLU CD  OE1  doub N N 71  
GLU CD  OE2  sing N N 72  
GLU OE2 HE2  sing N N 73  
GLU OXT HXT  sing N N 74  
GLY N   CA   sing N N 75  
GLY N   H    sing N N 76  
GLY N   H2   sing N N 77  
GLY CA  C    sing N N 78  
GLY CA  HA2  sing N N 79  
GLY CA  HA3  sing N N 80  
GLY C   O    doub N N 81  
GLY C   OXT  sing N N 82  
GLY OXT HXT  sing N N 83  
GOL C1  O1   sing N N 84  
GOL C1  C2   sing N N 85  
GOL C1  H11  sing N N 86  
GOL C1  H12  sing N N 87  
GOL O1  HO1  sing N N 88  
GOL C2  O2   sing N N 89  
GOL C2  C3   sing N N 90  
GOL C2  H2   sing N N 91  
GOL O2  HO2  sing N N 92  
GOL C3  O3   sing N N 93  
GOL C3  H31  sing N N 94  
GOL C3  H32  sing N N 95  
GOL O3  HO3  sing N N 96  
HIS N   CA   sing N N 97  
HIS N   H    sing N N 98  
HIS N   H2   sing N N 99  
HIS CA  C    sing N N 100 
HIS CA  CB   sing N N 101 
HIS CA  HA   sing N N 102 
HIS C   O    doub N N 103 
HIS C   OXT  sing N N 104 
HIS CB  CG   sing N N 105 
HIS CB  HB2  sing N N 106 
HIS CB  HB3  sing N N 107 
HIS CG  ND1  sing Y N 108 
HIS CG  CD2  doub Y N 109 
HIS ND1 CE1  doub Y N 110 
HIS ND1 HD1  sing N N 111 
HIS CD2 NE2  sing Y N 112 
HIS CD2 HD2  sing N N 113 
HIS CE1 NE2  sing Y N 114 
HIS CE1 HE1  sing N N 115 
HIS NE2 HE2  sing N N 116 
HIS OXT HXT  sing N N 117 
HOH O   H1   sing N N 118 
HOH O   H2   sing N N 119 
ILE N   CA   sing N N 120 
ILE N   H    sing N N 121 
ILE N   H2   sing N N 122 
ILE CA  C    sing N N 123 
ILE CA  CB   sing N N 124 
ILE CA  HA   sing N N 125 
ILE C   O    doub N N 126 
ILE C   OXT  sing N N 127 
ILE CB  CG1  sing N N 128 
ILE CB  CG2  sing N N 129 
ILE CB  HB   sing N N 130 
ILE CG1 CD1  sing N N 131 
ILE CG1 HG12 sing N N 132 
ILE CG1 HG13 sing N N 133 
ILE CG2 HG21 sing N N 134 
ILE CG2 HG22 sing N N 135 
ILE CG2 HG23 sing N N 136 
ILE CD1 HD11 sing N N 137 
ILE CD1 HD12 sing N N 138 
ILE CD1 HD13 sing N N 139 
ILE OXT HXT  sing N N 140 
LEU N   CA   sing N N 141 
LEU N   H    sing N N 142 
LEU N   H2   sing N N 143 
LEU CA  C    sing N N 144 
LEU CA  CB   sing N N 145 
LEU CA  HA   sing N N 146 
LEU C   O    doub N N 147 
LEU C   OXT  sing N N 148 
LEU CB  CG   sing N N 149 
LEU CB  HB2  sing N N 150 
LEU CB  HB3  sing N N 151 
LEU CG  CD1  sing N N 152 
LEU CG  CD2  sing N N 153 
LEU CG  HG   sing N N 154 
LEU CD1 HD11 sing N N 155 
LEU CD1 HD12 sing N N 156 
LEU CD1 HD13 sing N N 157 
LEU CD2 HD21 sing N N 158 
LEU CD2 HD22 sing N N 159 
LEU CD2 HD23 sing N N 160 
LEU OXT HXT  sing N N 161 
LYS N   CA   sing N N 162 
LYS N   H    sing N N 163 
LYS N   H2   sing N N 164 
LYS CA  C    sing N N 165 
LYS CA  CB   sing N N 166 
LYS CA  HA   sing N N 167 
LYS C   O    doub N N 168 
LYS C   OXT  sing N N 169 
LYS CB  CG   sing N N 170 
LYS CB  HB2  sing N N 171 
LYS CB  HB3  sing N N 172 
LYS CG  CD   sing N N 173 
LYS CG  HG2  sing N N 174 
LYS CG  HG3  sing N N 175 
LYS CD  CE   sing N N 176 
LYS CD  HD2  sing N N 177 
LYS CD  HD3  sing N N 178 
LYS CE  NZ   sing N N 179 
LYS CE  HE2  sing N N 180 
LYS CE  HE3  sing N N 181 
LYS NZ  HZ1  sing N N 182 
LYS NZ  HZ2  sing N N 183 
LYS NZ  HZ3  sing N N 184 
LYS OXT HXT  sing N N 185 
PRO N   CA   sing N N 186 
PRO N   CD   sing N N 187 
PRO N   H    sing N N 188 
PRO CA  C    sing N N 189 
PRO CA  CB   sing N N 190 
PRO CA  HA   sing N N 191 
PRO C   O    doub N N 192 
PRO C   OXT  sing N N 193 
PRO CB  CG   sing N N 194 
PRO CB  HB2  sing N N 195 
PRO CB  HB3  sing N N 196 
PRO CG  CD   sing N N 197 
PRO CG  HG2  sing N N 198 
PRO CG  HG3  sing N N 199 
PRO CD  HD2  sing N N 200 
PRO CD  HD3  sing N N 201 
PRO OXT HXT  sing N N 202 
SER N   CA   sing N N 203 
SER N   H    sing N N 204 
SER N   H2   sing N N 205 
SER CA  C    sing N N 206 
SER CA  CB   sing N N 207 
SER CA  HA   sing N N 208 
SER C   O    doub N N 209 
SER C   OXT  sing N N 210 
SER CB  OG   sing N N 211 
SER CB  HB2  sing N N 212 
SER CB  HB3  sing N N 213 
SER OG  HG   sing N N 214 
SER OXT HXT  sing N N 215 
THR N   CA   sing N N 216 
THR N   H    sing N N 217 
THR N   H2   sing N N 218 
THR CA  C    sing N N 219 
THR CA  CB   sing N N 220 
THR CA  HA   sing N N 221 
THR C   O    doub N N 222 
THR C   OXT  sing N N 223 
THR CB  OG1  sing N N 224 
THR CB  CG2  sing N N 225 
THR CB  HB   sing N N 226 
THR OG1 HG1  sing N N 227 
THR CG2 HG21 sing N N 228 
THR CG2 HG22 sing N N 229 
THR CG2 HG23 sing N N 230 
THR OXT HXT  sing N N 231 
TRP N   CA   sing N N 232 
TRP N   H    sing N N 233 
TRP N   H2   sing N N 234 
TRP CA  C    sing N N 235 
TRP CA  CB   sing N N 236 
TRP CA  HA   sing N N 237 
TRP C   O    doub N N 238 
TRP C   OXT  sing N N 239 
TRP CB  CG   sing N N 240 
TRP CB  HB2  sing N N 241 
TRP CB  HB3  sing N N 242 
TRP CG  CD1  doub Y N 243 
TRP CG  CD2  sing Y N 244 
TRP CD1 NE1  sing Y N 245 
TRP CD1 HD1  sing N N 246 
TRP CD2 CE2  doub Y N 247 
TRP CD2 CE3  sing Y N 248 
TRP NE1 CE2  sing Y N 249 
TRP NE1 HE1  sing N N 250 
TRP CE2 CZ2  sing Y N 251 
TRP CE3 CZ3  doub Y N 252 
TRP CE3 HE3  sing N N 253 
TRP CZ2 CH2  doub Y N 254 
TRP CZ2 HZ2  sing N N 255 
TRP CZ3 CH2  sing Y N 256 
TRP CZ3 HZ3  sing N N 257 
TRP CH2 HH2  sing N N 258 
TRP OXT HXT  sing N N 259 
TYR N   CA   sing N N 260 
TYR N   H    sing N N 261 
TYR N   H2   sing N N 262 
TYR CA  C    sing N N 263 
TYR CA  CB   sing N N 264 
TYR CA  HA   sing N N 265 
TYR C   O    doub N N 266 
TYR C   OXT  sing N N 267 
TYR CB  CG   sing N N 268 
TYR CB  HB2  sing N N 269 
TYR CB  HB3  sing N N 270 
TYR CG  CD1  doub Y N 271 
TYR CG  CD2  sing Y N 272 
TYR CD1 CE1  sing Y N 273 
TYR CD1 HD1  sing N N 274 
TYR CD2 CE2  doub Y N 275 
TYR CD2 HD2  sing N N 276 
TYR CE1 CZ   doub Y N 277 
TYR CE1 HE1  sing N N 278 
TYR CE2 CZ   sing Y N 279 
TYR CE2 HE2  sing N N 280 
TYR CZ  OH   sing N N 281 
TYR OH  HH   sing N N 282 
TYR OXT HXT  sing N N 283 
VAL N   CA   sing N N 284 
VAL N   H    sing N N 285 
VAL N   H2   sing N N 286 
VAL CA  C    sing N N 287 
VAL CA  CB   sing N N 288 
VAL CA  HA   sing N N 289 
VAL C   O    doub N N 290 
VAL C   OXT  sing N N 291 
VAL CB  CG1  sing N N 292 
VAL CB  CG2  sing N N 293 
VAL CB  HB   sing N N 294 
VAL CG1 HG11 sing N N 295 
VAL CG1 HG12 sing N N 296 
VAL CG1 HG13 sing N N 297 
VAL CG2 HG21 sing N N 298 
VAL CG2 HG22 sing N N 299 
VAL CG2 HG23 sing N N 300 
VAL OXT HXT  sing N N 301 
# 
loop_
_pdbx_audit_support.funding_organization 
_pdbx_audit_support.country 
_pdbx_audit_support.grant_number 
_pdbx_audit_support.ordinal 
'National Institutes of Health/National Institute of General Medical Sciences (NIH/NIGMS)' 'United States' 'U54 GM087519'  1 
'National Institutes of Health/National Institute of General Medical Sciences (NIH/NIGMS)' 'United States' 'R01- GM030376' 2 
'American Heart Association'                                                               'United States' 13POST14800031  3 
'National Institutes of Health/National Institute of General Medical Sciences (NIH/NIGMS)' 'United States' 'P41 GM103403'  4 
# 
_pdbx_initial_refinement_model.id               1 
_pdbx_initial_refinement_model.entity_id_list   ? 
_pdbx_initial_refinement_model.type             'experimental model' 
_pdbx_initial_refinement_model.source_name      PDB 
_pdbx_initial_refinement_model.accession_code   2ASC 
_pdbx_initial_refinement_model.details          ? 
# 
_atom_sites.entry_id                    5CY0 
_atom_sites.fract_transf_matrix[1][1]   0.04983887 
_atom_sites.fract_transf_matrix[1][2]   -0.00923773 
_atom_sites.fract_transf_matrix[1][3]   0.01335029 
_atom_sites.fract_transf_matrix[2][1]   0.01531933 
_atom_sites.fract_transf_matrix[2][2]   0.02132231 
_atom_sites.fract_transf_matrix[2][3]   -0.02151346 
_atom_sites.fract_transf_matrix[3][1]   0.00118933 
_atom_sites.fract_transf_matrix[3][2]   0.01616680 
_atom_sites.fract_transf_matrix[3][3]   0.01075538 
_atom_sites.fract_transf_vector[1]      0.272874 
_atom_sites.fract_transf_vector[2]      0.284026 
_atom_sites.fract_transf_vector[3]      0.273883 
# 
loop_
_atom_type.symbol 
C 
N 
O 
S 
# 
loop_
_atom_site.group_PDB 
_atom_site.id 
_atom_site.type_symbol 
_atom_site.label_atom_id 
_atom_site.label_alt_id 
_atom_site.label_comp_id 
_atom_site.label_asym_id 
_atom_site.label_entity_id 
_atom_site.label_seq_id 
_atom_site.pdbx_PDB_ins_code 
_atom_site.Cartn_x 
_atom_site.Cartn_y 
_atom_site.Cartn_z 
_atom_site.occupancy 
_atom_site.B_iso_or_equiv 
_atom_site.pdbx_formal_charge 
_atom_site.auth_seq_id 
_atom_site.auth_comp_id 
_atom_site.auth_asym_id 
_atom_site.auth_atom_id 
_atom_site.pdbx_PDB_model_num 
ATOM   1   N N   . LYS A 1 1  ? 8.209   12.842  -0.042  1.00 26.53 ? 1   LYS A N   1 
ATOM   2   C CA  . LYS A 1 1  ? 7.847   11.485  -0.449  1.00 24.28 ? 1   LYS A CA  1 
ATOM   3   C C   . LYS A 1 1  ? 7.986   10.508  0.709   1.00 23.20 ? 1   LYS A C   1 
ATOM   4   O O   . LYS A 1 1  ? 8.739   10.755  1.659   1.00 24.67 ? 1   LYS A O   1 
ATOM   5   C CB  . LYS A 1 1  ? 8.710   11.024  -1.627  1.00 37.60 ? 1   LYS A CB  1 
ATOM   6   C CG  . LYS A 1 1  ? 8.429   11.777  -2.918  1.00 49.53 ? 1   LYS A CG  1 
ATOM   7   C CD  . LYS A 1 1  ? 9.463   11.477  -3.986  1.00 56.99 ? 1   LYS A CD  1 
ATOM   8   C CE  . LYS A 1 1  ? 9.217   10.130  -4.644  1.00 54.81 ? 1   LYS A CE  1 
ATOM   9   N NZ  . LYS A 1 1  ? 10.224  9.865   -5.711  1.00 60.87 ? 1   LYS A NZ  1 
ATOM   10  N N   . LYS A 1 2  ? 7.260   9.392   0.630   1.00 21.09 ? 2   LYS A N   1 
ATOM   11  C CA  . LYS A 1 2  ? 7.374   8.361   1.645   1.00 21.06 ? 2   LYS A CA  1 
ATOM   12  C C   . LYS A 1 2  ? 7.055   6.983   1.092   1.00 21.54 ? 2   LYS A C   1 
ATOM   13  O O   . LYS A 1 2  ? 6.377   6.842   0.068   1.00 18.79 ? 2   LYS A O   1 
ATOM   14  C CB  . LYS A 1 2  ? 6.461   8.658   2.831   1.00 20.16 ? 2   LYS A CB  1 
ATOM   15  C CG  . LYS A 1 2  ? 5.002   8.850   2.475   1.00 20.74 ? 2   LYS A CG  1 
ATOM   16  C CD  . LYS A 1 2  ? 4.180   9.030   3.740   1.00 26.81 ? 2   LYS A CD  1 
ATOM   17  C CE  . LYS A 1 2  ? 2.705   9.222   3.415   1.00 19.29 ? 2   LYS A CE  1 
ATOM   18  N NZ  . LYS A 1 2  ? 1.819   9.276   4.621   1.00 19.29 ? 2   LYS A NZ  1 
ATOM   19  N N   . ASP A 1 3  ? 7.569   5.973   1.782   1.00 19.38 ? 3   ASP A N   1 
ATOM   20  C CA  . ASP A 1 3  ? 7.243   4.585   1.473   1.00 18.42 ? 3   ASP A CA  1 
ATOM   21  C C   . ASP A 1 3  ? 6.331   4.025   2.555   1.00 21.13 ? 3   ASP A C   1 
ATOM   22  O O   . ASP A 1 3  ? 6.492   4.354   3.731   1.00 18.54 ? 3   ASP A O   1 
ATOM   23  C CB  . ASP A 1 3  ? 8.515   3.738   1.382   1.00 20.28 ? 3   ASP A CB  1 
ATOM   24  C CG  . ASP A 1 3  ? 9.563   4.341   0.459   1.00 23.45 ? 3   ASP A CG  1 
ATOM   25  O OD1 . ASP A 1 3  ? 9.200   5.036   -0.518  1.00 24.28 ? 3   ASP A OD1 1 
ATOM   26  O OD2 . ASP A 1 3  ? 10.762  4.108   0.718   1.00 35.00 ? 3   ASP A OD2 1 
ATOM   27  N N   . GLY A 1 4  ? 5.388   3.161   2.180   1.00 16.99 ? 4   GLY A N   1 
ATOM   28  C CA  . GLY A 1 4  ? 4.551   2.544   3.188   1.00 15.84 ? 4   GLY A CA  1 
ATOM   29  C C   . GLY A 1 4  ? 3.337   1.837   2.620   1.00 14.40 ? 4   GLY A C   1 
ATOM   30  O O   . GLY A 1 4  ? 3.141   1.777   1.406   1.00 15.78 ? 4   GLY A O   1 
ATOM   31  N N   . TYR A 1 5  ? 2.523   1.296   3.515   1.00 14.55 ? 5   TYR A N   1 
ATOM   32  C CA  . TYR A 1 5  ? 1.260   0.683   3.118   1.00 13.59 ? 5   TYR A CA  1 
ATOM   33  C C   . TYR A 1 5  ? 0.193   1.776   3.007   1.00 12.96 ? 5   TYR A C   1 
ATOM   34  O O   . TYR A 1 5  ? -0.144  2.379   4.011   1.00 13.92 ? 5   TYR A O   1 
ATOM   35  C CB  . TYR A 1 5  ? 0.824   -0.371  4.138   1.00 14.68 ? 5   TYR A CB  1 
ATOM   36  C CG  . TYR A 1 5  ? 1.857   -1.445  4.473   1.00 16.08 ? 5   TYR A CG  1 
ATOM   37  C CD1 . TYR A 1 5  ? 1.896   -2.648  3.773   1.00 16.15 ? 5   TYR A CD1 1 
ATOM   38  C CD2 . TYR A 1 5  ? 2.760   -1.270  5.514   1.00 17.89 ? 5   TYR A CD2 1 
ATOM   39  C CE1 . TYR A 1 5  ? 2.825   -3.635  4.082   1.00 18.00 ? 5   TYR A CE1 1 
ATOM   40  C CE2 . TYR A 1 5  ? 3.698   -2.262  5.836   1.00 19.73 ? 5   TYR A CE2 1 
ATOM   41  C CZ  . TYR A 1 5  ? 3.719   -3.439  5.112   1.00 19.78 ? 5   TYR A CZ  1 
ATOM   42  O OH  . TYR A 1 5  ? 4.637   -4.427  5.423   1.00 22.14 ? 5   TYR A OH  1 
ATOM   43  N N   . PRO A 1 6  ? -0.326  2.039   1.794   1.00 11.96 ? 6   PRO A N   1 
ATOM   44  C CA  . PRO A 1 6  ? -1.442  2.990   1.681   1.00 13.85 ? 6   PRO A CA  1 
ATOM   45  C C   . PRO A 1 6  ? -2.672  2.451   2.389   1.00 15.69 ? 6   PRO A C   1 
ATOM   46  O O   . PRO A 1 6  ? -2.834  1.233   2.473   1.00 17.54 ? 6   PRO A O   1 
ATOM   47  C CB  . PRO A 1 6  ? -1.689  3.084   0.174   1.00 14.06 ? 6   PRO A CB  1 
ATOM   48  C CG  . PRO A 1 6  ? -1.249  1.760   -0.345  1.00 15.64 ? 6   PRO A CG  1 
ATOM   49  C CD  . PRO A 1 6  ? -0.042  1.374   0.510   1.00 16.93 ? 6   PRO A CD  1 
ATOM   50  N N   . VAL A 1 7  ? -3.529  3.335   2.890   1.00 13.33 ? 7   VAL A N   1 
ATOM   51  C CA  . VAL A 1 7  ? -4.695  2.884   3.632   1.00 14.55 ? 7   VAL A CA  1 
ATOM   52  C C   . VAL A 1 7  ? -5.927  3.666   3.208   1.00 18.83 ? 7   VAL A C   1 
ATOM   53  O O   . VAL A 1 7  ? -5.814  4.741   2.626   1.00 15.43 ? 7   VAL A O   1 
ATOM   54  C CB  . VAL A 1 7  ? -4.505  3.036   5.165   1.00 16.63 ? 7   VAL A CB  1 
ATOM   55  C CG1 . VAL A 1 7  ? -3.419  2.107   5.675   1.00 16.63 ? 7   VAL A CG1 1 
ATOM   56  C CG2 . VAL A 1 7  ? -4.192  4.490   5.536   1.00 17.72 ? 7   VAL A CG2 1 
ATOM   57  N N   . GLU A 1 8  ? -7.098  3.095   3.472   1.00 18.06 ? 8   GLU A N   1 
ATOM   58  C CA  . GLU A 1 8  ? -8.347  3.858   3.424   1.00 23.87 ? 8   GLU A CA  1 
ATOM   59  C C   . GLU A 1 8  ? -8.855  4.034   4.855   1.00 35.29 ? 8   GLU A C   1 
ATOM   60  O O   . GLU A 1 8  ? -8.331  3.410   5.777   1.00 35.63 ? 8   GLU A O   1 
ATOM   61  C CB  . GLU A 1 8  ? -9.396  3.165   2.543   1.00 20.73 ? 8   GLU A CB  1 
ATOM   62  C CG  . GLU A 1 8  ? -9.345  1.650   2.531   1.00 28.90 ? 8   GLU A CG  1 
ATOM   63  C CD  . GLU A 1 8  ? -10.437 1.025   1.662   1.00 44.40 ? 8   GLU A CD  1 
ATOM   64  O OE1 . GLU A 1 8  ? -10.648 -0.199  1.773   1.00 29.29 ? 8   GLU A OE1 1 
ATOM   65  O OE2 . GLU A 1 8  ? -11.092 1.753   0.879   1.00 42.94 ? 8   GLU A OE2 1 
ATOM   66  N N   . TYR A 1 9  ? -9.860  4.882   5.054   1.00 35.25 ? 9   TYR A N   1 
ATOM   67  C CA  . TYR A 1 9  ? -10.378 5.119   6.401   1.00 44.99 ? 9   TYR A CA  1 
ATOM   68  C C   . TYR A 1 9  ? -10.988 3.843   6.992   1.00 51.55 ? 9   TYR A C   1 
ATOM   69  O O   . TYR A 1 9  ? -11.739 3.144   6.312   1.00 59.77 ? 9   TYR A O   1 
ATOM   70  C CB  . TYR A 1 9  ? -11.417 6.246   6.389   1.00 45.36 ? 9   TYR A CB  1 
ATOM   71  N N   . ASP A 1 10 ? -10.633 3.511   8.233   1.00 44.34 ? 10  ASP A N   1 
ATOM   72  C CA  . ASP A 1 10 ? -9.601  4.221   8.980   1.00 42.94 ? 10  ASP A CA  1 
ATOM   73  C C   . ASP A 1 10 ? -8.464  3.248   9.302   1.00 43.24 ? 10  ASP A C   1 
ATOM   74  O O   . ASP A 1 10 ? -8.671  2.253   10.001  1.00 54.86 ? 10  ASP A O   1 
ATOM   75  N N   . ASN A 1 11 ? -7.276  3.540   8.781   1.00 36.08 ? 11  ASN A N   1 
ATOM   76  C CA  . ASN A 1 11 ? -6.077  2.714   8.978   1.00 38.41 ? 11  ASN A CA  1 
ATOM   77  C C   . ASN A 1 11 ? -6.226  1.278   8.446   1.00 31.63 ? 11  ASN A C   1 
ATOM   78  O O   . ASN A 1 11 ? -5.568  0.361   8.940   1.00 29.47 ? 11  ASN A O   1 
ATOM   79  C CB  . ASN A 1 11 ? -5.682  2.689   10.467  1.00 44.48 ? 11  ASN A CB  1 
ATOM   80  C CG  . ASN A 1 11 ? -4.169  2.542   10.688  1.00 46.62 ? 11  ASN A CG  1 
ATOM   81  O OD1 . ASN A 1 11 ? -3.354  3.000   9.882   1.00 33.30 ? 11  ASN A OD1 1 
ATOM   82  N ND2 . ASN A 1 11 ? -3.799  1.906   11.795  1.00 49.36 ? 11  ASN A ND2 1 
ATOM   83  N N   . CYS A 1 12 ? -7.071  1.096   7.430   1.00 23.51 ? 12  CYS A N   1 
ATOM   84  C CA  . CYS A 1 12 ? -7.218  -0.204  6.766   1.00 24.90 ? 12  CYS A CA  1 
ATOM   85  C C   . CYS A 1 12 ? -6.424  -0.281  5.461   1.00 21.01 ? 12  CYS A C   1 
ATOM   86  O O   . CYS A 1 12 ? -6.714  0.432   4.502   1.00 18.71 ? 12  CYS A O   1 
ATOM   87  C CB  . CYS A 1 12 ? -8.688  -0.494  6.480   1.00 34.24 ? 12  CYS A CB  1 
ATOM   88  S SG  . CYS A 1 12 ? -9.772  -0.182  7.885   1.00 72.31 ? 12  CYS A SG  1 
ATOM   89  N N   . ALA A 1 13 ? -5.429  -1.163  5.424   1.00 17.43 ? 13  ALA A N   1 
ATOM   90  C CA  . ALA A 1 13 ? -4.555  -1.295  4.260   1.00 15.24 ? 13  ALA A CA  1 
ATOM   91  C C   . ALA A 1 13 ? -5.214  -2.041  3.101   1.00 18.08 ? 13  ALA A C   1 
ATOM   92  O O   . ALA A 1 13 ? -6.288  -2.631  3.243   1.00 18.23 ? 13  ALA A O   1 
ATOM   93  C CB  . ALA A 1 13 ? -3.255  -1.994  4.658   1.00 15.62 ? 13  ALA A CB  1 
ATOM   94  N N   . TYR A 1 14 ? -4.580  -1.969  1.940   1.00 15.45 ? 14  TYR A N   1 
ATOM   95  C CA  . TYR A 1 14 ? -5.093  -2.618  0.748   1.00 14.83 ? 14  TYR A CA  1 
ATOM   96  C C   . TYR A 1 14 ? -4.552  -4.031  0.656   1.00 19.61 ? 14  TYR A C   1 
ATOM   97  O O   . TYR A 1 14 ? -3.344  -4.221  0.486   1.00 20.02 ? 14  TYR A O   1 
ATOM   98  C CB  . TYR A 1 14 ? -4.700  -1.841  -0.505  1.00 13.54 ? 14  TYR A CB  1 
ATOM   99  C CG  . TYR A 1 14 ? -5.406  -0.516  -0.628  1.00 12.67 ? 14  TYR A CG  1 
ATOM   100 C CD1 . TYR A 1 14 ? -6.558  -0.396  -1.387  1.00 12.31 ? 14  TYR A CD1 1 
ATOM   101 C CD2 . TYR A 1 14 ? -4.930  0.600   0.033   1.00 19.05 ? 14  TYR A CD2 1 
ATOM   102 C CE1 . TYR A 1 14 ? -7.220  0.826   -1.496  1.00 21.20 ? 14  TYR A CE1 1 
ATOM   103 C CE2 . TYR A 1 14 ? -5.571  1.818   -0.068  1.00 17.98 ? 14  TYR A CE2 1 
ATOM   104 C CZ  . TYR A 1 14 ? -6.718  1.926   -0.832  1.00 22.55 ? 14  TYR A CZ  1 
ATOM   105 O OH  . TYR A 1 14 ? -7.357  3.139   -0.932  1.00 33.14 ? 14  TYR A OH  1 
ATOM   106 N N   . ILE A 1 15 ? -5.428  -5.022  0.772   1.00 17.81 ? 15  ILE A N   1 
ATOM   107 C CA  . ILE A 1 15 ? -4.965  -6.391  0.567   1.00 16.03 ? 15  ILE A CA  1 
ATOM   108 C C   . ILE A 1 15 ? -4.584  -6.587  -0.897  1.00 16.78 ? 15  ILE A C   1 
ATOM   109 O O   . ILE A 1 15 ? -5.145  -5.956  -1.787  1.00 20.29 ? 15  ILE A O   1 
ATOM   110 C CB  . ILE A 1 15 ? -6.017  -7.428  0.970   1.00 17.49 ? 15  ILE A CB  1 
ATOM   111 C CG1 . ILE A 1 15 ? -7.295  -7.238  0.163   1.00 17.44 ? 15  ILE A CG1 1 
ATOM   112 C CG2 . ILE A 1 15 ? -6.310  -7.332  2.455   1.00 26.18 ? 15  ILE A CG2 1 
ATOM   113 C CD1 . ILE A 1 15 ? -8.275  -8.406  0.336   1.00 29.01 ? 15  ILE A CD1 1 
ATOM   114 N N   . CYS A 1 16 ? -3.601  -7.449  -1.143  1.00 17.76 ? 16  CYS A N   1 
ATOM   115 C CA  . CYS A 1 16 ? -3.258  -7.819  -2.503  1.00 17.54 ? 16  CYS A CA  1 
ATOM   116 C C   . CYS A 1 16 ? -4.419  -8.550  -3.173  1.00 18.71 ? 16  CYS A C   1 
ATOM   117 O O   . CYS A 1 16 ? -5.252  -9.150  -2.499  1.00 20.39 ? 16  CYS A O   1 
ATOM   118 C CB  . CYS A 1 16 ? -2.025  -8.719  -2.519  1.00 19.34 ? 16  CYS A CB  1 
ATOM   119 S SG  . CYS A 1 16 ? -0.659  -8.061  -1.508  1.00 20.35 ? 16  CYS A SG  1 
ATOM   120 N N   . TRP A 1 17 ? -4.461  -8.489  -4.496  1.00 19.51 ? 17  TRP A N   1 
ATOM   121 C CA  . TRP A 1 17 ? -5.166  -9.511  -5.263  1.00 21.73 ? 17  TRP A CA  1 
ATOM   122 C C   . TRP A 1 17 ? -4.265  -10.745 -5.236  1.00 24.00 ? 17  TRP A C   1 
ATOM   123 O O   . TRP A 1 17 ? -3.134  -10.690 -5.742  1.00 24.90 ? 17  TRP A O   1 
ATOM   124 C CB  . TRP A 1 17 ? -5.429  -9.036  -6.684  1.00 22.62 ? 17  TRP A CB  1 
ATOM   125 C CG  . TRP A 1 17 ? -6.100  -10.047 -7.569  1.00 25.49 ? 17  TRP A CG  1 
ATOM   126 C CD1 . TRP A 1 17 ? -5.515  -10.809 -8.536  1.00 28.51 ? 17  TRP A CD1 1 
ATOM   127 C CD2 . TRP A 1 17 ? -7.483  -10.394 -7.556  1.00 26.15 ? 17  TRP A CD2 1 
ATOM   128 N NE1 . TRP A 1 17 ? -6.457  -11.613 -9.139  1.00 31.01 ? 17  TRP A NE1 1 
ATOM   129 C CE2 . TRP A 1 17 ? -7.671  -11.385 -8.555  1.00 29.54 ? 17  TRP A CE2 1 
ATOM   130 C CE3 . TRP A 1 17 ? -8.580  -9.981  -6.804  1.00 24.76 ? 17  TRP A CE3 1 
ATOM   131 C CZ2 . TRP A 1 17 ? -8.920  -11.950 -8.819  1.00 31.34 ? 17  TRP A CZ2 1 
ATOM   132 C CZ3 . TRP A 1 17 ? -9.833  -10.561 -7.071  1.00 26.65 ? 17  TRP A CZ3 1 
ATOM   133 C CH2 . TRP A 1 17 ? -9.981  -11.526 -8.070  1.00 29.79 ? 17  TRP A CH2 1 
ATOM   134 N N   . ASN A 1 18 ? -4.740  -11.829 -4.618  1.00 25.38 ? 18  ASN A N   1 
ATOM   135 C CA  . ASN A 1 18 ? -3.919  -13.025 -4.399  1.00 27.94 ? 18  ASN A CA  1 
ATOM   136 C C   . ASN A 1 18 ? -2.562  -12.624 -3.802  1.00 32.88 ? 18  ASN A C   1 
ATOM   137 O O   . ASN A 1 18 ? -2.539  -11.994 -2.749  1.00 25.23 ? 18  ASN A O   1 
ATOM   138 C CB  . ASN A 1 18 ? -3.772  -13.796 -5.699  1.00 31.09 ? 18  ASN A CB  1 
ATOM   139 C CG  . ASN A 1 18 ? -5.117  -14.213 -6.246  1.00 32.23 ? 18  ASN A CG  1 
ATOM   140 O OD1 . ASN A 1 18 ? -5.976  -14.617 -5.481  1.00 32.12 ? 18  ASN A OD1 1 
ATOM   141 N ND2 . ASN A 1 18 ? -5.323  -14.067 -7.550  1.00 33.68 ? 18  ASN A ND2 1 
ATOM   142 N N   . TYR A 1 19 ? -1.459  -12.993 -4.463  1.00 29.38 ? 19  TYR A N   1 
ATOM   143 C CA  . TYR A 1 19 ? -0.119  -12.485 -4.113  1.00 29.08 ? 19  TYR A CA  1 
ATOM   144 C C   . TYR A 1 19 ? 0.483   -11.638 -5.239  1.00 29.06 ? 19  TYR A C   1 
ATOM   145 O O   . TYR A 1 19 ? 1.704   -11.580 -5.393  1.00 30.60 ? 19  TYR A O   1 
ATOM   146 C CB  . TYR A 1 19 ? 0.849   -13.635 -3.815  1.00 32.56 ? 19  TYR A CB  1 
ATOM   147 C CG  . TYR A 1 19 ? 0.649   -14.360 -2.507  1.00 33.19 ? 19  TYR A CG  1 
ATOM   148 C CD1 . TYR A 1 19 ? 1.107   -13.825 -1.314  1.00 31.83 ? 19  TYR A CD1 1 
ATOM   149 C CD2 . TYR A 1 19 ? 0.015   -15.601 -2.473  1.00 35.78 ? 19  TYR A CD2 1 
ATOM   150 C CE1 . TYR A 1 19 ? 0.933   -14.493 -0.119  1.00 33.17 ? 19  TYR A CE1 1 
ATOM   151 C CE2 . TYR A 1 19 ? -0.154  -16.283 -1.282  1.00 37.04 ? 19  TYR A CE2 1 
ATOM   152 C CZ  . TYR A 1 19 ? 0.316   -15.731 -0.110  1.00 35.83 ? 19  TYR A CZ  1 
ATOM   153 O OH  . TYR A 1 19 ? 0.148   -16.405 1.079   1.00 37.77 ? 19  TYR A OH  1 
ATOM   154 N N   . ASP A 1 20 ? -0.370  -10.987 -6.018  1.00 27.85 ? 20  ASP A N   1 
ATOM   155 C CA  . ASP A 1 20 ? 0.035   -10.336 -7.258  1.00 30.96 ? 20  ASP A CA  1 
ATOM   156 C C   . ASP A 1 20 ? 0.805   -9.018  -7.053  1.00 26.96 ? 20  ASP A C   1 
ATOM   157 O O   . ASP A 1 20 ? 0.234   -8.027  -6.594  1.00 23.96 ? 20  ASP A O   1 
ATOM   158 C CB  . ASP A 1 20 ? -1.208  -10.082 -8.105  1.00 36.67 ? 20  ASP A CB  1 
ATOM   159 C CG  . ASP A 1 20 ? -0.910  -10.042 -9.576  1.00 50.70 ? 20  ASP A CG  1 
ATOM   160 O OD1 . ASP A 1 20 ? 0.060   -9.367  -9.970  1.00 47.76 ? 20  ASP A OD1 1 
ATOM   161 O OD2 . ASP A 1 20 ? -1.645  -10.705 -10.340 1.00 60.47 ? 20  ASP A OD2 1 
ATOM   162 N N   . ASN A 1 21 ? 2.086   -9.006  -7.421  1.00 29.94 ? 21  ASN A N   1 
ATOM   163 C CA  . ASN A 1 21 ? 2.903   -7.788  -7.337  1.00 31.28 ? 21  ASN A CA  1 
ATOM   164 C C   . ASN A 1 21 ? 2.451   -6.718  -8.327  1.00 31.80 ? 21  ASN A C   1 
ATOM   165 O O   . ASN A 1 21 ? 2.456   -5.523  -8.012  1.00 31.33 ? 21  ASN A O   1 
ATOM   166 C CB  . ASN A 1 21 ? 4.393   -8.106  -7.573  1.00 33.87 ? 21  ASN A CB  1 
ATOM   167 C CG  . ASN A 1 21 ? 5.042   -8.790  -6.380  1.00 32.49 ? 21  ASN A CG  1 
ATOM   168 O OD1 . ASN A 1 21 ? 4.691   -8.522  -5.234  1.00 29.47 ? 21  ASN A OD1 1 
ATOM   169 N ND2 . ASN A 1 21 ? 5.998   -9.678  -6.647  1.00 41.28 ? 21  ASN A ND2 1 
ATOM   170 N N   . ALA A 1 22 ? 2.061   -7.149  -9.523  1.00 32.83 ? 22  ALA A N   1 
ATOM   171 C CA  . ALA A 1 22 ? 1.626   -6.229  -10.569 1.00 34.11 ? 22  ALA A CA  1 
ATOM   172 C C   . ALA A 1 22 ? 0.411   -5.427  -10.116 1.00 32.52 ? 22  ALA A C   1 
ATOM   173 O O   . ALA A 1 22 ? 0.339   -4.208  -10.327 1.00 35.81 ? 22  ALA A O   1 
ATOM   174 C CB  . ALA A 1 22 ? 1.317   -6.990  -11.848 1.00 38.10 ? 22  ALA A CB  1 
ATOM   175 N N   . TYR A 1 23 ? -0.536  -6.115  -9.483  1.00 29.24 ? 23  TYR A N   1 
ATOM   176 C CA  . TYR A 1 23 ? -1.716  -5.465  -8.921  1.00 29.67 ? 23  TYR A CA  1 
ATOM   177 C C   . TYR A 1 23 ? -1.338  -4.289  -8.015  1.00 25.05 ? 23  TYR A C   1 
ATOM   178 O O   . TYR A 1 23 ? -1.840  -3.162  -8.170  1.00 23.70 ? 23  TYR A O   1 
ATOM   179 C CB  . TYR A 1 23 ? -2.555  -6.475  -8.133  1.00 25.06 ? 23  TYR A CB  1 
ATOM   180 C CG  . TYR A 1 23 ? -3.626  -5.820  -7.305  1.00 23.15 ? 23  TYR A CG  1 
ATOM   181 C CD1 . TYR A 1 23 ? -4.783  -5.334  -7.899  1.00 26.09 ? 23  TYR A CD1 1 
ATOM   182 C CD2 . TYR A 1 23 ? -3.477  -5.669  -5.933  1.00 23.58 ? 23  TYR A CD2 1 
ATOM   183 C CE1 . TYR A 1 23 ? -5.765  -4.717  -7.153  1.00 30.33 ? 23  TYR A CE1 1 
ATOM   184 C CE2 . TYR A 1 23 ? -4.449  -5.049  -5.176  1.00 24.35 ? 23  TYR A CE2 1 
ATOM   185 C CZ  . TYR A 1 23 ? -5.596  -4.577  -5.793  1.00 28.35 ? 23  TYR A CZ  1 
ATOM   186 O OH  . TYR A 1 23 ? -6.575  -3.964  -5.044  1.00 27.57 ? 23  TYR A OH  1 
ATOM   187 N N   . CYS A 1 24 ? -0.449  -4.568  -7.070  1.00 22.86 ? 24  CYS A N   1 
ATOM   188 C CA  . CYS A 1 24 ? -0.043  -3.566  -6.096  1.00 20.82 ? 24  CYS A CA  1 
ATOM   189 C C   . CYS A 1 24 ? 0.752   -2.445  -6.754  1.00 29.64 ? 24  CYS A C   1 
ATOM   190 O O   . CYS A 1 24 ? 0.675   -1.290  -6.328  1.00 20.85 ? 24  CYS A O   1 
ATOM   191 C CB  . CYS A 1 24 ? 0.782   -4.212  -4.982  1.00 20.00 ? 24  CYS A CB  1 
ATOM   192 S SG  . CYS A 1 24 ? -0.156  -5.320  -3.910  1.00 20.60 ? 24  CYS A SG  1 
ATOM   193 N N   . ASP A 1 25 ? 1.522   -2.793  -7.781  1.00 24.92 ? 25  ASP A N   1 
ATOM   194 C CA  . ASP A 1 25 ? 2.314   -1.802  -8.503  1.00 27.41 ? 25  ASP A CA  1 
ATOM   195 C C   . ASP A 1 25 ? 1.376   -0.805  -9.166  1.00 32.74 ? 25  ASP A C   1 
ATOM   196 O O   . ASP A 1 25 ? 1.564   0.418   -9.068  1.00 26.19 ? 25  ASP A O   1 
ATOM   197 C CB  . ASP A 1 25 ? 3.215   -2.465  -9.545  1.00 30.29 ? 25  ASP A CB  1 
ATOM   198 C CG  . ASP A 1 25 ? 4.190   -1.489  -10.187 1.00 37.79 ? 25  ASP A CG  1 
ATOM   199 O OD1 . ASP A 1 25 ? 4.947   -0.813  -9.450  1.00 31.17 ? 25  ASP A OD1 1 
ATOM   200 O OD2 . ASP A 1 25 ? 4.205   -1.405  -11.431 1.00 40.89 ? 25  ASP A OD2 1 
ATOM   201 N N   . LYS A 1 26 ? 0.340   -1.328  -9.819  1.00 27.74 ? 26  LYS A N   1 
ATOM   202 C CA  . LYS A 1 26 ? -0.612  -0.453  -10.485 1.00 28.54 ? 26  LYS A CA  1 
ATOM   203 C C   . LYS A 1 26 ? -1.395  0.385   -9.486  1.00 25.71 ? 26  LYS A C   1 
ATOM   204 O O   . LYS A 1 26 ? -1.578  1.587   -9.694  1.00 25.99 ? 26  LYS A O   1 
ATOM   205 C CB  . LYS A 1 26 ? -1.584  -1.240  -11.359 1.00 30.78 ? 26  LYS A CB  1 
ATOM   206 C CG  . LYS A 1 26 ? -2.474  -0.314  -12.159 1.00 38.73 ? 26  LYS A CG  1 
ATOM   207 C CD  . LYS A 1 26 ? -3.491  -1.050  -12.995 1.00 47.88 ? 26  LYS A CD  1 
ATOM   208 C CE  . LYS A 1 26 ? -4.099  -0.095  -14.010 1.00 58.13 ? 26  LYS A CE  1 
ATOM   209 N NZ  . LYS A 1 26 ? -3.979  1.329   -13.565 1.00 60.92 ? 26  LYS A NZ  1 
ATOM   210 N N   . LEU A 1 27 ? -1.864  -0.245  -8.409  1.00 23.36 ? 27  LEU A N   1 
ATOM   211 C CA  . LEU A 1 27 ? -2.578  0.490   -7.370  1.00 21.10 ? 27  LEU A CA  1 
ATOM   212 C C   . LEU A 1 27 ? -1.714  1.651   -6.858  1.00 31.63 ? 27  LEU A C   1 
ATOM   213 O O   . LEU A 1 27 ? -2.155  2.793   -6.790  1.00 20.21 ? 27  LEU A O   1 
ATOM   214 C CB  . LEU A 1 27 ? -2.956  -0.436  -6.213  1.00 20.63 ? 27  LEU A CB  1 
ATOM   215 C CG  . LEU A 1 27 ? -3.562  0.251   -4.987  1.00 20.72 ? 27  LEU A CG  1 
ATOM   216 C CD1 . LEU A 1 27 ? -4.951  0.749   -5.292  1.00 35.00 ? 27  LEU A CD1 1 
ATOM   217 C CD2 . LEU A 1 27 ? -3.590  -0.698  -3.804  1.00 33.24 ? 27  LEU A CD2 1 
ATOM   218 N N   . CYS A 1 28 ? -0.472  1.343   -6.516  1.00 20.02 ? 28  CYS A N   1 
ATOM   219 C CA  . CYS A 1 28 ? 0.443   2.350   -5.979  1.00 19.54 ? 28  CYS A CA  1 
ATOM   220 C C   . CYS A 1 28 ? 0.701   3.480   -6.972  1.00 21.26 ? 28  CYS A C   1 
ATOM   221 O O   . CYS A 1 28 ? 0.684   4.657   -6.599  1.00 24.87 ? 28  CYS A O   1 
ATOM   222 C CB  . CYS A 1 28 ? 1.762   1.698   -5.547  1.00 19.79 ? 28  CYS A CB  1 
ATOM   223 S SG  . CYS A 1 28 ? 1.590   0.621   -4.095  1.00 17.89 ? 28  CYS A SG  1 
ATOM   224 N N   . LYS A 1 29 ? 0.922   3.139   -8.235  1.00 23.59 ? 29  LYS A N   1 
ATOM   225 C CA  . LYS A 1 29 ? 1.165   4.175   -9.230  1.00 25.63 ? 29  LYS A CA  1 
ATOM   226 C C   . LYS A 1 29 ? -0.072  5.047   -9.444  1.00 25.73 ? 29  LYS A C   1 
ATOM   227 O O   . LYS A 1 29 ? 0.048   6.250   -9.669  1.00 26.41 ? 29  LYS A O   1 
ATOM   228 C CB  . LYS A 1 29 ? 1.621   3.558   -10.551 1.00 28.75 ? 29  LYS A CB  1 
ATOM   229 C CG  . LYS A 1 29 ? 3.065   3.066   -10.514 1.00 31.22 ? 29  LYS A CG  1 
ATOM   230 C CD  . LYS A 1 29 ? 3.476   2.403   -11.825 1.00 37.75 ? 29  LYS A CD  1 
ATOM   231 C CE  . LYS A 1 29 ? 4.911   1.901   -11.759 1.00 39.63 ? 29  LYS A CE  1 
ATOM   232 N NZ  . LYS A 1 29 ? 5.339   1.245   -13.025 1.00 49.12 ? 29  LYS A NZ  1 
ATOM   233 N N   . ASP A 1 30 ? -1.262  4.453   -9.353  1.00 25.80 ? 30  ASP A N   1 
ATOM   234 C CA  . ASP A 1 30 ? -2.488  5.244   -9.477  1.00 25.92 ? 30  ASP A CA  1 
ATOM   235 C C   . ASP A 1 30 ? -2.635  6.219   -8.304  1.00 23.95 ? 30  ASP A C   1 
ATOM   236 O O   . ASP A 1 30 ? -3.307  7.247   -8.423  1.00 24.91 ? 30  ASP A O   1 
ATOM   237 C CB  . ASP A 1 30 ? -3.720  4.337   -9.580  1.00 26.30 ? 30  ASP A CB  1 
ATOM   238 C CG  . ASP A 1 30 ? -3.872  3.720   -10.964 1.00 38.85 ? 30  ASP A CG  1 
ATOM   239 O OD1 . ASP A 1 30 ? -3.167  4.156   -11.898 1.00 40.16 ? 30  ASP A OD1 1 
ATOM   240 O OD2 . ASP A 1 30 ? -4.704  2.807   -11.124 1.00 41.84 ? 30  ASP A OD2 1 
ATOM   241 N N   . LYS A 1 31 ? -2.003  5.896   -7.180  1.00 23.59 ? 31  LYS A N   1 
ATOM   242 C CA  . LYS A 1 31 ? -1.969  6.799   -6.039  1.00 22.01 ? 31  LYS A CA  1 
ATOM   243 C C   . LYS A 1 31 ? -0.751  7.730   -6.101  1.00 22.76 ? 31  LYS A C   1 
ATOM   244 O O   . LYS A 1 31 ? -0.393  8.337   -5.098  1.00 21.57 ? 31  LYS A O   1 
ATOM   245 C CB  . LYS A 1 31 ? -1.958  6.018   -4.724  1.00 19.28 ? 31  LYS A CB  1 
ATOM   246 C CG  . LYS A 1 31 ? -3.263  5.295   -4.411  1.00 25.04 ? 31  LYS A CG  1 
ATOM   247 C CD  . LYS A 1 31 ? -3.149  4.550   -3.092  1.00 20.81 ? 31  LYS A CD  1 
ATOM   248 C CE  . LYS A 1 31 ? -4.400  3.743   -2.811  1.00 29.57 ? 31  LYS A CE  1 
ATOM   249 N NZ  . LYS A 1 31 ? -5.603  4.588   -2.587  1.00 27.80 ? 31  LYS A NZ  1 
ATOM   250 N N   . LYS A 1 32 ? -0.133  7.814   -7.279  1.00 24.78 ? 32  LYS A N   1 
ATOM   251 C CA  . LYS A 1 32 ? 0.993   8.717   -7.573  1.00 26.40 ? 32  LYS A CA  1 
ATOM   252 C C   . LYS A 1 32 ? 2.321   8.302   -6.927  1.00 29.77 ? 32  LYS A C   1 
ATOM   253 O O   . LYS A 1 32 ? 3.231   9.125   -6.787  1.00 26.29 ? 32  LYS A O   1 
ATOM   254 C CB  . LYS A 1 32 ? 0.667   10.166  -7.162  1.00 27.19 ? 32  LYS A CB  1 
ATOM   255 C CG  . LYS A 1 32 ? -0.653  10.722  -7.719  1.00 29.22 ? 32  LYS A CG  1 
ATOM   256 C CD  . LYS A 1 32 ? -0.642  10.802  -9.243  1.00 45.49 ? 32  LYS A CD  1 
ATOM   257 C CE  . LYS A 1 32 ? -1.968  11.335  -9.809  1.00 56.51 ? 32  LYS A CE  1 
ATOM   258 N NZ  . LYS A 1 32 ? -3.048  10.299  -9.861  1.00 62.19 ? 32  LYS A NZ  1 
ATOM   259 N N   . ALA A 1 33 ? 2.451   7.032   -6.554  1.00 27.03 ? 33  ALA A N   1 
ATOM   260 C CA  . ALA A 1 33 ? 3.740   6.523   -6.084  1.00 23.01 ? 33  ALA A CA  1 
ATOM   261 C C   . ALA A 1 33 ? 4.659   6.160   -7.249  1.00 26.04 ? 33  ALA A C   1 
ATOM   262 O O   . ALA A 1 33 ? 4.223   6.081   -8.397  1.00 28.17 ? 33  ALA A O   1 
ATOM   263 C CB  . ALA A 1 33 ? 3.544   5.313   -5.179  1.00 20.54 ? 33  ALA A CB  1 
ATOM   264 N N   . ASP A 1 34 ? 5.938   5.948   -6.944  1.00 26.93 ? 34  ASP A N   1 
ATOM   265 C CA  . ASP A 1 34 ? 6.892   5.452   -7.930  1.00 30.38 ? 34  ASP A CA  1 
ATOM   266 C C   . ASP A 1 34 ? 6.612   4.000   -8.278  1.00 32.66 ? 34  ASP A C   1 
ATOM   267 O O   . ASP A 1 34 ? 6.593   3.632   -9.456  1.00 33.28 ? 34  ASP A O   1 
ATOM   268 C CB  . ASP A 1 34 ? 8.327   5.577   -7.427  1.00 31.99 ? 34  ASP A CB  1 
ATOM   269 C CG  . ASP A 1 34 ? 8.701   7.000   -7.090  1.00 37.76 ? 34  ASP A CG  1 
ATOM   270 O OD1 . ASP A 1 34 ? 8.183   7.921   -7.760  1.00 34.00 ? 34  ASP A OD1 1 
ATOM   271 O OD2 . ASP A 1 34 ? 9.513   7.195   -6.159  1.00 36.50 ? 34  ASP A OD2 1 
ATOM   272 N N   . SER A 1 35 ? 6.407   3.169   -7.258  1.00 27.38 ? 35  SER A N   1 
ATOM   273 C CA  . SER A 1 35 ? 6.114   1.760   -7.537  1.00 27.55 ? 35  SER A CA  1 
ATOM   274 C C   . SER A 1 35 ? 5.481   1.069   -6.346  1.00 24.13 ? 35  SER A C   1 
ATOM   275 O O   . SER A 1 35 ? 5.198   1.701   -5.337  1.00 21.78 ? 35  SER A O   1 
ATOM   276 C CB  . SER A 1 35 ? 7.386   1.018   -7.945  1.00 30.85 ? 35  SER A CB  1 
ATOM   277 O OG  . SER A 1 35 ? 8.304   0.986   -6.867  1.00 30.19 ? 35  SER A OG  1 
ATOM   278 N N   . GLY A 1 36 ? 5.266   -0.236  -6.460  1.00 24.46 ? 36  GLY A N   1 
ATOM   279 C CA  . GLY A 1 36 ? 4.685   -0.988  -5.371  1.00 21.95 ? 36  GLY A CA  1 
ATOM   280 C C   . GLY A 1 36 ? 4.733   -2.488  -5.599  1.00 29.92 ? 36  GLY A C   1 
ATOM   281 O O   . GLY A 1 36 ? 4.987   -2.956  -6.706  1.00 26.31 ? 36  GLY A O   1 
ATOM   282 N N   . TYR A 1 37 ? 4.487   -3.246  -4.542  1.00 21.82 ? 37  TYR A N   1 
ATOM   283 C CA  . TYR A 1 37 ? 4.498   -4.695  -4.661  1.00 26.87 ? 37  TYR A CA  1 
ATOM   284 C C   . TYR A 1 37 ? 3.623   -5.311  -3.586  1.00 26.21 ? 37  TYR A C   1 
ATOM   285 O O   . TYR A 1 37 ? 3.156   -4.613  -2.688  1.00 22.00 ? 37  TYR A O   1 
ATOM   286 C CB  . TYR A 1 37 ? 5.931   -5.231  -4.578  1.00 25.88 ? 37  TYR A CB  1 
ATOM   287 C CG  . TYR A 1 37 ? 6.538   -5.234  -3.190  1.00 24.83 ? 37  TYR A CG  1 
ATOM   288 C CD1 . TYR A 1 37 ? 6.693   -6.424  -2.492  1.00 33.39 ? 37  TYR A CD1 1 
ATOM   289 C CD2 . TYR A 1 37 ? 6.962   -4.056  -2.578  1.00 23.60 ? 37  TYR A CD2 1 
ATOM   290 C CE1 . TYR A 1 37 ? 7.250   -6.451  -1.226  1.00 35.73 ? 37  TYR A CE1 1 
ATOM   291 C CE2 . TYR A 1 37 ? 7.521   -4.071  -1.300  1.00 26.86 ? 37  TYR A CE2 1 
ATOM   292 C CZ  . TYR A 1 37 ? 7.662   -5.278  -0.631  1.00 36.39 ? 37  TYR A CZ  1 
ATOM   293 O OH  . TYR A 1 37 ? 8.220   -5.332  0.632   1.00 34.83 ? 37  TYR A OH  1 
ATOM   294 N N   . CYS A 1 38 ? 3.383   -6.614  -3.688  1.00 23.04 ? 38  CYS A N   1 
ATOM   295 C CA  . CYS A 1 38 ? 2.638   -7.323  -2.663  1.00 22.05 ? 38  CYS A CA  1 
ATOM   296 C C   . CYS A 1 38 ? 3.583   -7.914  -1.632  1.00 25.10 ? 38  CYS A C   1 
ATOM   297 O O   . CYS A 1 38 ? 4.331   -8.847  -1.941  1.00 25.53 ? 38  CYS A O   1 
ATOM   298 C CB  . CYS A 1 38 ? 1.787   -8.441  -3.288  1.00 23.98 ? 38  CYS A CB  1 
ATOM   299 S SG  . CYS A 1 38 ? 0.827   -9.369  -2.069  1.00 24.69 ? 38  CYS A SG  1 
ATOM   300 N N   . TYR A 1 39 ? 3.547   -7.402  -0.407  1.00 21.02 ? 39  TYR A N   1 
ATOM   301 C CA  . TYR A 1 39 ? 4.364   -7.987  0.651   1.00 22.32 ? 39  TYR A CA  1 
ATOM   302 C C   . TYR A 1 39 ? 3.638   -9.215  1.162   1.00 23.35 ? 39  TYR A C   1 
ATOM   303 O O   . TYR A 1 39 ? 2.537   -9.119  1.737   1.00 28.38 ? 39  TYR A O   1 
ATOM   304 C CB  . TYR A 1 39 ? 4.642   -6.983  1.780   1.00 21.10 ? 39  TYR A CB  1 
ATOM   305 C CG  . TYR A 1 39 ? 5.670   -7.456  2.779   1.00 23.32 ? 39  TYR A CG  1 
ATOM   306 C CD1 . TYR A 1 39 ? 6.580   -8.454  2.454   1.00 30.28 ? 39  TYR A CD1 1 
ATOM   307 C CD2 . TYR A 1 39 ? 5.735   -6.902  4.047   1.00 30.63 ? 39  TYR A CD2 1 
ATOM   308 C CE1 . TYR A 1 39 ? 7.532   -8.880  3.372   1.00 34.31 ? 39  TYR A CE1 1 
ATOM   309 C CE2 . TYR A 1 39 ? 6.673   -7.324  4.970   1.00 26.07 ? 39  TYR A CE2 1 
ATOM   310 C CZ  . TYR A 1 39 ? 7.573   -8.299  4.629   1.00 28.84 ? 39  TYR A CZ  1 
ATOM   311 O OH  . TYR A 1 39 ? 8.493   -8.720  5.556   1.00 32.23 ? 39  TYR A OH  1 
ATOM   312 N N   . TRP A 1 40 ? 4.279   -10.366 0.929   1.00 20.99 ? 40  TRP A N   1 
ATOM   313 C CA  A TRP A 1 40 ? 3.680   -11.675 1.141   0.44 23.38 ? 40  TRP A CA  1 
ATOM   314 C CA  B TRP A 1 40 ? 3.618   -11.656 1.141   0.56 22.50 ? 40  TRP A CA  1 
ATOM   315 C C   . TRP A 1 40 ? 3.434   -11.973 2.616   1.00 22.00 ? 40  TRP A C   1 
ATOM   316 O O   . TRP A 1 40 ? 2.542   -12.737 2.969   1.00 24.51 ? 40  TRP A O   1 
ATOM   317 C CB  A TRP A 1 40 ? 4.582   -12.748 0.529   0.44 28.39 ? 40  TRP A CB  1 
ATOM   318 C CB  B TRP A 1 40 ? 4.396   -12.796 0.486   0.56 26.77 ? 40  TRP A CB  1 
ATOM   319 C CG  A TRP A 1 40 ? 6.042   -12.612 0.917   0.44 22.42 ? 40  TRP A CG  1 
ATOM   320 C CG  B TRP A 1 40 ? 5.333   -13.475 1.440   0.56 25.97 ? 40  TRP A CG  1 
ATOM   321 C CD1 A TRP A 1 40 ? 6.958   -11.745 0.390   0.44 22.20 ? 40  TRP A CD1 1 
ATOM   322 C CD1 B TRP A 1 40 ? 5.071   -14.564 2.234   0.56 23.97 ? 40  TRP A CD1 1 
ATOM   323 C CD2 A TRP A 1 40 ? 6.739   -13.376 1.906   0.44 23.03 ? 40  TRP A CD2 1 
ATOM   324 C CD2 B TRP A 1 40 ? 6.678   -13.095 1.712   0.56 22.78 ? 40  TRP A CD2 1 
ATOM   325 N NE1 A TRP A 1 40 ? 8.182   -11.918 0.996   0.44 28.39 ? 40  TRP A NE1 1 
ATOM   326 N NE1 B TRP A 1 40 ? 6.183   -14.879 2.980   0.56 25.04 ? 40  TRP A NE1 1 
ATOM   327 C CE2 A TRP A 1 40 ? 8.074   -12.918 1.928   0.44 25.27 ? 40  TRP A CE2 1 
ATOM   328 C CE2 B TRP A 1 40 ? 7.185   -13.992 2.674   0.56 23.64 ? 40  TRP A CE2 1 
ATOM   329 C CE3 A TRP A 1 40 ? 6.365   -14.407 2.776   0.44 26.72 ? 40  TRP A CE3 1 
ATOM   330 C CE3 B TRP A 1 40 ? 7.513   -12.082 1.228   0.56 31.14 ? 40  TRP A CE3 1 
ATOM   331 C CZ2 A TRP A 1 40 ? 9.030   -13.450 2.786   0.44 24.21 ? 40  TRP A CZ2 1 
ATOM   332 C CZ2 B TRP A 1 40 ? 8.483   -13.902 3.165   0.56 24.18 ? 40  TRP A CZ2 1 
ATOM   333 C CZ3 A TRP A 1 40 ? 7.316   -14.935 3.623   0.44 24.58 ? 40  TRP A CZ3 1 
ATOM   334 C CZ3 B TRP A 1 40 ? 8.801   -12.005 1.711   0.56 23.03 ? 40  TRP A CZ3 1 
ATOM   335 C CH2 A TRP A 1 40 ? 8.635   -14.454 3.624   0.44 24.79 ? 40  TRP A CH2 1 
ATOM   336 C CH2 B TRP A 1 40 ? 9.273   -12.910 2.667   0.56 23.95 ? 40  TRP A CH2 1 
ATOM   337 N N   . VAL A 1 41 ? 4.264   -11.384 3.477   1.00 20.19 ? 41  VAL A N   1 
ATOM   338 C CA  . VAL A 1 41 ? 4.164   -11.678 4.898   1.00 21.80 ? 41  VAL A CA  1 
ATOM   339 C C   . VAL A 1 41 ? 2.797   -11.255 5.438   1.00 24.21 ? 41  VAL A C   1 
ATOM   340 O O   . VAL A 1 41 ? 2.187   -11.969 6.239   1.00 25.23 ? 41  VAL A O   1 
ATOM   341 C CB  . VAL A 1 41 ? 5.289   -10.990 5.694   1.00 26.13 ? 41  VAL A CB  1 
ATOM   342 C CG1 . VAL A 1 41 ? 5.061   -11.148 7.187   1.00 23.99 ? 41  VAL A CG1 1 
ATOM   343 C CG2 . VAL A 1 41 ? 6.642   -11.572 5.291   1.00 26.93 ? 41  VAL A CG2 1 
ATOM   344 N N   . HIS A 1 42 ? 2.312   -10.104 4.976   1.00 19.50 ? 42  HIS A N   1 
ATOM   345 C CA  . HIS A 1 42 ? 1.032   -9.580  5.417   1.00 19.70 ? 42  HIS A CA  1 
ATOM   346 C C   . HIS A 1 42 ? -0.025  -9.669  4.326   1.00 22.59 ? 42  HIS A C   1 
ATOM   347 O O   . HIS A 1 42 ? -1.195  -9.425  4.589   1.00 22.33 ? 42  HIS A O   1 
ATOM   348 C CB  . HIS A 1 42 ? 1.172   -8.122  5.857   1.00 18.68 ? 42  HIS A CB  1 
ATOM   349 C CG  . HIS A 1 42 ? 2.208   -7.914  6.905   1.00 20.40 ? 42  HIS A CG  1 
ATOM   350 N ND1 . HIS A 1 42 ? 3.233   -6.991  6.764   1.00 33.29 ? 42  HIS A ND1 1 
ATOM   351 C CD2 . HIS A 1 42 ? 2.395   -8.493  8.110   1.00 23.08 ? 42  HIS A CD2 1 
ATOM   352 C CE1 . HIS A 1 42 ? 3.994   -7.021  7.837   1.00 23.73 ? 42  HIS A CE1 1 
ATOM   353 N NE2 . HIS A 1 42 ? 3.514   -7.927  8.672   1.00 31.96 ? 42  HIS A NE2 1 
ATOM   354 N N   . ILE A 1 43 ? 0.410   -9.984  3.110   1.00 19.97 ? 43  ILE A N   1 
ATOM   355 C CA  . ILE A 1 43 ? -0.438  -9.960  1.922   1.00 20.71 ? 43  ILE A CA  1 
ATOM   356 C C   . ILE A 1 43 ? -1.066  -8.575  1.779   1.00 22.40 ? 43  ILE A C   1 
ATOM   357 O O   . ILE A 1 43 ? -2.294  -8.430  1.628   1.00 20.80 ? 43  ILE A O   1 
ATOM   358 C CB  . ILE A 1 43 ? -1.512  -11.054 1.969   1.00 22.98 ? 43  ILE A CB  1 
ATOM   359 C CG1 . ILE A 1 43 ? -0.886  -12.362 2.490   1.00 23.93 ? 43  ILE A CG1 1 
ATOM   360 C CG2 . ILE A 1 43 ? -2.135  -11.253 0.581   1.00 24.52 ? 43  ILE A CG2 1 
ATOM   361 C CD1 . ILE A 1 43 ? -1.783  -13.615 2.320   1.00 27.03 ? 43  ILE A CD1 1 
ATOM   362 N N   . LEU A 1 44 ? -0.204  -7.557  1.832   1.00 18.65 ? 44  LEU A N   1 
ATOM   363 C CA  . LEU A 1 44 ? -0.681  -6.169  1.646   1.00 21.69 ? 44  LEU A CA  1 
ATOM   364 C C   . LEU A 1 44 ? 0.102   -5.444  0.560   1.00 16.59 ? 44  LEU A C   1 
ATOM   365 O O   . LEU A 1 44 ? 1.263   -5.759  0.328   1.00 19.36 ? 44  LEU A O   1 
ATOM   366 C CB  . LEU A 1 44 ? -0.570  -5.363  2.942   1.00 16.61 ? 44  LEU A CB  1 
ATOM   367 C CG  . LEU A 1 44 ? -1.395  -5.854  4.123   1.00 18.81 ? 44  LEU A CG  1 
ATOM   368 C CD1 . LEU A 1 44 ? -1.073  -5.016  5.349   1.00 21.08 ? 44  LEU A CD1 1 
ATOM   369 C CD2 . LEU A 1 44 ? -2.866  -5.818  3.791   1.00 18.96 ? 44  LEU A CD2 1 
ATOM   370 N N   . CYS A 1 45 ? -0.506  -4.449  -0.082  1.00 16.43 ? 45  CYS A N   1 
ATOM   371 C CA  . CYS A 1 45 ? 0.234   -3.674  -1.068  1.00 16.09 ? 45  CYS A CA  1 
ATOM   372 C C   . CYS A 1 45 ? 1.126   -2.684  -0.327  1.00 14.96 ? 45  CYS A C   1 
ATOM   373 O O   . CYS A 1 45 ? 0.674   -2.007  0.595   1.00 14.46 ? 45  CYS A O   1 
ATOM   374 C CB  . CYS A 1 45 ? -0.692  -2.934  -2.032  1.00 16.67 ? 45  CYS A CB  1 
ATOM   375 S SG  . CYS A 1 45 ? -1.579  -4.045  -3.161  1.00 19.90 ? 45  CYS A SG  1 
ATOM   376 N N   . TYR A 1 46 ? 2.385   -2.628  -0.741  1.00 15.10 ? 46  TYR A N   1 
ATOM   377 C CA  . TYR A 1 46 ? 3.350   -1.663  -0.196  1.00 14.75 ? 46  TYR A CA  1 
ATOM   378 C C   . TYR A 1 46 ? 3.855   -0.775  -1.321  1.00 15.25 ? 46  TYR A C   1 
ATOM   379 O O   . TYR A 1 46 ? 4.230   -1.276  -2.374  1.00 18.52 ? 46  TYR A O   1 
ATOM   380 C CB  . TYR A 1 46 ? 4.511   -2.395  0.468   1.00 17.46 ? 46  TYR A CB  1 
ATOM   381 C CG  . TYR A 1 46 ? 5.492   -1.508  1.201   1.00 17.38 ? 46  TYR A CG  1 
ATOM   382 C CD1 . TYR A 1 46 ? 5.358   -1.260  2.561   1.00 15.54 ? 46  TYR A CD1 1 
ATOM   383 C CD2 . TYR A 1 46 ? 6.535   -0.895  0.523   1.00 18.48 ? 46  TYR A CD2 1 
ATOM   384 C CE1 . TYR A 1 46 ? 6.280   -0.436  3.239   1.00 18.92 ? 46  TYR A CE1 1 
ATOM   385 C CE2 . TYR A 1 46 ? 7.451   -0.083  1.179   1.00 17.47 ? 46  TYR A CE2 1 
ATOM   386 C CZ  . TYR A 1 46 ? 7.315   0.147   2.535   1.00 21.72 ? 46  TYR A CZ  1 
ATOM   387 O OH  . TYR A 1 46 ? 8.235   0.949   3.197   1.00 19.72 ? 46  TYR A OH  1 
ATOM   388 N N   . CYS A 1 47 ? 3.865   0.541   -1.089  1.00 14.97 ? 47  CYS A N   1 
ATOM   389 C CA  . CYS A 1 47 ? 4.255   1.514   -2.103  1.00 15.70 ? 47  CYS A CA  1 
ATOM   390 C C   . CYS A 1 47 ? 5.581   2.197   -1.785  1.00 17.00 ? 47  CYS A C   1 
ATOM   391 O O   . CYS A 1 47 ? 5.873   2.509   -0.630  1.00 16.51 ? 47  CYS A O   1 
ATOM   392 C CB  . CYS A 1 47 ? 3.198   2.615   -2.245  1.00 15.21 ? 47  CYS A CB  1 
ATOM   393 S SG  . CYS A 1 47 ? 1.533   2.047   -2.653  1.00 18.56 ? 47  CYS A SG  1 
ATOM   394 N N   . TYR A 1 48 ? 6.344   2.456   -2.839  1.00 18.07 ? 48  TYR A N   1 
ATOM   395 C CA  . TYR A 1 48 ? 7.535   3.288   -2.775  1.00 19.68 ? 48  TYR A CA  1 
ATOM   396 C C   . TYR A 1 48 ? 7.268   4.631   -3.451  1.00 21.56 ? 48  TYR A C   1 
ATOM   397 O O   . TYR A 1 48 ? 6.832   4.687   -4.620  1.00 26.07 ? 48  TYR A O   1 
ATOM   398 C CB  . TYR A 1 48 ? 8.721   2.611   -3.449  1.00 21.68 ? 48  TYR A CB  1 
ATOM   399 C CG  . TYR A 1 48 ? 9.221   1.360   -2.762  1.00 21.62 ? 48  TYR A CG  1 
ATOM   400 C CD1 . TYR A 1 48 ? 10.127  1.442   -1.713  1.00 23.52 ? 48  TYR A CD1 1 
ATOM   401 C CD2 . TYR A 1 48 ? 8.805   0.097   -3.177  1.00 23.19 ? 48  TYR A CD2 1 
ATOM   402 C CE1 . TYR A 1 48 ? 10.604  0.298   -1.085  1.00 25.78 ? 48  TYR A CE1 1 
ATOM   403 C CE2 . TYR A 1 48 ? 9.279   -1.056  -2.553  1.00 21.88 ? 48  TYR A CE2 1 
ATOM   404 C CZ  . TYR A 1 48 ? 10.176  -0.943  -1.510  1.00 26.63 ? 48  TYR A CZ  1 
ATOM   405 O OH  . TYR A 1 48 ? 10.655  -2.067  -0.881  1.00 30.09 ? 48  TYR A OH  1 
ATOM   406 N N   . GLY A 1 49 ? 7.559   5.695   -2.712  1.00 20.20 ? 49  GLY A N   1 
ATOM   407 C CA  . GLY A 1 49 ? 7.508   7.053   -3.231  1.00 19.56 ? 49  GLY A CA  1 
ATOM   408 C C   . GLY A 1 49 ? 6.117   7.641   -3.314  1.00 26.29 ? 49  GLY A C   1 
ATOM   409 O O   . GLY A 1 49 ? 5.822   8.416   -4.231  1.00 24.84 ? 49  GLY A O   1 
ATOM   410 N N   . LEU A 1 50 ? 5.254   7.289   -2.363  1.00 17.94 ? 50  LEU A N   1 
ATOM   411 C CA  . LEU A 1 50 ? 3.966   7.992   -2.237  1.00 15.79 ? 50  LEU A CA  1 
ATOM   412 C C   . LEU A 1 50 ? 4.179   9.472   -1.939  1.00 16.03 ? 50  LEU A C   1 
ATOM   413 O O   . LEU A 1 50 ? 5.172   9.835   -1.319  1.00 23.10 ? 50  LEU A O   1 
ATOM   414 C CB  . LEU A 1 50 ? 3.119   7.376   -1.125  1.00 15.56 ? 50  LEU A CB  1 
ATOM   415 C CG  . LEU A 1 50 ? 2.496   6.018   -1.425  1.00 19.51 ? 50  LEU A CG  1 
ATOM   416 C CD1 . LEU A 1 50 ? 2.194   5.293   -0.135  1.00 20.23 ? 50  LEU A CD1 1 
ATOM   417 C CD2 . LEU A 1 50 ? 1.225   6.206   -2.236  1.00 25.83 ? 50  LEU A CD2 1 
ATOM   418 N N   . PRO A 1 51 ? 3.233   10.325  -2.372  1.00 16.44 ? 51  PRO A N   1 
ATOM   419 C CA  . PRO A 1 51 ? 3.184   11.720  -1.926  1.00 18.19 ? 51  PRO A CA  1 
ATOM   420 C C   . PRO A 1 51 ? 3.076   11.790  -0.407  1.00 17.13 ? 51  PRO A C   1 
ATOM   421 O O   . PRO A 1 51 ? 2.417   10.933  0.182   1.00 19.05 ? 51  PRO A O   1 
ATOM   422 C CB  . PRO A 1 51 ? 1.899   12.264  -2.567  1.00 21.25 ? 51  PRO A CB  1 
ATOM   423 C CG  . PRO A 1 51 ? 1.574   11.341  -3.669  1.00 20.90 ? 51  PRO A CG  1 
ATOM   424 C CD  . PRO A 1 51 ? 2.132   9.990   -3.291  1.00 16.54 ? 51  PRO A CD  1 
ATOM   425 N N   . ASP A 1 52 ? 3.687   12.798  0.210   1.00 18.29 ? 52  ASP A N   1 
ATOM   426 C CA  . ASP A 1 52 ? 3.574   13.003  1.654   1.00 19.76 ? 52  ASP A CA  1 
ATOM   427 C C   . ASP A 1 52 ? 2.120   13.034  2.117   1.00 20.23 ? 52  ASP A C   1 
ATOM   428 O O   . ASP A 1 52 ? 1.822   12.676  3.252   1.00 20.84 ? 52  ASP A O   1 
ATOM   429 C CB  . ASP A 1 52 ? 4.268   14.314  2.084   1.00 21.88 ? 52  ASP A CB  1 
ATOM   430 C CG  . ASP A 1 52 ? 5.779   14.203  2.095   1.00 32.16 ? 52  ASP A CG  1 
ATOM   431 O OD1 . ASP A 1 52 ? 6.292   13.074  1.927   1.00 30.76 ? 52  ASP A OD1 1 
ATOM   432 O OD2 . ASP A 1 52 ? 6.460   15.240  2.293   1.00 28.38 ? 52  ASP A OD2 1 
ATOM   433 N N   . SER A 1 53 ? 1.220   13.484  1.245   1.00 19.08 ? 53  SER A N   1 
ATOM   434 C CA  . SER A 1 53 ? -0.161  13.698  1.649   1.00 19.85 ? 53  SER A CA  1 
ATOM   435 C C   . SER A 1 53 ? -1.001  12.417  1.594   1.00 18.87 ? 53  SER A C   1 
ATOM   436 O O   . SER A 1 53 ? -2.135  12.410  2.052   1.00 19.89 ? 53  SER A O   1 
ATOM   437 C CB  . SER A 1 53 ? -0.818  14.771  0.772   1.00 24.95 ? 53  SER A CB  1 
ATOM   438 O OG  . SER A 1 53 ? -0.747  14.406  -0.597  1.00 23.42 ? 53  SER A OG  1 
ATOM   439 N N   . GLU A 1 54 ? -0.455  11.342  1.034   1.00 17.39 ? 54  GLU A N   1 
ATOM   440 C CA  . GLU A 1 54 ? -1.236  10.097  0.914   1.00 16.85 ? 54  GLU A CA  1 
ATOM   441 C C   . GLU A 1 54 ? -1.229  9.347   2.234   1.00 17.68 ? 54  GLU A C   1 
ATOM   442 O O   . GLU A 1 54 ? -0.165  9.124   2.810   1.00 17.98 ? 54  GLU A O   1 
ATOM   443 C CB  . GLU A 1 54 ? -0.686  9.216   -0.200  1.00 17.09 ? 54  GLU A CB  1 
ATOM   444 C CG  . GLU A 1 54 ? -1.294  9.499   -1.551  1.00 40.70 ? 54  GLU A CG  1 
ATOM   445 C CD  . GLU A 1 54 ? -2.796  9.257   -1.569  1.00 55.17 ? 54  GLU A CD  1 
ATOM   446 O OE1 . GLU A 1 54 ? -3.505  9.977   -2.302  1.00 61.24 ? 54  GLU A OE1 1 
ATOM   447 O OE2 . GLU A 1 54 ? -3.265  8.348   -0.847  1.00 53.59 ? 54  GLU A OE2 1 
ATOM   448 N N   . PRO A 1 55 ? -2.413  8.973   2.739   1.00 18.60 ? 55  PRO A N   1 
ATOM   449 C CA  . PRO A 1 55 ? -2.407  8.288   4.035   1.00 19.94 ? 55  PRO A CA  1 
ATOM   450 C C   . PRO A 1 55 ? -1.748  6.905   3.978   1.00 19.30 ? 55  PRO A C   1 
ATOM   451 O O   . PRO A 1 55 ? -2.014  6.138   3.061   1.00 18.27 ? 55  PRO A O   1 
ATOM   452 C CB  . PRO A 1 55 ? -3.893  8.177   4.377   1.00 21.36 ? 55  PRO A CB  1 
ATOM   453 C CG  . PRO A 1 55 ? -4.602  8.326   3.060   1.00 33.60 ? 55  PRO A CG  1 
ATOM   454 C CD  . PRO A 1 55 ? -3.776  9.310   2.303   1.00 19.27 ? 55  PRO A CD  1 
ATOM   455 N N   . THR A 1 56 ? -0.890  6.615   4.952   1.00 20.48 ? 56  THR A N   1 
ATOM   456 C CA  . THR A 1 56 ? -0.256  5.297   5.063   1.00 20.69 ? 56  THR A CA  1 
ATOM   457 C C   . THR A 1 56 ? -0.494  4.691   6.436   1.00 23.14 ? 56  THR A C   1 
ATOM   458 O O   . THR A 1 56 ? -0.846  5.400   7.381   1.00 24.90 ? 56  THR A O   1 
ATOM   459 C CB  . THR A 1 56 ? 1.258   5.366   4.812   1.00 20.57 ? 56  THR A CB  1 
ATOM   460 O OG1 . THR A 1 56 ? 1.813   6.472   5.537   1.00 21.86 ? 56  THR A OG1 1 
ATOM   461 C CG2 . THR A 1 56 ? 1.538   5.538   3.334   1.00 18.58 ? 56  THR A CG2 1 
ATOM   462 N N   . LYS A 1 57 ? -0.286  3.381   6.548   1.00 23.76 ? 57  LYS A N   1 
ATOM   463 C CA  . LYS A 1 57 ? -0.598  2.672   7.781   1.00 26.47 ? 57  LYS A CA  1 
ATOM   464 C C   . LYS A 1 57 ? 0.320   3.068   8.925   1.00 29.05 ? 57  LYS A C   1 
ATOM   465 O O   . LYS A 1 57 ? 1.522   3.222   8.741   1.00 29.06 ? 57  LYS A O   1 
ATOM   466 C CB  . LYS A 1 57 ? -0.510  1.153   7.574   1.00 27.37 ? 57  LYS A CB  1 
ATOM   467 C CG  . LYS A 1 57 ? -1.116  0.373   8.729   1.00 29.92 ? 57  LYS A CG  1 
ATOM   468 C CD  . LYS A 1 57 ? -1.261  -1.090  8.413   1.00 41.71 ? 57  LYS A CD  1 
ATOM   469 C CE  . LYS A 1 57 ? -2.133  -1.764  9.458   1.00 51.57 ? 57  LYS A CE  1 
ATOM   470 N NZ  . LYS A 1 57 ? -3.395  -0.996  9.682   1.00 50.02 ? 57  LYS A NZ  1 
ATOM   471 N N   . THR A 1 58 ? -0.255  3.218   10.108  1.00 31.83 ? 58  THR A N   1 
ATOM   472 C CA  . THR A 1 58 ? 0.522   3.436   11.312  1.00 42.34 ? 58  THR A CA  1 
ATOM   473 C C   . THR A 1 58 ? 0.304   2.246   12.230  1.00 54.53 ? 58  THR A C   1 
ATOM   474 O O   . THR A 1 58 ? -0.424  1.317   11.878  1.00 58.61 ? 58  THR A O   1 
ATOM   475 C CB  . THR A 1 58 ? 0.118   4.730   12.024  1.00 46.99 ? 58  THR A CB  1 
ATOM   476 O OG1 . THR A 1 58 ? -1.238  4.618   12.469  1.00 53.40 ? 58  THR A OG1 1 
ATOM   477 C CG2 . THR A 1 58 ? 0.234   5.913   11.073  1.00 42.90 ? 58  THR A CG2 1 
ATOM   478 N N   . ASN A 1 59 ? 0.932   2.262   13.399  1.00 51.60 ? 59  ASN A N   1 
ATOM   479 C CA  . ASN A 1 59 ? 0.650   1.234   14.388  1.00 57.49 ? 59  ASN A CA  1 
ATOM   480 C C   . ASN A 1 59 ? -0.827  1.288   14.760  1.00 59.49 ? 59  ASN A C   1 
ATOM   481 O O   . ASN A 1 59 ? -1.313  2.291   15.278  1.00 64.44 ? 59  ASN A O   1 
ATOM   482 C CB  . ASN A 1 59 ? 1.538   1.395   15.627  1.00 63.25 ? 59  ASN A CB  1 
ATOM   483 C CG  . ASN A 1 59 ? 2.777   0.506   15.579  1.00 68.14 ? 59  ASN A CG  1 
ATOM   484 O OD1 . ASN A 1 59 ? 2.763   -0.558  14.959  1.00 73.46 ? 59  ASN A OD1 1 
ATOM   485 N ND2 . ASN A 1 59 ? 3.847   0.934   16.245  1.00 62.49 ? 59  ASN A ND2 1 
ATOM   486 N N   . GLY A 1 60 ? -1.541  0.212   14.459  1.00 60.53 ? 60  GLY A N   1 
ATOM   487 C CA  . GLY A 1 60 ? -2.965  0.140   14.715  1.00 59.05 ? 60  GLY A CA  1 
ATOM   488 C C   . GLY A 1 60 ? -3.621  -0.883  13.813  1.00 58.61 ? 60  GLY A C   1 
ATOM   489 O O   . GLY A 1 60 ? -3.100  -1.202  12.743  1.00 58.27 ? 60  GLY A O   1 
ATOM   490 N N   . LYS A 1 61 ? -4.761  -1.408  14.252  1.00 58.14 ? 61  LYS A N   1 
ATOM   491 C CA  . LYS A 1 61 ? -5.515  -2.369  13.459  1.00 54.18 ? 61  LYS A CA  1 
ATOM   492 C C   . LYS A 1 61 ? -6.572  -1.665  12.609  1.00 43.80 ? 61  LYS A C   1 
ATOM   493 O O   . LYS A 1 61 ? -6.901  -0.502  12.837  1.00 43.92 ? 61  LYS A O   1 
ATOM   494 C CB  . LYS A 1 61 ? -6.173  -3.416  14.364  1.00 58.80 ? 61  LYS A CB  1 
ATOM   495 C CG  . LYS A 1 61 ? -5.180  -4.294  15.115  1.00 62.59 ? 61  LYS A CG  1 
ATOM   496 C CD  . LYS A 1 61 ? -4.525  -5.310  14.191  1.00 58.93 ? 61  LYS A CD  1 
ATOM   497 C CE  . LYS A 1 61 ? -3.274  -5.904  14.822  1.00 57.91 ? 61  LYS A CE  1 
ATOM   498 N NZ  . LYS A 1 61 ? -3.413  -6.063  16.298  1.00 59.63 ? 61  LYS A NZ  1 
ATOM   499 N N   . CYS A 1 62 ? -7.100  -2.381  11.625  1.00 46.53 ? 62  CYS A N   1 
ATOM   500 C CA  . CYS A 1 62 ? -8.127  -1.835  10.750  1.00 46.57 ? 62  CYS A CA  1 
ATOM   501 C C   . CYS A 1 62 ? -9.453  -1.641  11.489  1.00 48.65 ? 62  CYS A C   1 
ATOM   502 O O   . CYS A 1 62 ? -9.935  -2.550  12.170  1.00 48.37 ? 62  CYS A O   1 
ATOM   503 C CB  . CYS A 1 62 ? -8.328  -2.751  9.541   1.00 48.54 ? 62  CYS A CB  1 
ATOM   504 S SG  . CYS A 1 62 ? -9.521  -2.140  8.345   1.00 69.83 ? 62  CYS A SG  1 
ATOM   505 N N   . LYS A 1 63 ? -10.034 -0.451  11.354  1.00 50.73 ? 63  LYS A N   1 
ATOM   506 C CA  . LYS A 1 63 ? -11.330 -0.144  11.952  1.00 51.84 ? 63  LYS A CA  1 
ATOM   507 C C   . LYS A 1 63 ? -12.414 -1.122  11.495  1.00 63.48 ? 63  LYS A C   1 
ATOM   508 O O   . LYS A 1 63 ? -13.358 -0.742  10.800  1.00 70.06 ? 63  LYS A O   1 
ATOM   509 C CB  . LYS A 1 63 ? -11.742 1.290   11.610  1.00 47.57 ? 63  LYS A CB  1 
HETATM 510 C C1  . GOL B 2 .  ? -5.642  0.349   -9.592  1.00 45.51 ? 101 GOL A C1  1 
HETATM 511 O O1  . GOL B 2 .  ? -6.165  1.470   -8.915  1.00 28.62 ? 101 GOL A O1  1 
HETATM 512 C C2  . GOL B 2 .  ? -6.748  -0.620  -9.982  1.00 45.67 ? 101 GOL A C2  1 
HETATM 513 O O2  . GOL B 2 .  ? -6.491  -1.824  -9.299  1.00 41.14 ? 101 GOL A O2  1 
HETATM 514 C C3  . GOL B 2 .  ? -6.684  -0.873  -11.487 1.00 50.49 ? 101 GOL A C3  1 
HETATM 515 O O3  . GOL B 2 .  ? -7.694  -1.773  -11.897 1.00 59.86 ? 101 GOL A O3  1 
HETATM 516 C C1  . GOL C 2 .  ? -5.354  -18.918 1.271   1.00 42.78 ? 102 GOL A C1  1 
HETATM 517 O O1  . GOL C 2 .  ? -5.396  -19.946 0.306   1.00 44.04 ? 102 GOL A O1  1 
HETATM 518 C C2  . GOL C 2 .  ? -3.946  -18.831 1.844   1.00 41.29 ? 102 GOL A C2  1 
HETATM 519 O O2  . GOL C 2 .  ? -3.710  -17.530 2.336   1.00 40.12 ? 102 GOL A O2  1 
HETATM 520 C C3  . GOL C 2 .  ? -2.919  -19.192 0.775   1.00 45.39 ? 102 GOL A C3  1 
HETATM 521 O O3  . GOL C 2 .  ? -1.623  -18.829 1.212   1.00 46.08 ? 102 GOL A O3  1 
HETATM 522 C C1  . GOL D 2 .  ? -15.040 4.965   4.012   1.00 53.91 ? 103 GOL A C1  1 
HETATM 523 O O1  . GOL D 2 .  ? -13.900 5.729   3.670   1.00 51.21 ? 103 GOL A O1  1 
HETATM 524 C C2  . GOL D 2 .  ? -14.732 3.474   3.899   1.00 59.36 ? 103 GOL A C2  1 
HETATM 525 O O2  . GOL D 2 .  ? -13.532 3.289   3.181   1.00 64.67 ? 103 GOL A O2  1 
HETATM 526 C C3  . GOL D 2 .  ? -15.865 2.729   3.198   1.00 56.69 ? 103 GOL A C3  1 
HETATM 527 O O3  . GOL D 2 .  ? -15.533 1.363   3.051   1.00 54.98 ? 103 GOL A O3  1 
HETATM 528 O O   . HOH E 3 .  ? -9.509  2.907   -1.267  1.00 37.14 ? 201 HOH A O   1 
HETATM 529 O O   . HOH E 3 .  ? -4.251  -2.583  -9.685  1.00 36.73 ? 202 HOH A O   1 
HETATM 530 O O   . HOH E 3 .  ? -9.128  -2.108  1.791   1.00 31.93 ? 203 HOH A O   1 
HETATM 531 O O   . HOH E 3 .  ? -7.487  -1.985  -6.150  1.00 34.81 ? 204 HOH A O   1 
HETATM 532 O O   . HOH E 3 .  ? 8.608   -3.259  1.869   1.00 33.39 ? 205 HOH A O   1 
HETATM 533 O O   . HOH E 3 .  ? 10.684  0.910   2.744   1.00 30.40 ? 206 HOH A O   1 
HETATM 534 O O   . HOH E 3 .  ? 5.355   17.471  2.387   1.00 21.15 ? 207 HOH A O   1 
HETATM 535 O O   . HOH E 3 .  ? 11.666  5.557   2.556   1.00 36.52 ? 208 HOH A O   1 
HETATM 536 O O   . HOH E 3 .  ? 6.580   -9.992  -1.902  1.00 27.88 ? 209 HOH A O   1 
HETATM 537 O O   . HOH E 3 .  ? 12.960  4.053   -0.526  1.00 40.28 ? 210 HOH A O   1 
HETATM 538 O O   . HOH E 3 .  ? 10.246  -1.894  1.647   1.00 31.83 ? 211 HOH A O   1 
HETATM 539 O O   . HOH E 3 .  ? 7.697   1.757   5.587   1.00 35.03 ? 212 HOH A O   1 
HETATM 540 O O   . HOH E 3 .  ? -6.520  -3.858  -2.450  1.00 17.54 ? 213 HOH A O   1 
HETATM 541 O O   . HOH E 3 .  ? 11.107  5.517   -4.897  1.00 40.55 ? 214 HOH A O   1 
HETATM 542 O O   . HOH E 3 .  ? -3.626  14.089  3.528   1.00 26.74 ? 215 HOH A O   1 
HETATM 543 O O   . HOH E 3 .  ? -5.872  8.065   -1.507  1.00 38.98 ? 216 HOH A O   1 
HETATM 544 O O   . HOH E 3 .  ? -8.170  -4.140  2.010   1.00 23.71 ? 217 HOH A O   1 
HETATM 545 O O   . HOH E 3 .  ? -5.171  -22.617 0.766   1.00 49.42 ? 218 HOH A O   1 
HETATM 546 O O   . HOH E 3 .  ? 3.889   -11.234 -3.799  1.00 31.77 ? 219 HOH A O   1 
HETATM 547 O O   . HOH E 3 .  ? -4.832  5.331   -0.071  1.00 28.41 ? 220 HOH A O   1 
HETATM 548 O O   A HOH E 3 .  ? 10.832  13.221  0.664   0.74 24.19 ? 221 HOH A O   1 
HETATM 549 O O   B HOH E 3 .  ? 11.586  12.158  1.876   0.26 13.36 ? 221 HOH A O   1 
HETATM 550 O O   . HOH E 3 .  ? -1.905  -1.361  1.753   1.00 18.41 ? 222 HOH A O   1 
HETATM 551 O O   . HOH E 3 .  ? 11.227  11.570  -7.624  1.00 67.91 ? 223 HOH A O   1 
HETATM 552 O O   . HOH E 3 .  ? -2.223  10.455  -4.716  1.00 42.03 ? 224 HOH A O   1 
HETATM 553 O O   . HOH E 3 .  ? 1.165   14.685  5.087   1.00 27.69 ? 225 HOH A O   1 
HETATM 554 O O   . HOH E 3 .  ? 1.795   -15.421 3.288   1.00 34.55 ? 226 HOH A O   1 
HETATM 555 O O   . HOH E 3 .  ? 10.571  7.452   -1.117  1.00 37.19 ? 227 HOH A O   1 
HETATM 556 O O   . HOH E 3 .  ? -4.983  -11.606 -1.079  1.00 17.54 ? 228 HOH A O   1 
HETATM 557 O O   . HOH E 3 .  ? -6.239  10.426  -1.602  1.00 36.98 ? 229 HOH A O   1 
HETATM 558 O O   . HOH E 3 .  ? 6.403   -4.840  -8.327  1.00 39.79 ? 230 HOH A O   1 
HETATM 559 O O   . HOH E 3 .  ? -0.394  -2.137  12.882  1.00 60.33 ? 231 HOH A O   1 
HETATM 560 O O   . HOH E 3 .  ? -6.647  6.215   7.905   1.00 48.22 ? 232 HOH A O   1 
HETATM 561 O O   . HOH E 3 .  ? 3.502   -12.011 -7.642  1.00 42.02 ? 233 HOH A O   1 
HETATM 562 O O   . HOH E 3 .  ? -5.586  -4.351  10.103  1.00 52.17 ? 234 HOH A O   1 
HETATM 563 O O   . HOH E 3 .  ? -0.570  -14.249 -6.940  1.00 26.17 ? 235 HOH A O   1 
HETATM 564 O O   . HOH E 3 .  ? 2.958   2.235   6.241   1.00 19.52 ? 236 HOH A O   1 
HETATM 565 O O   A HOH E 3 .  ? 11.148  9.948   3.251   0.39 13.63 ? 237 HOH A O   1 
HETATM 566 O O   B HOH E 3 .  ? 12.807  9.554   3.103   0.61 39.49 ? 237 HOH A O   1 
HETATM 567 O O   . HOH E 3 .  ? -7.166  6.823   0.932   1.00 44.72 ? 238 HOH A O   1 
HETATM 568 O O   . HOH E 3 .  ? 2.761   7.320   -10.714 1.00 42.90 ? 239 HOH A O   1 
HETATM 569 O O   . HOH E 3 .  ? 8.808   4.428   5.655   1.00 37.19 ? 240 HOH A O   1 
HETATM 570 O O   . HOH E 3 .  ? -5.837  11.349  -9.195  1.00 41.90 ? 241 HOH A O   1 
HETATM 571 O O   . HOH E 3 .  ? -4.839  -3.169  7.663   1.00 33.00 ? 242 HOH A O   1 
HETATM 572 O O   . HOH E 3 .  ? -3.350  -13.596 -9.853  1.00 37.68 ? 243 HOH A O   1 
HETATM 573 O O   . HOH E 3 .  ? -9.184  5.522   -0.246  1.00 41.35 ? 244 HOH A O   1 
HETATM 574 O O   . HOH E 3 .  ? 3.429   -10.836 -9.595  1.00 39.35 ? 245 HOH A O   1 
HETATM 575 O O   . HOH E 3 .  ? 5.689   14.476  -1.654  1.00 32.32 ? 246 HOH A O   1 
HETATM 576 O O   . HOH E 3 .  ? -3.383  6.191   9.509   1.00 40.26 ? 247 HOH A O   1 
HETATM 577 O O   . HOH E 3 .  ? -4.755  8.200   -11.624 1.00 44.17 ? 248 HOH A O   1 
HETATM 578 O O   . HOH E 3 .  ? -5.677  -13.538 -11.625 1.00 42.85 ? 249 HOH A O   1 
HETATM 579 O O   . HOH E 3 .  ? 2.163   15.830  -1.001  1.00 36.09 ? 250 HOH A O   1 
HETATM 580 O O   . HOH E 3 .  ? -6.770  3.881   -13.541 1.00 49.03 ? 251 HOH A O   1 
HETATM 581 O O   A HOH E 3 .  ? -7.592  1.948   -12.696 0.64 55.28 ? 252 HOH A O   1 
HETATM 582 O O   B HOH E 3 .  ? -8.967  3.499   -12.943 0.36 24.79 ? 252 HOH A O   1 
HETATM 583 O O   . HOH E 3 .  ? 6.058   -16.684 5.865   1.00 40.46 ? 253 HOH A O   1 
HETATM 584 O O   A HOH E 3 .  ? 11.761  1.025   -6.709  0.61 38.30 ? 254 HOH A O   1 
HETATM 585 O O   B HOH E 3 .  ? 11.110  2.666   -6.747  0.39 30.57 ? 254 HOH A O   1 
HETATM 586 O O   . HOH E 3 .  ? -1.385  -3.181  16.381  1.00 61.54 ? 255 HOH A O   1 
HETATM 587 O O   . HOH E 3 .  ? -6.567  -4.646  6.161   1.00 45.21 ? 256 HOH A O   1 
HETATM 588 O O   . HOH E 3 .  ? -11.073 5.905   1.512   1.00 48.48 ? 257 HOH A O   1 
HETATM 589 O O   . HOH E 3 .  ? -7.473  -14.659 -10.852 1.00 33.70 ? 258 HOH A O   1 
HETATM 590 O O   . HOH E 3 .  ? -7.460  7.508   5.829   1.00 49.08 ? 259 HOH A O   1 
HETATM 591 O O   . HOH E 3 .  ? 0.283   -10.337 8.904   1.00 42.38 ? 260 HOH A O   1 
HETATM 592 O O   . HOH E 3 .  ? 11.597  8.143   1.895   1.00 38.59 ? 261 HOH A O   1 
HETATM 593 O O   . HOH E 3 .  ? 13.823  6.501   0.260   1.00 50.45 ? 262 HOH A O   1 
HETATM 594 O O   . HOH E 3 .  ? 5.353   -5.454  -10.879 1.00 48.26 ? 263 HOH A O   1 
HETATM 595 O O   . HOH E 3 .  ? -1.607  -13.618 7.018   1.00 57.77 ? 264 HOH A O   1 
HETATM 596 O O   . HOH E 3 .  ? 8.934   -3.187  -8.357  1.00 54.01 ? 265 HOH A O   1 
HETATM 597 O O   . HOH E 3 .  ? 4.846   -15.352 7.345   1.00 47.24 ? 266 HOH A O   1 
HETATM 598 O O   . HOH E 3 .  ? 1.136   18.004  1.272   1.00 40.90 ? 267 HOH A O   1 
# 
loop_
_atom_site_anisotrop.id 
_atom_site_anisotrop.type_symbol 
_atom_site_anisotrop.pdbx_label_atom_id 
_atom_site_anisotrop.pdbx_label_alt_id 
_atom_site_anisotrop.pdbx_label_comp_id 
_atom_site_anisotrop.pdbx_label_asym_id 
_atom_site_anisotrop.pdbx_label_seq_id 
_atom_site_anisotrop.pdbx_PDB_ins_code 
_atom_site_anisotrop.U[1][1] 
_atom_site_anisotrop.U[2][2] 
_atom_site_anisotrop.U[3][3] 
_atom_site_anisotrop.U[1][2] 
_atom_site_anisotrop.U[1][3] 
_atom_site_anisotrop.U[2][3] 
_atom_site_anisotrop.pdbx_auth_seq_id 
_atom_site_anisotrop.pdbx_auth_comp_id 
_atom_site_anisotrop.pdbx_auth_asym_id 
_atom_site_anisotrop.pdbx_auth_atom_id 
1   N N   . LYS A 1  ? 0.2983 0.2159 0.4938 -0.0751 -0.0587 0.0280  1  LYS A N   
2   C CA  . LYS A 1  ? 0.2691 0.2164 0.4372 -0.0660 -0.0331 0.0244  1  LYS A CA  
3   C C   . LYS A 1  ? 0.2592 0.2053 0.4170 -0.0525 -0.0463 0.0041  1  LYS A C   
4   O O   . LYS A 1  ? 0.2750 0.2075 0.4547 -0.0551 -0.0731 -0.0039 1  LYS A O   
5   C CB  . LYS A 1  ? 0.4126 0.4024 0.6135 -0.0812 -0.0042 0.0386  1  LYS A CB  
6   C CG  . LYS A 1  ? 0.5659 0.5604 0.7555 -0.0988 0.0128  0.0642  1  LYS A CG  
7   C CD  . LYS A 1  ? 0.6349 0.6746 0.8559 -0.1187 0.0457  0.0762  1  LYS A CD  
8   C CE  . LYS A 1  ? 0.6072 0.6769 0.7983 -0.1106 0.0768  0.0617  1  LYS A CE  
9   N NZ  . LYS A 1  ? 0.6587 0.7757 0.8784 -0.1298 0.1162  0.0663  1  LYS A NZ  
10  N N   . LYS A 2  ? 0.2398 0.1976 0.3639 -0.0404 -0.0318 -0.0015 2  LYS A N   
11  C CA  . LYS A 2  ? 0.2427 0.2001 0.3572 -0.0314 -0.0456 -0.0131 2  LYS A CA  
12  C C   . LYS A 2  ? 0.2419 0.2242 0.3522 -0.0243 -0.0261 -0.0131 2  LYS A C   
13  O O   . LYS A 2  ? 0.2093 0.2024 0.3023 -0.0234 -0.0028 -0.0088 2  LYS A O   
14  C CB  . LYS A 2  ? 0.2600 0.1855 0.3206 -0.0222 -0.0620 -0.0250 2  LYS A CB  
15  C CG  . LYS A 2  ? 0.2823 0.2019 0.3041 -0.0126 -0.0436 -0.0258 2  LYS A CG  
16  C CD  . LYS A 2  ? 0.3825 0.2790 0.3573 -0.0035 -0.0523 -0.0424 2  LYS A CD  
17  C CE  . LYS A 2  ? 0.2944 0.1901 0.2486 0.0076  -0.0328 -0.0442 2  LYS A CE  
18  N NZ  . LYS A 2  ? 0.3128 0.1959 0.2242 0.0167  -0.0303 -0.0631 2  LYS A NZ  
19  N N   . ASP A 3  ? 0.2069 0.1945 0.3351 -0.0207 -0.0410 -0.0175 3  ASP A N   
20  C CA  . ASP A 3  ? 0.1887 0.1924 0.3188 -0.0126 -0.0307 -0.0196 3  ASP A CA  
21  C C   . ASP A 3  ? 0.2460 0.2296 0.3271 -0.0062 -0.0472 -0.0179 3  ASP A C   
22  O O   . ASP A 3  ? 0.2272 0.1903 0.2871 -0.0094 -0.0722 -0.0174 3  ASP A O   
23  C CB  . ASP A 3  ? 0.1805 0.2065 0.3835 -0.0135 -0.0366 -0.0236 3  ASP A CB  
24  C CG  . ASP A 3  ? 0.1930 0.2454 0.4526 -0.0229 -0.0167 -0.0253 3  ASP A CG  
25  O OD1 . ASP A 3  ? 0.2091 0.2683 0.4450 -0.0293 0.0100  -0.0217 3  ASP A OD1 
26  O OD2 . ASP A 3  ? 0.3103 0.3776 0.6420 -0.0257 -0.0292 -0.0274 3  ASP A OD2 
27  N N   . GLY A 4  ? 0.1982 0.1880 0.2592 0.0005  -0.0338 -0.0166 4  GLY A N   
28  C CA  . GLY A 4  ? 0.2014 0.1780 0.2225 0.0030  -0.0462 -0.0103 4  GLY A CA  
29  C C   . GLY A 4  ? 0.1865 0.1705 0.1902 0.0088  -0.0289 -0.0074 4  GLY A C   
30  O O   . GLY A 4  ? 0.1954 0.1918 0.2124 0.0112  -0.0105 -0.0120 4  GLY A O   
31  N N   . TYR A 5  ? 0.2016 0.1781 0.1733 0.0084  -0.0361 0.0018  5  TYR A N   
32  C CA  . TYR A 5  ? 0.1909 0.1743 0.1510 0.0122  -0.0226 0.0074  5  TYR A CA  
33  C C   . TYR A 5  ? 0.1933 0.1753 0.1239 0.0160  -0.0042 0.0036  5  TYR A C   
34  O O   . TYR A 5  ? 0.2189 0.1923 0.1175 0.0152  -0.0034 0.0015  5  TYR A O   
35  C CB  . TYR A 5  ? 0.2106 0.1906 0.1566 0.0068  -0.0366 0.0237  5  TYR A CB  
36  C CG  . TYR A 5  ? 0.2177 0.1931 0.2001 0.0024  -0.0646 0.0320  5  TYR A CG  
37  C CD1 . TYR A 5  ? 0.2008 0.1820 0.2307 0.0059  -0.0698 0.0327  5  TYR A CD1 
38  C CD2 . TYR A 5  ? 0.2477 0.2106 0.2215 -0.0055 -0.0901 0.0383  5  TYR A CD2 
39  C CE1 . TYR A 5  ? 0.2100 0.1855 0.2886 0.0040  -0.0985 0.0389  5  TYR A CE1 
40  C CE2 . TYR A 5  ? 0.2577 0.2150 0.2771 -0.0097 -0.1225 0.0493  5  TYR A CE2 
41  C CZ  . TYR A 5  ? 0.2369 0.2011 0.3137 -0.0038 -0.1258 0.0494  5  TYR A CZ  
42  O OH  . TYR A 5  ? 0.2489 0.2062 0.3861 -0.0056 -0.1606 0.0588  5  TYR A OH  
43  N N   . PRO A 6  ? 0.1746 0.1633 0.1164 0.0197  0.0089  0.0013  6  PRO A N   
44  C CA  . PRO A 6  ? 0.2038 0.1899 0.1325 0.0243  0.0204  0.0009  6  PRO A CA  
45  C C   . PRO A 6  ? 0.2278 0.2214 0.1467 0.0267  0.0271  0.0075  6  PRO A C   
46  O O   . PRO A 6  ? 0.2468 0.2476 0.1720 0.0231  0.0219  0.0173  6  PRO A O   
47  C CB  . PRO A 6  ? 0.2004 0.1914 0.1425 0.0234  0.0244  0.0035  6  PRO A CB  
48  C CG  . PRO A 6  ? 0.2135 0.2130 0.1677 0.0206  0.0210  0.0025  6  PRO A CG  
49  C CD  . PRO A 6  ? 0.2266 0.2247 0.1918 0.0189  0.0121  -0.0013 6  PRO A CD  
50  N N   . VAL A 7  ? 0.2009 0.1939 0.1115 0.0322  0.0392  0.0018  7  VAL A N   
51  C CA  . VAL A 7  ? 0.2133 0.2204 0.1192 0.0331  0.0529  0.0071  7  VAL A CA  
52  C C   . VAL A 7  ? 0.2553 0.2703 0.1899 0.0428  0.0663  0.0029  7  VAL A C   
53  O O   . VAL A 7  ? 0.2115 0.2145 0.1603 0.0487  0.0622  -0.0051 7  VAL A O   
54  C CB  . VAL A 7  ? 0.2550 0.2588 0.1181 0.0287  0.0597  0.0000  7  VAL A CB  
55  C CG1 . VAL A 7  ? 0.2648 0.2607 0.1064 0.0168  0.0388  0.0114  7  VAL A CG1 
56  C CG2 . VAL A 7  ? 0.2788 0.2661 0.1285 0.0353  0.0634  -0.0242 7  VAL A CG2 
57  N N   . GLU A 8  ? 0.2329 0.2685 0.1848 0.0431  0.0794  0.0116  8  GLU A N   
58  C CA  . GLU A 8  ? 0.2893 0.3376 0.2797 0.0538  0.0954  0.0050  8  GLU A CA  
59  C C   . GLU A 8  ? 0.4352 0.4993 0.4066 0.0550  0.1253  -0.0080 8  GLU A C   
60  O O   . GLU A 8  ? 0.4557 0.5201 0.3781 0.0437  0.1287  -0.0041 8  GLU A O   
61  C CB  . GLU A 8  ? 0.2284 0.2930 0.2661 0.0526  0.0888  0.0236  8  GLU A CB  
62  C CG  . GLU A 8  ? 0.3317 0.4045 0.3620 0.0403  0.0806  0.0426  8  GLU A CG  
63  C CD  . GLU A 8  ? 0.5070 0.5925 0.5876 0.0384  0.0696  0.0584  8  GLU A CD  
64  O OE1 . GLU A 8  ? 0.3104 0.4042 0.3981 0.0283  0.0638  0.0739  8  GLU A OE1 
65  O OE2 . GLU A 8  ? 0.4767 0.5615 0.5936 0.0456  0.0621  0.0573  8  GLU A OE2 
66  N N   . TYR A 9  ? 0.4172 0.4946 0.4275 0.0675  0.1466  -0.0239 9  TYR A N   
67  C CA  . TYR A 9  ? 0.5402 0.6375 0.5317 0.0634  0.1692  -0.0435 9  TYR A CA  
68  C C   . TYR A 9  ? 0.6166 0.7430 0.5990 0.0463  0.1819  -0.0227 9  TYR A C   
69  O O   . TYR A 9  ? 0.6999 0.8412 0.7299 0.0454  0.1802  -0.0008 9  TYR A O   
70  C CB  . TYR A 9  ? 0.5219 0.6315 0.5703 0.0815  0.1814  -0.0652 9  TYR A CB  
71  N N   . ASP A 10 ? 0.5430 0.6766 0.4650 0.0307  0.1903  -0.0262 10 ASP A N   
72  C CA  . ASP A 10 ? 0.5508 0.6661 0.4146 0.0327  0.1822  -0.0464 10 ASP A CA  
73  C C   . ASP A 10 ? 0.5803 0.6739 0.3888 0.0117  0.1593  -0.0244 10 ASP A C   
74  O O   . ASP A 10 ? 0.7332 0.8344 0.5170 -0.0089 0.1617  -0.0040 10 ASP A O   
75  N N   . ASN A 11 ? 0.5054 0.5653 0.3002 0.0157  0.1354  -0.0272 11 ASN A N   
76  C CA  . ASN A 11 ? 0.5545 0.5949 0.3098 0.0027  0.1076  -0.0071 11 ASN A CA  
77  C C   . ASN A 11 ? 0.4628 0.5022 0.2367 -0.0052 0.0980  0.0275  11 ASN A C   
78  O O   . ASN A 11 ? 0.4485 0.4749 0.1963 -0.0159 0.0773  0.0489  11 ASN A O   
79  C CB  . ASN A 11 ? 0.6553 0.6878 0.3471 0.0025  0.1041  -0.0054 11 ASN A CB  
80  C CG  . ASN A 11 ? 0.7022 0.7056 0.3633 -0.0083 0.0673  -0.0016 11 ASN A CG  
81  O OD1 . ASN A 11 ? 0.5331 0.5190 0.2134 -0.0057 0.0506  -0.0114 11 ASN A OD1 
82  N ND2 . ASN A 11 ? 0.7546 0.7501 0.3709 -0.0220 0.0538  0.0140  11 ASN A ND2 
83  N N   . CYS A 12 ? 0.3346 0.3932 0.1654 0.0053  0.1063  0.0342  12 CYS A N   
84  C CA  . CYS A 12 ? 0.3386 0.4049 0.2026 -0.0003 0.0908  0.0629  12 CYS A CA  
85  C C   . CYS A 12 ? 0.2848 0.3332 0.1801 0.0076  0.0645  0.0580  12 CYS A C   
86  O O   . CYS A 12 ? 0.2468 0.2945 0.1696 0.0192  0.0676  0.0457  12 CYS A O   
87  C CB  . CYS A 12 ? 0.4317 0.5265 0.3428 0.0008  0.1107  0.0731  12 CYS A CB  
88  S SG  . CYS A 12 ? 0.9140 1.0279 0.8055 -0.0102 0.1461  0.0630  12 CYS A SG  
89  N N   . ALA A 13 ? 0.2451 0.2796 0.1378 0.0001  0.0390  0.0683  13 ALA A N   
90  C CA  . ALA A 13 ? 0.2123 0.2343 0.1325 0.0066  0.0207  0.0589  13 ALA A CA  
91  C C   . ALA A 13 ? 0.2326 0.2605 0.1939 0.0089  0.0156  0.0635  13 ALA A C   
92  O O   . ALA A 13 ? 0.2246 0.2652 0.2030 0.0042  0.0197  0.0786  13 ALA A O   
93  C CB  . ALA A 13 ? 0.2224 0.2302 0.1408 -0.0001 -0.0041 0.0642  13 ALA A CB  
94  N N   . TYR A 14 ? 0.1973 0.2170 0.1729 0.0143  0.0074  0.0493  14 TYR A N   
95  C CA  . TYR A 14 ? 0.1805 0.2007 0.1823 0.0152  -0.0002 0.0474  14 TYR A CA  
96  C C   . TYR A 14 ? 0.2352 0.2478 0.2622 0.0113  -0.0193 0.0488  14 TYR A C   
97  O O   . TYR A 14 ? 0.2406 0.2457 0.2743 0.0137  -0.0259 0.0358  14 TYR A O   
98  C CB  . TYR A 14 ? 0.1686 0.1838 0.1621 0.0195  0.0029  0.0305  14 TYR A CB  
99  C CG  . TYR A 14 ? 0.1600 0.1780 0.1433 0.0231  0.0136  0.0324  14 TYR A CG  
100 C CD1 . TYR A 14 ? 0.1495 0.1709 0.1473 0.0231  0.0091  0.0388  14 TYR A CD1 
101 C CD2 . TYR A 14 ? 0.2472 0.2622 0.2144 0.0264  0.0234  0.0275  14 TYR A CD2 
102 C CE1 . TYR A 14 ? 0.2599 0.2824 0.2633 0.0277  0.0140  0.0416  14 TYR A CE1 
103 C CE2 . TYR A 14 ? 0.2330 0.2471 0.2028 0.0314  0.0302  0.0267  14 TYR A CE2 
104 C CZ  . TYR A 14 ? 0.2823 0.3007 0.2738 0.0327  0.0255  0.0347  14 TYR A CZ  
105 O OH  . TYR A 14 ? 0.4117 0.4275 0.4197 0.0388  0.0277  0.0349  14 TYR A OH  
106 N N   . ILE A 15 ? 0.2035 0.2182 0.2551 0.0055  -0.0295 0.0643  15 ILE A N   
107 C CA  . ILE A 15 ? 0.1733 0.1755 0.2602 0.0028  -0.0527 0.0633  15 ILE A CA  
108 C C   . ILE A 15 ? 0.1823 0.1760 0.2791 0.0098  -0.0564 0.0330  15 ILE A C   
109 O O   . ILE A 15 ? 0.2322 0.2292 0.3095 0.0113  -0.0480 0.0242  15 ILE A O   
110 C CB  . ILE A 15 ? 0.1811 0.1850 0.2983 -0.0078 -0.0662 0.0891  15 ILE A CB  
111 C CG1 . ILE A 15 ? 0.1743 0.1869 0.3015 -0.0078 -0.0620 0.0886  15 ILE A CG1 
112 C CG2 . ILE A 15 ? 0.2939 0.3089 0.3922 -0.0191 -0.0584 0.1200  15 ILE A CG2 
113 C CD1 . ILE A 15 ? 0.3054 0.3187 0.4781 -0.0194 -0.0801 0.1120  15 ILE A CD1 
114 N N   . CYS A 16 ? 0.1884 0.1711 0.3154 0.0134  -0.0692 0.0164  16 CYS A N   
115 C CA  . CYS A 16 ? 0.1852 0.1610 0.3201 0.0189  -0.0691 -0.0180 16 CYS A CA  
116 C C   . CYS A 16 ? 0.1996 0.1660 0.3451 0.0144  -0.0851 -0.0185 16 CYS A C   
117 O O   . CYS A 16 ? 0.2131 0.1772 0.3844 0.0074  -0.1011 0.0083  16 CYS A O   
118 C CB  . CYS A 16 ? 0.1947 0.1625 0.3777 0.0259  -0.0789 -0.0394 16 CYS A CB  
119 S SG  . CYS A 16 ? 0.2018 0.1791 0.3922 0.0287  -0.0728 -0.0315 16 CYS A SG  
120 N N   . TRP A 17 ? 0.2191 0.1800 0.3421 0.0155  -0.0816 -0.0475 17 TRP A N   
121 C CA  . TRP A 17 ? 0.2468 0.1905 0.3882 0.0121  -0.1049 -0.0615 17 TRP A CA  
122 C C   . TRP A 17 ? 0.2628 0.1919 0.4573 0.0194  -0.1174 -0.0871 17 TRP A C   
123 O O   . TRP A 17 ? 0.2739 0.2060 0.4662 0.0278  -0.1003 -0.1214 17 TRP A O   
124 C CB  . TRP A 17 ? 0.2775 0.2168 0.3652 0.0082  -0.0997 -0.0863 17 TRP A CB  
125 C CG  . TRP A 17 ? 0.3183 0.2353 0.4149 0.0034  -0.1271 -0.1069 17 TRP A CG  
126 C CD1 . TRP A 17 ? 0.3640 0.2646 0.4548 0.0065  -0.1295 -0.1545 17 TRP A CD1 
127 C CD2 . TRP A 17 ? 0.3227 0.2316 0.4393 -0.0058 -0.1562 -0.0837 17 TRP A CD2 
128 N NE1 . TRP A 17 ? 0.4002 0.2805 0.4975 -0.0002 -0.1594 -0.1603 17 TRP A NE1 
129 C CE2 . TRP A 17 ? 0.3735 0.2561 0.4924 -0.0089 -0.1811 -0.1182 17 TRP A CE2 
130 C CE3 . TRP A 17 ? 0.2931 0.2163 0.4316 -0.0117 -0.1623 -0.0398 17 TRP A CE3 
131 C CZ2 . TRP A 17 ? 0.3930 0.2648 0.5328 -0.0168 -0.2107 -0.1015 17 TRP A CZ2 
132 C CZ3 . TRP A 17 ? 0.3093 0.2233 0.4800 -0.0216 -0.1939 -0.0267 17 TRP A CZ3 
133 C CH2 . TRP A 17 ? 0.3583 0.2446 0.5289 -0.0242 -0.2199 -0.0562 17 TRP A CH2 
134 N N   . ASN A 18 ? 0.2663 0.1814 0.5165 0.0159  -0.1464 -0.0688 18 ASN A N   
135 C CA  . ASN A 18 ? 0.2811 0.1869 0.5938 0.0237  -0.1629 -0.0825 18 ASN A CA  
136 C C   . ASN A 18 ? 0.3356 0.2545 0.6593 0.0311  -0.1472 -0.0857 18 ASN A C   
137 O O   . ASN A 18 ? 0.2410 0.1636 0.5539 0.0264  -0.1451 -0.0515 18 ASN A O   
138 C CB  . ASN A 18 ? 0.3219 0.2227 0.6368 0.0314  -0.1638 -0.1264 18 ASN A CB  
139 C CG  . ASN A 18 ? 0.3447 0.2301 0.6496 0.0235  -0.1849 -0.1201 18 ASN A CG  
140 O OD1 . ASN A 18 ? 0.3336 0.2163 0.6704 0.0160  -0.2068 -0.0808 18 ASN A OD1 
141 N ND2 . ASN A 18 ? 0.3817 0.2596 0.6383 0.0223  -0.1776 -0.1544 18 ASN A ND2 
142 N N   . TYR A 19 ? 0.2805 0.2107 0.6248 0.0415  -0.1352 -0.1235 19 TYR A N   
143 C CA  . TYR A 19 ? 0.2667 0.2148 0.6234 0.0464  -0.1173 -0.1303 19 TYR A CA  
144 C C   . TYR A 19 ? 0.2761 0.2395 0.5887 0.0512  -0.0782 -0.1664 19 TYR A C   
145 O O   . TYR A 19 ? 0.2807 0.2636 0.6185 0.0551  -0.0613 -0.1838 19 TYR A O   
146 C CB  . TYR A 19 ? 0.2825 0.2387 0.7161 0.0488  -0.1356 -0.1384 19 TYR A CB  
147 C CG  . TYR A 19 ? 0.2799 0.2267 0.7547 0.0366  -0.1732 -0.0979 19 TYR A CG  
148 C CD1 . TYR A 19 ? 0.2671 0.2102 0.7322 0.0258  -0.1780 -0.0666 19 TYR A CD1 
149 C CD2 . TYR A 19 ? 0.3011 0.2400 0.8184 0.0325  -0.2041 -0.0907 19 TYR A CD2 
150 C CE1 . TYR A 19 ? 0.2860 0.2123 0.7619 0.0096  -0.2044 -0.0278 19 TYR A CE1 
151 C CE2 . TYR A 19 ? 0.3187 0.2412 0.8473 0.0173  -0.2275 -0.0496 19 TYR A CE2 
152 C CZ  . TYR A 19 ? 0.3136 0.2302 0.8177 0.0053  -0.2260 -0.0188 19 TYR A CZ  
153 O OH  . TYR A 19 ? 0.3407 0.2439 0.8503 -0.0118 -0.2481 0.0210  19 TYR A OH  
154 N N   . ASP A 20 ? 0.2849 0.2413 0.5318 0.0465  -0.0659 -0.1743 20 ASP A N   
155 C CA  . ASP A 20 ? 0.3382 0.3088 0.5292 0.0441  -0.0320 -0.2037 20 ASP A CA  
156 C C   . ASP A 20 ? 0.2889 0.2811 0.4542 0.0423  -0.0035 -0.1954 20 ASP A C   
157 O O   . ASP A 20 ? 0.2634 0.2555 0.3915 0.0369  -0.0036 -0.1683 20 ASP A O   
158 C CB  . ASP A 20 ? 0.4380 0.3924 0.5629 0.0344  -0.0383 -0.2071 20 ASP A CB  
159 C CG  . ASP A 20 ? 0.6329 0.5914 0.7021 0.0287  -0.0151 -0.2378 20 ASP A CG  
160 O OD1 . ASP A 20 ? 0.5960 0.5753 0.6435 0.0273  0.0173  -0.2448 20 ASP A OD1 
161 O OD2 . ASP A 20 ? 0.7708 0.7092 0.8176 0.0241  -0.0309 -0.2519 20 ASP A OD2 
162 N N   . ASN A 21 ? 0.3854 0.3939 0.3581 -0.0167 0.1813  -0.1373 21 ASN A N   
163 C CA  . ASN A 21 ? 0.3896 0.4215 0.3773 -0.0184 0.1876  -0.1217 21 ASN A CA  
164 C C   . ASN A 21 ? 0.4281 0.4453 0.3348 -0.0370 0.1809  -0.1196 21 ASN A C   
165 O O   . ASN A 21 ? 0.4182 0.4532 0.3192 -0.0410 0.1679  -0.1034 21 ASN A O   
166 C CB  . ASN A 21 ? 0.4006 0.4399 0.4464 -0.0115 0.2210  -0.1179 21 ASN A CB  
167 C CG  . ASN A 21 ? 0.3424 0.4071 0.4848 0.0057  0.2161  -0.1046 21 ASN A CG  
168 O OD1 . ASN A 21 ? 0.2872 0.3738 0.4587 0.0103  0.1878  -0.0913 21 ASN A OD1 
169 N ND2 . ASN A 21 ? 0.4396 0.4975 0.6315 0.0124  0.2422  -0.1059 21 ASN A ND2 
170 N N   . ALA A 22 ? 0.4735 0.4559 0.3182 -0.0508 0.1873  -0.1330 22 ALA A N   
171 C CA  . ALA A 22 ? 0.5207 0.4852 0.2901 -0.0710 0.1758  -0.1271 22 ALA A CA  
172 C C   . ALA A 22 ? 0.5047 0.4796 0.2514 -0.0751 0.1329  -0.1111 22 ALA A C   
173 O O   . ALA A 22 ? 0.5516 0.5327 0.2765 -0.0824 0.1196  -0.0930 22 ALA A O   
174 C CB  . ALA A 22 ? 0.6059 0.5280 0.3138 -0.0895 0.1862  -0.1435 22 ALA A CB  
175 N N   . TYR A 23 ? 0.4591 0.4345 0.2174 -0.0697 0.1119  -0.1161 23 TYR A N   
176 C CA  . TYR A 23 ? 0.4631 0.4489 0.2154 -0.0718 0.0733  -0.1003 23 TYR A CA  
177 C C   . TYR A 23 ? 0.3838 0.3962 0.1716 -0.0630 0.0685  -0.0799 23 TYR A C   
178 O O   . TYR A 23 ? 0.3727 0.3868 0.1412 -0.0700 0.0479  -0.0586 23 TYR A O   
179 C CB  . TYR A 23 ? 0.3954 0.3814 0.1755 -0.0630 0.0586  -0.1106 23 TYR A CB  
180 C CG  . TYR A 23 ? 0.3576 0.3569 0.1652 -0.0570 0.0229  -0.0878 23 TYR A CG  
181 C CD1 . TYR A 23 ? 0.4077 0.3996 0.1839 -0.0716 -0.0083 -0.0723 23 TYR A CD1 
182 C CD2 . TYR A 23 ? 0.3377 0.3530 0.2054 -0.0387 0.0214  -0.0786 23 TYR A CD2 
183 C CE1 . TYR A 23 ? 0.4442 0.4468 0.2613 -0.0636 -0.0335 -0.0492 23 TYR A CE1 
184 C CE2 . TYR A 23 ? 0.3391 0.3565 0.2296 -0.0342 -0.0010 -0.0596 23 TYR A CE2 
185 C CZ  . TYR A 23 ? 0.3976 0.4099 0.2696 -0.0444 -0.0251 -0.0454 23 TYR A CZ  
186 O OH  . TYR A 23 ? 0.3749 0.3881 0.2844 -0.0378 -0.0399 -0.0252 23 TYR A OH  
187 N N   . CYS A 24 ? 0.3298 0.3603 0.1785 -0.0471 0.0839  -0.0813 24 CYS A N   
188 C CA  . CYS A 24 ? 0.2854 0.3346 0.1711 -0.0408 0.0751  -0.0597 24 CYS A CA  
189 C C   . CYS A 24 ? 0.4030 0.4571 0.2660 -0.0511 0.0890  -0.0493 24 CYS A C   
190 O O   . CYS A 24 ? 0.2898 0.3486 0.1539 -0.0535 0.0759  -0.0295 24 CYS A O   
191 C CB  . CYS A 24 ? 0.2478 0.3126 0.1995 -0.0281 0.0820  -0.0599 24 CYS A CB  
192 S SG  . CYS A 24 ? 0.2488 0.3056 0.2285 -0.0168 0.0622  -0.0658 24 CYS A SG  
193 N N   . ASP A 25 ? 0.3526 0.4007 0.1937 -0.0582 0.1201  -0.0638 25 ASP A N   
194 C CA  . ASP A 25 ? 0.3902 0.4377 0.2135 -0.0664 0.1333  -0.0533 25 ASP A CA  
195 C C   . ASP A 25 ? 0.4814 0.5127 0.2498 -0.0777 0.1064  -0.0382 25 ASP A C   
196 O O   . ASP A 25 ? 0.3961 0.4332 0.1658 -0.0798 0.0991  -0.0190 25 ASP A O   
197 C CB  . ASP A 25 ? 0.4333 0.4664 0.2513 -0.0681 0.1671  -0.0692 25 ASP A CB  
198 C CG  . ASP A 25 ? 0.5295 0.5649 0.3416 -0.0744 0.1839  -0.0588 25 ASP A CG  
199 O OD1 . ASP A 25 ? 0.4207 0.4832 0.2806 -0.0695 0.1866  -0.0436 25 ASP A OD1 
200 O OD2 . ASP A 25 ? 0.5956 0.6039 0.3543 -0.0867 0.1937  -0.0653 25 ASP A OD2 
201 N N   . LYS A 26 ? 0.4385 0.4491 0.1662 -0.0852 0.0897  -0.0445 26 LYS A N   
202 C CA  . LYS A 26 ? 0.4657 0.4643 0.1545 -0.0972 0.0607  -0.0257 26 LYS A CA  
203 C C   . LYS A 26 ? 0.4155 0.4281 0.1333 -0.0904 0.0355  -0.0032 26 LYS A C   
204 O O   . LYS A 26 ? 0.4207 0.4321 0.1346 -0.0936 0.0245  0.0182  26 LYS A O   
205 C CB  . LYS A 26 ? 0.5161 0.4917 0.1619 -0.1108 0.0433  -0.0331 26 LYS A CB  
206 C CG  . LYS A 26 ? 0.6309 0.5964 0.2444 -0.1264 0.0120  -0.0089 26 LYS A CG  
207 C CD  . LYS A 26 ? 0.7666 0.7107 0.3419 -0.1447 -0.0115 -0.0110 26 LYS A CD  
208 C CE  . LYS A 26 ? 0.9117 0.8435 0.4533 -0.1652 -0.0390 0.0147  26 LYS A CE  
209 N NZ  . LYS A 26 ? 0.9302 0.8807 0.5037 -0.1550 -0.0443 0.0394  26 LYS A NZ  
210 N N   . LEU A 27 ? 0.3726 0.3949 0.1203 -0.0813 0.0291  -0.0084 27 LEU A N   
211 C CA  . LEU A 27 ? 0.3284 0.3555 0.1180 -0.0708 0.0113  0.0117  27 LEU A CA  
212 C C   . LEU A 27 ? 0.4553 0.4880 0.2587 -0.0696 0.0249  0.0244  27 LEU A C   
213 O O   . LEU A 27 ? 0.3127 0.3388 0.1163 -0.0721 0.0161  0.0462  27 LEU A O   
214 C CB  . LEU A 27 ? 0.3063 0.3359 0.1416 -0.0559 0.0086  0.0006  27 LEU A CB  
215 C CG  . LEU A 27 ? 0.2967 0.3203 0.1703 -0.0472 0.0020  0.0164  27 LEU A CG  
216 C CD1 . LEU A 27 ? 0.4776 0.4935 0.3586 -0.0484 -0.0183 0.0361  27 LEU A CD1 
217 C CD2 . LEU A 27 ? 0.4452 0.4662 0.3516 -0.0369 0.0052  0.0032  27 LEU A CD2 
218 N N   . CYS A 28 ? 0.2989 0.3430 0.1186 -0.0671 0.0461  0.0125  28 CYS A N   
219 C CA  . CYS A 28 ? 0.2855 0.3352 0.1218 -0.0693 0.0555  0.0246  28 CYS A CA  
220 C C   . CYS A 28 ? 0.3172 0.3585 0.1319 -0.0737 0.0567  0.0353  28 CYS A C   
221 O O   . CYS A 28 ? 0.3626 0.3958 0.1866 -0.0728 0.0523  0.0498  28 CYS A O   
222 C CB  . CYS A 28 ? 0.2707 0.3394 0.1419 -0.0673 0.0734  0.0143  28 CYS A CB  
223 S SG  . CYS A 28 ? 0.2300 0.3006 0.1492 -0.0561 0.0613  0.0077  28 CYS A SG  
224 N N   . LYS A 29 ? 0.3587 0.3965 0.1412 -0.0794 0.0645  0.0269  29 LYS A N   
225 C CA  . LYS A 29 ? 0.3963 0.4245 0.1529 -0.0860 0.0658  0.0375  29 LYS A CA  
226 C C   . LYS A 29 ? 0.4055 0.4218 0.1503 -0.0888 0.0407  0.0573  29 LYS A C   
227 O O   . LYS A 29 ? 0.4162 0.4270 0.1602 -0.0900 0.0396  0.0721  29 LYS A O   
228 C CB  . LYS A 29 ? 0.4521 0.4709 0.1694 -0.0955 0.0814  0.0233  29 LYS A CB  
229 C CG  . LYS A 29 ? 0.4719 0.5025 0.2119 -0.0927 0.1151  0.0097  29 LYS A CG  
230 C CD  . LYS A 29 ? 0.5739 0.5861 0.2744 -0.1026 0.1375  -0.0070 29 LYS A CD  
231 C CE  . LYS A 29 ? 0.5802 0.6056 0.3200 -0.0975 0.1760  -0.0183 29 LYS A CE  
232 N NZ  . LYS A 29 ? 0.7218 0.7206 0.4240 -0.1080 0.2045  -0.0369 29 LYS A NZ  
233 N N   . ASP A 30 ? 0.4086 0.4219 0.1498 -0.0897 0.0209  0.0599  30 ASP A N   
234 C CA  . ASP A 30 ? 0.4108 0.4169 0.1569 -0.0924 -0.0038 0.0852  30 ASP A CA  
235 C C   . ASP A 30 ? 0.3725 0.3764 0.1610 -0.0814 0.0015  0.0991  30 ASP A C   
236 O O   . ASP A 30 ? 0.3832 0.3783 0.1849 -0.0811 -0.0078 0.1216  30 ASP A O   
237 C CB  . ASP A 30 ? 0.4164 0.4220 0.1609 -0.0963 -0.0286 0.0885  30 ASP A CB  
238 C CG  . ASP A 30 ? 0.5951 0.5904 0.2904 -0.1131 -0.0400 0.0806  30 ASP A CG  
239 O OD1 . ASP A 30 ? 0.6264 0.6125 0.2870 -0.1226 -0.0294 0.0779  30 ASP A OD1 
240 O OD2 . ASP A 30 ? 0.6357 0.6283 0.3257 -0.1186 -0.0590 0.0772  30 ASP A OD2 
241 N N   . LYS A 31 ? 0.3325 0.3851 0.1787 -0.0213 -0.0643 0.0865  31 LYS A N   
242 C CA  . LYS A 31 ? 0.3049 0.3431 0.1882 -0.0100 -0.0569 0.0966  31 LYS A CA  
243 C C   . LYS A 31 ? 0.3285 0.3420 0.1945 -0.0198 -0.0374 0.1053  31 LYS A C   
244 O O   . LYS A 31 ? 0.3113 0.3062 0.2021 -0.0161 -0.0312 0.1052  31 LYS A O   
245 C CB  . LYS A 31 ? 0.2528 0.3006 0.1794 -0.0039 -0.0487 0.0765  31 LYS A CB  
246 C CG  . LYS A 31 ? 0.3069 0.3767 0.2677 0.0057  -0.0623 0.0740  31 LYS A CG  
247 C CD  . LYS A 31 ? 0.2434 0.3136 0.2336 0.0095  -0.0488 0.0591  31 LYS A CD  
248 C CE  . LYS A 31 ? 0.3327 0.4268 0.3641 0.0149  -0.0556 0.0590  31 LYS A CE  
249 N NZ  . LYS A 31 ? 0.2977 0.3964 0.3622 0.0314  -0.0577 0.0785  31 LYS A NZ  
250 N N   . LYS A 32 ? 0.3703 0.3805 0.1910 -0.0342 -0.0275 0.1122  32 LYS A N   
251 C CA  . LYS A 32 ? 0.4016 0.3915 0.2099 -0.0478 -0.0051 0.1267  32 LYS A CA  
252 C C   . LYS A 32 ? 0.4255 0.4284 0.2774 -0.0576 0.0187  0.1072  32 LYS A C   
253 O O   . LYS A 32 ? 0.3799 0.3688 0.2502 -0.0693 0.0322  0.1186  32 LYS A O   
254 C CB  . LYS A 32 ? 0.4201 0.3750 0.2380 -0.0414 -0.0158 0.1529  32 LYS A CB  
255 C CG  . LYS A 32 ? 0.4570 0.3993 0.2541 -0.0263 -0.0423 0.1753  32 LYS A CG  
256 C CD  . LYS A 32 ? 0.6849 0.6205 0.4230 -0.0332 -0.0418 0.1857  32 LYS A CD  
257 C CE  . LYS A 32 ? 0.8300 0.7558 0.5615 -0.0154 -0.0733 0.2021  32 LYS A CE  
258 N NZ  . LYS A 32 ? 0.8864 0.8444 0.6323 -0.0071 -0.0998 0.1874  32 LYS A NZ  
259 N N   . ALA A 33 ? 0.3740 0.4028 0.2500 -0.0540 0.0206  0.0801  33 ALA A N   
260 C CA  . ALA A 33 ? 0.3014 0.3465 0.2265 -0.0616 0.0392  0.0641  33 ALA A CA  
261 C C   . ALA A 33 ? 0.3394 0.3989 0.2510 -0.0736 0.0749  0.0598  33 ALA A C   
262 O O   . ALA A 33 ? 0.3909 0.4429 0.2367 -0.0762 0.0833  0.0636  33 ALA A O   
263 C CB  . ALA A 33 ? 0.2535 0.3141 0.2128 -0.0511 0.0266  0.0408  33 ALA A CB  
264 N N   . ASP A 34 ? 0.3236 0.4021 0.2976 -0.0808 0.0960  0.0522  34 ASP A N   
265 C CA  . ASP A 34 ? 0.3594 0.4566 0.3384 -0.0885 0.1408  0.0435  34 ASP A CA  
266 C C   . ASP A 34 ? 0.3902 0.4978 0.3529 -0.0770 0.1475  0.0126  34 ASP A C   
267 O O   . ASP A 34 ? 0.4211 0.5213 0.3222 -0.0798 0.1762  0.0032  34 ASP A O   
268 C CB  . ASP A 34 ? 0.3383 0.4613 0.4158 -0.0974 0.1594  0.0448  34 ASP A CB  
269 C CG  . ASP A 34 ? 0.4089 0.5168 0.5089 -0.1136 0.1511  0.0728  34 ASP A CG  
270 O OD1 . ASP A 34 ? 0.3929 0.4724 0.4265 -0.1205 0.1556  0.0951  34 ASP A OD1 
271 O OD2 . ASP A 34 ? 0.3608 0.4813 0.5446 -0.1202 0.1358  0.0734  34 ASP A OD2 
272 N N   . SER A 35 ? 0.3042 0.4212 0.3149 -0.0652 0.1214  -0.0036 35 SER A N   
273 C CA  . SER A 35 ? 0.3084 0.4283 0.3101 -0.0553 0.1250  -0.0327 35 SER A CA  
274 C C   . SER A 35 ? 0.2540 0.3734 0.2896 -0.0447 0.0873  -0.0393 35 SER A C   
275 O O   . SER A 35 ? 0.2206 0.3345 0.2723 -0.0438 0.0609  -0.0228 35 SER A O   
276 C CB  . SER A 35 ? 0.3260 0.4656 0.3805 -0.0531 0.1683  -0.0521 35 SER A CB  
277 O OG  . SER A 35 ? 0.2755 0.4383 0.4332 -0.0501 0.1591  -0.0467 35 SER A OG  
278 N N   . GLY A 36 ? 0.2567 0.3751 0.2978 -0.0371 0.0877  -0.0639 36 GLY A N   
279 C CA  . GLY A 36 ? 0.2159 0.3301 0.2881 -0.0290 0.0570  -0.0669 36 GLY A CA  
280 C C   . GLY A 36 ? 0.3121 0.4215 0.4032 -0.0222 0.0637  -0.0947 36 GLY A C   
281 O O   . GLY A 36 ? 0.2776 0.3811 0.3410 -0.0232 0.0906  -0.1170 36 GLY A O   
282 N N   . TYR A 37 ? 0.1979 0.3017 0.3295 -0.0156 0.0407  -0.0935 37 TYR A N   
283 C CA  . TYR A 37 ? 0.2576 0.3492 0.4142 -0.0091 0.0436  -0.1175 37 TYR A CA  
284 C C   . TYR A 37 ? 0.2489 0.3267 0.4199 -0.0079 0.0128  -0.1066 37 TYR A C   
285 O O   . TYR A 37 ? 0.1980 0.2771 0.3607 -0.0098 -0.0051 -0.0823 37 TYR A O   
286 C CB  . TYR A 37 ? 0.2170 0.3191 0.4472 0.0021  0.0654  -0.1278 37 TYR A CB  
287 C CG  . TYR A 37 ? 0.1789 0.2878 0.4768 0.0085  0.0399  -0.1057 37 TYR A CG  
288 C CD1 . TYR A 37 ? 0.2754 0.3696 0.6238 0.0191  0.0241  -0.1083 37 TYR A CD1 
289 C CD2 . TYR A 37 ? 0.1560 0.2788 0.4620 0.0026  0.0274  -0.0817 37 TYR A CD2 
290 C CE1 . TYR A 37 ? 0.2888 0.3823 0.6866 0.0241  -0.0062 -0.0850 37 TYR A CE1 
291 C CE2 . TYR A 37 ? 0.1819 0.3028 0.5359 0.0059  -0.0041 -0.0631 37 TYR A CE2 
292 C CZ  . TYR A 37 ? 0.2934 0.3998 0.6896 0.0169  -0.0221 -0.0636 37 TYR A CZ  
293 O OH  . TYR A 37 ? 0.2754 0.3622 0.6858 0.0179  -0.0569 -0.0408 37 TYR A OH  
294 N N   . CYS A 38 ? 0.2087 0.2684 0.3982 -0.0054 0.0106  -0.1253 38 CYS A N   
295 C CA  . CYS A 38 ? 0.1949 0.2383 0.4046 -0.0062 -0.0131 -0.1120 38 CYS A CA  
296 C C   . CYS A 38 ? 0.2168 0.2513 0.4856 0.0054  -0.0202 -0.1011 38 CYS A C   
297 O O   . CYS A 38 ? 0.2104 0.2356 0.5240 0.0150  -0.0102 -0.1197 38 CYS A O   
298 C CB  . CYS A 38 ? 0.2288 0.2511 0.4312 -0.0137 -0.0176 -0.1346 38 CYS A CB  
299 S SG  . CYS A 38 ? 0.2337 0.2351 0.4695 -0.0190 -0.0403 -0.1136 38 CYS A SG  
300 N N   . TYR A 39 ? 0.1667 0.1987 0.4333 0.0056  -0.0391 -0.0715 39 TYR A N   
301 C CA  . TYR A 39 ? 0.1731 0.1897 0.4852 0.0148  -0.0572 -0.0561 39 TYR A CA  
302 C C   . TYR A 39 ? 0.1944 0.1789 0.5140 0.0137  -0.0672 -0.0500 39 TYR A C   
303 O O   . TYR A 39 ? 0.2749 0.2469 0.5564 0.0043  -0.0721 -0.0330 39 TYR A O   
304 C CB  . TYR A 39 ? 0.1662 0.1805 0.4551 0.0130  -0.0779 -0.0287 39 TYR A CB  
305 C CG  . TYR A 39 ? 0.1848 0.1841 0.5173 0.0212  -0.1063 -0.0117 39 TYR A CG  
306 C CD1 . TYR A 39 ? 0.2491 0.2506 0.6509 0.0309  -0.1040 -0.0219 39 TYR A CD1 
307 C CD2 . TYR A 39 ? 0.2983 0.2744 0.5912 0.0173  -0.1353 0.0143  39 TYR A CD2 
308 C CE1 . TYR A 39 ? 0.2973 0.2833 0.7231 0.0311  -0.1293 -0.0039 39 TYR A CE1 
309 C CE2 . TYR A 39 ? 0.2423 0.1983 0.5499 0.0169  -0.1621 0.0294  39 TYR A CE2 
310 C CZ  . TYR A 39 ? 0.2509 0.2156 0.6291 0.0233  -0.1606 0.0216  39 TYR A CZ  
311 O OH  . TYR A 39 ? 0.2928 0.2415 0.6904 0.0216  -0.1903 0.0380  39 TYR A OH  
312 N N   . TRP A 40 ? 0.2334 0.2097 0.3547 -0.0005 -0.1223 -0.0773 40 TRP A N   
313 C CA  A TRP A 40 ? 0.2655 0.2208 0.4022 -0.0030 -0.1386 -0.0722 40 TRP A CA  
314 C CA  B TRP A 40 ? 0.2542 0.2097 0.3912 -0.0036 -0.1388 -0.0714 40 TRP A CA  
315 C C   . TRP A 40 ? 0.2431 0.1971 0.3958 -0.0004 -0.1371 -0.0505 40 TRP A C   
316 O O   . TRP A 40 ? 0.2719 0.2132 0.4459 -0.0048 -0.1436 -0.0340 40 TRP A O   
317 C CB  A TRP A 40 ? 0.3372 0.2720 0.4696 0.0063  -0.1450 -0.0936 40 TRP A CB  
318 C CB  B TRP A 40 ? 0.3171 0.2500 0.4500 0.0046  -0.1471 -0.0924 40 TRP A CB  
319 C CG  A TRP A 40 ? 0.2552 0.2032 0.3937 0.0194  -0.1328 -0.1016 40 TRP A CG  
320 C CG  B TRP A 40 ? 0.3021 0.2337 0.4511 0.0153  -0.1456 -0.0915 40 TRP A CG  
321 C CD1 A TRP A 40 ? 0.2474 0.2134 0.3826 0.0253  -0.1163 -0.1109 40 TRP A CD1 
322 C CD1 B TRP A 40 ? 0.2767 0.1907 0.4435 0.0169  -0.1554 -0.0807 40 TRP A CD1 
323 C CD2 A TRP A 40 ? 0.2575 0.2023 0.4154 0.0284  -0.1379 -0.0982 40 TRP A CD2 
324 C CD2 B TRP A 40 ? 0.2543 0.2029 0.4085 0.0267  -0.1354 -0.0992 40 TRP A CD2 
325 N NE1 A TRP A 40 ? 0.3131 0.2910 0.4747 0.0354  -0.1135 -0.1131 40 TRP A NE1 
326 N NE1 B TRP A 40 ? 0.2868 0.2042 0.4603 0.0306  -0.1530 -0.0826 40 TRP A NE1 
327 C CE2 A TRP A 40 ? 0.2747 0.2392 0.4462 0.0383  -0.1286 -0.1066 40 TRP A CE2 
328 C CE2 B TRP A 40 ? 0.2624 0.2027 0.4331 0.0359  -0.1433 -0.0942 40 TRP A CE2 
329 C CE3 A TRP A 40 ? 0.3064 0.2333 0.4756 0.0301  -0.1490 -0.0863 40 TRP A CE3 
330 C CE3 B TRP A 40 ? 0.3529 0.3232 0.5071 0.0301  -0.1206 -0.1076 40 TRP A CE3 
331 C CZ2 A TRP A 40 ? 0.2523 0.2203 0.4474 0.0496  -0.1358 -0.1052 40 TRP A CZ2 
332 C CZ2 B TRP A 40 ? 0.2584 0.2134 0.4468 0.0479  -0.1426 -0.0985 40 TRP A CZ2 
333 C CZ3 A TRP A 40 ? 0.2754 0.2015 0.4568 0.0435  -0.1524 -0.0851 40 TRP A CZ3 
334 C CZ3 B TRP A 40 ? 0.2358 0.2221 0.4170 0.0398  -0.1177 -0.1105 40 TRP A CZ3 
335 C CH2 A TRP A 40 ? 0.2668 0.2141 0.4608 0.0531  -0.1486 -0.0953 40 TRP A CH2 
336 C CH2 B TRP A 40 ? 0.2439 0.2234 0.4426 0.0484  -0.1314 -0.1067 40 TRP A CH2 
337 N N   . VAL A 41 ? 0.2207 0.1836 0.3629 0.0088  -0.1293 -0.0499 41 VAL A N   
338 C CA  . VAL A 41 ? 0.2463 0.1970 0.3850 0.0182  -0.1289 -0.0313 41 VAL A CA  
339 C C   . VAL A 41 ? 0.2789 0.2258 0.4150 0.0156  -0.1167 -0.0029 41 VAL A C   
340 O O   . VAL A 41 ? 0.2946 0.2245 0.4397 0.0217  -0.1121 0.0199  41 VAL A O   
341 C CB  . VAL A 41 ? 0.3062 0.2602 0.4265 0.0292  -0.1316 -0.0386 41 VAL A CB  
342 C CG1 . VAL A 41 ? 0.2959 0.2255 0.3903 0.0439  -0.1323 -0.0188 41 VAL A CG1 
343 C CG2 . VAL A 41 ? 0.3070 0.2684 0.4480 0.0344  -0.1416 -0.0594 41 VAL A CG2 
344 N N   . HIS A 42 ? 0.2172 0.1791 0.3446 0.0085  -0.1077 -0.0014 42 HIS A N   
345 C CA  . HIS A 42 ? 0.2190 0.1807 0.3488 0.0083  -0.0919 0.0277  42 HIS A CA  
346 C C   . HIS A 42 ? 0.2389 0.2150 0.4044 -0.0074 -0.0973 0.0335  42 HIS A C   
347 O O   . HIS A 42 ? 0.2266 0.2073 0.4145 -0.0090 -0.0857 0.0619  42 HIS A O   
348 C CB  . HIS A 42 ? 0.2186 0.1813 0.3100 0.0150  -0.0780 0.0290  42 HIS A CB  
349 C CG  . HIS A 42 ? 0.2598 0.2025 0.3129 0.0299  -0.0827 0.0202  42 HIS A CG  
350 N ND1 . HIS A 42 ? 0.4268 0.3751 0.4630 0.0284  -0.0907 -0.0021 42 HIS A ND1 
351 C CD2 . HIS A 42 ? 0.3110 0.2254 0.3404 0.0473  -0.0840 0.0313  42 HIS A CD2 
352 C CE1 . HIS A 42 ? 0.3232 0.2479 0.3305 0.0424  -0.1028 -0.0063 42 HIS A CE1 
353 N NE2 . HIS A 42 ? 0.4392 0.3410 0.4343 0.0559  -0.0990 0.0130  42 HIS A NE2 
354 N N   . ILE A 43 ? 0.2035 0.1833 0.3718 -0.0164 -0.1151 0.0075  43 ILE A N   
355 C CA  . ILE A 43 ? 0.2050 0.1909 0.3909 -0.0292 -0.1293 0.0056  43 ILE A CA  
356 C C   . ILE A 43 ? 0.2232 0.2281 0.4000 -0.0304 -0.1146 0.0187  43 ILE A C   
357 O O   . ILE A 43 ? 0.1888 0.2031 0.3987 -0.0372 -0.1172 0.0414  43 ILE A O   
358 C CB  . ILE A 43 ? 0.2194 0.1961 0.4578 -0.0389 -0.1456 0.0243  43 ILE A CB  
359 C CG1 . ILE A 43 ? 0.2361 0.1904 0.4825 -0.0342 -0.1520 0.0182  43 ILE A CG1 
360 C CG2 . ILE A 43 ? 0.2434 0.2119 0.4765 -0.0455 -0.1644 0.0131  43 ILE A CG2 
361 C CD1 . ILE A 43 ? 0.2635 0.2019 0.5615 -0.0440 -0.1709 0.0308  43 ILE A CD1 
362 N N   . LEU A 44 ? 0.1862 0.1968 0.3255 -0.0236 -0.0997 0.0060  44 LEU A N   
363 C CA  . LEU A 44 ? 0.2249 0.2491 0.3502 -0.0234 -0.0841 0.0161  44 LEU A CA  
364 C C   . LEU A 44 ? 0.1680 0.1971 0.2651 -0.0237 -0.0824 -0.0073 44 LEU A C   
365 O O   . LEU A 44 ? 0.2083 0.2324 0.2946 -0.0202 -0.0841 -0.0287 44 LEU A O   
366 C CB  . LEU A 44 ? 0.1694 0.1874 0.2742 -0.0128 -0.0621 0.0304  44 LEU A CB  
367 C CG  . LEU A 44 ? 0.1962 0.2027 0.3157 -0.0046 -0.0514 0.0606  44 LEU A CG  
368 C CD1 . LEU A 44 ? 0.2477 0.2327 0.3208 0.0121  -0.0321 0.0677  44 LEU A CD1 
369 C CD2 . LEU A 44 ? 0.1788 0.2000 0.3415 -0.0101 -0.0466 0.0898  44 LEU A CD2 
370 N N   . CYS A 45 ? 0.1657 0.2047 0.2539 -0.0253 -0.0753 0.0001  45 CYS A N   
371 C CA  . CYS A 45 ? 0.1706 0.2111 0.2298 -0.0223 -0.0665 -0.0170 45 CYS A CA  
372 C C   . CYS A 45 ? 0.1586 0.2017 0.2082 -0.0188 -0.0456 -0.0193 45 CYS A C   
373 O O   . CYS A 45 ? 0.1533 0.1952 0.2009 -0.0173 -0.0353 -0.0035 45 CYS A O   
374 C CB  . CYS A 45 ? 0.1795 0.2257 0.2281 -0.0230 -0.0673 -0.0074 45 CYS A CB  
375 S SG  . CYS A 45 ? 0.2229 0.2568 0.2764 -0.0273 -0.1053 -0.0123 45 CYS A SG  
376 N N   . TYR A 46 ? 0.1615 0.2047 0.2074 -0.0161 -0.0398 -0.0381 46 TYR A N   
377 C CA  . TYR A 46 ? 0.1549 0.2007 0.2050 -0.0156 -0.0263 -0.0422 46 TYR A CA  
378 C C   . TYR A 46 ? 0.1610 0.2128 0.2055 -0.0138 -0.0064 -0.0467 46 TYR A C   
379 O O   . TYR A 46 ? 0.2051 0.2555 0.2432 -0.0077 -0.0024 -0.0557 46 TYR A O   
380 C CB  . TYR A 46 ? 0.1827 0.2271 0.2538 -0.0139 -0.0370 -0.0550 46 TYR A CB  
381 C CG  . TYR A 46 ? 0.1769 0.2211 0.2623 -0.0156 -0.0354 -0.0597 46 TYR A CG  
382 C CD1 . TYR A 46 ? 0.1639 0.1909 0.2355 -0.0141 -0.0480 -0.0554 46 TYR A CD1 
383 C CD2 . TYR A 46 ? 0.1777 0.2342 0.2901 -0.0171 -0.0220 -0.0671 46 TYR A CD2 
384 C CE1 . TYR A 46 ? 0.2063 0.2246 0.2878 -0.0162 -0.0566 -0.0634 46 TYR A CE1 
385 C CE2 . TYR A 46 ? 0.1558 0.2120 0.2960 -0.0219 -0.0270 -0.0712 46 TYR A CE2 
386 C CZ  . TYR A 46 ? 0.2224 0.2578 0.3452 -0.0226 -0.0489 -0.0715 46 TYR A CZ  
387 O OH  . TYR A 46 ? 0.1917 0.2186 0.3388 -0.0279 -0.0638 -0.0790 46 TYR A OH  
388 N N   . CYS A 47 ? 0.1580 0.2104 0.2005 -0.0163 0.0085  -0.0394 47 CYS A N   
389 C CA  . CYS A 47 ? 0.1670 0.2230 0.2066 -0.0137 0.0326  -0.0382 47 CYS A CA  
390 C C   . CYS A 47 ? 0.1698 0.2297 0.2464 -0.0178 0.0431  -0.0441 47 CYS A C   
391 O O   . CYS A 47 ? 0.1609 0.2145 0.2520 -0.0243 0.0295  -0.0468 47 CYS A O   
392 C CB  . CYS A 47 ? 0.1699 0.2221 0.1858 -0.0137 0.0436  -0.0221 47 CYS A CB  
393 S SG  . CYS A 47 ? 0.2198 0.2731 0.2122 -0.0106 0.0284  -0.0087 47 CYS A SG  
394 N N   . TYR A 48 ? 0.1765 0.2429 0.2674 -0.0121 0.0672  -0.0444 48 TYR A N   
395 C CA  . TYR A 48 ? 0.1772 0.2511 0.3192 -0.0168 0.0835  -0.0434 48 TYR A CA  
396 C C   . TYR A 48 ? 0.2064 0.2749 0.3380 -0.0158 0.1126  -0.0298 48 TYR A C   
397 O O   . TYR A 48 ? 0.2776 0.3414 0.3715 -0.0028 0.1344  -0.0221 48 TYR A O   
398 C CB  . TYR A 48 ? 0.1856 0.2719 0.3663 -0.0079 0.0992  -0.0470 48 TYR A CB  
399 C CG  . TYR A 48 ? 0.1752 0.2679 0.3784 -0.0081 0.0729  -0.0592 48 TYR A CG  
400 C CD1 . TYR A 48 ? 0.1764 0.2791 0.4383 -0.0184 0.0522  -0.0641 48 TYR A CD1 
401 C CD2 . TYR A 48 ? 0.2102 0.2948 0.3762 0.0026  0.0655  -0.0661 48 TYR A CD2 
402 C CE1 . TYR A 48 ? 0.1968 0.3045 0.4781 -0.0160 0.0278  -0.0735 48 TYR A CE1 
403 C CE2 . TYR A 48 ? 0.1853 0.2733 0.3727 0.0038  0.0438  -0.0757 48 TYR A CE2 
404 C CZ  . TYR A 48 ? 0.2221 0.3232 0.4664 -0.0046 0.0267  -0.0783 48 TYR A CZ  
405 O OH  . TYR A 48 ? 0.2584 0.3621 0.5226 -0.0013 0.0045  -0.0860 48 TYR A OH  
406 N N   . GLY A 49 ? 0.1899 0.1386 0.4389 0.0049  0.0348  0.0842  49 GLY A N   
407 C CA  . GLY A 49 ? 0.1828 0.1327 0.4276 -0.0007 0.0301  0.0779  49 GLY A CA  
408 C C   . GLY A 49 ? 0.2885 0.2344 0.4760 -0.0066 0.0194  0.0676  49 GLY A C   
409 O O   . GLY A 49 ? 0.2789 0.2160 0.4486 -0.0121 0.0271  0.0644  49 GLY A O   
410 N N   . LEU A 50 ? 0.1888 0.1441 0.3489 -0.0048 0.0023  0.0645  50 LEU A N   
411 C CA  . LEU A 50 ? 0.1717 0.1338 0.2942 -0.0066 -0.0087 0.0557  50 LEU A CA  
412 C C   . LEU A 50 ? 0.1687 0.1353 0.3052 -0.0032 -0.0247 0.0510  50 LEU A C   
413 O O   . LEU A 50 ? 0.2473 0.2166 0.4139 -0.0018 -0.0378 0.0520  50 LEU A O   
414 C CB  . LEU A 50 ? 0.1739 0.1456 0.2720 -0.0046 -0.0179 0.0542  50 LEU A CB  
415 C CG  . LEU A 50 ? 0.2326 0.1973 0.3114 -0.0114 -0.0020 0.0570  50 LEU A CG  
416 C CD1 . LEU A 50 ? 0.2438 0.2137 0.3110 -0.0080 -0.0087 0.0625  50 LEU A CD1 
417 C CD2 . LEU A 50 ? 0.3192 0.2890 0.3733 -0.0207 0.0020  0.0515  50 LEU A CD2 
418 N N   . PRO A 51 ? 0.1800 0.1464 0.2985 -0.0027 -0.0252 0.0471  51 PRO A N   
419 C CA  . PRO A 51 ? 0.1999 0.1633 0.3280 0.0025  -0.0374 0.0403  51 PRO A CA  
420 C C   . PRO A 51 ? 0.1897 0.1559 0.3054 0.0064  -0.0524 0.0289  51 PRO A C   
421 O O   . PRO A 51 ? 0.2193 0.1942 0.3104 0.0078  -0.0504 0.0287  51 PRO A O   
422 C CB  . PRO A 51 ? 0.2425 0.2092 0.3557 0.0061  -0.0334 0.0431  51 PRO A CB  
423 C CG  . PRO A 51 ? 0.2432 0.2124 0.3385 -0.0029 -0.0231 0.0525  51 PRO A CG  
424 C CD  . PRO A 51 ? 0.1895 0.1580 0.2811 -0.0077 -0.0163 0.0503  51 PRO A CD  
425 N N   . ASP A 52 ? 0.2046 0.1594 0.3311 0.0053  -0.0661 0.0191  52 ASP A N   
426 C CA  . ASP A 52 ? 0.2353 0.1831 0.3323 0.0051  -0.0810 0.0045  52 ASP A CA  
427 C C   . ASP A 52 ? 0.2534 0.2009 0.3142 0.0143  -0.0669 -0.0039 52 ASP A C   
428 O O   . ASP A 52 ? 0.2750 0.2192 0.2975 0.0142  -0.0696 -0.0116 52 ASP A O   
429 C CB  . ASP A 52 ? 0.2658 0.1920 0.3736 -0.0013 -0.0963 -0.0104 52 ASP A CB  
430 C CG  . ASP A 52 ? 0.3800 0.3133 0.5287 -0.0138 -0.1169 -0.0025 52 ASP A CG  
431 O OD1 . ASP A 52 ? 0.3492 0.3032 0.5163 -0.0136 -0.1181 0.0145  52 ASP A OD1 
432 O OD2 . ASP A 52 ? 0.3305 0.2484 0.4993 -0.0240 -0.1313 -0.0127 52 ASP A OD2 
433 N N   . SER A 53 ? 0.2324 0.1847 0.3079 0.0221  -0.0518 0.0004  53 SER A N   
434 C CA  . SER A 53 ? 0.2448 0.2022 0.3070 0.0329  -0.0366 -0.0052 53 SER A CA  
435 C C   . SER A 53 ? 0.2267 0.2105 0.2796 0.0315  -0.0274 0.0060  53 SER A C   
436 O O   . SER A 53 ? 0.2376 0.2319 0.2862 0.0389  -0.0126 0.0036  53 SER A O   
437 C CB  . SER A 53 ? 0.2993 0.2551 0.3937 0.0433  -0.0286 0.0005  53 SER A CB  
438 O OG  . SER A 53 ? 0.2686 0.2396 0.3815 0.0380  -0.0323 0.0208  53 SER A OG  
439 N N   . GLU A 54 ? 0.2046 0.1966 0.2594 0.0215  -0.0325 0.0177  54 GLU A N   
440 C CA  . GLU A 54 ? 0.1943 0.2047 0.2412 0.0162  -0.0233 0.0269  54 GLU A CA  
441 C C   . GLU A 54 ? 0.2164 0.2228 0.2325 0.0154  -0.0206 0.0243  54 GLU A C   
442 O O   . GLU A 54 ? 0.2291 0.2220 0.2322 0.0129  -0.0333 0.0243  54 GLU A O   
443 C CB  . GLU A 54 ? 0.1954 0.2046 0.2495 0.0051  -0.0241 0.0372  54 GLU A CB  
444 C CG  . GLU A 54 ? 0.4879 0.5056 0.5527 0.0002  -0.0233 0.0442  54 GLU A CG  
445 C CD  . GLU A 54 ? 0.6606 0.7047 0.7311 -0.0017 -0.0206 0.0488  54 GLU A CD  
446 O OE1 . GLU A 54 ? 0.7267 0.7852 0.8151 0.0005  -0.0269 0.0566  54 GLU A OE1 
447 O OE2 . GLU A 54 ? 0.6404 0.6927 0.7029 -0.0056 -0.0128 0.0480  54 GLU A OE2 
448 N N   . PRO A 55 ? 0.2267 0.2466 0.2333 0.0169  -0.0047 0.0253  55 PRO A N   
449 C CA  . PRO A 55 ? 0.2601 0.2707 0.2269 0.0152  0.0008  0.0256  55 PRO A CA  
450 C C   . PRO A 55 ? 0.2553 0.2613 0.2166 0.0059  -0.0054 0.0408  55 PRO A C   
451 O O   . PRO A 55 ? 0.2319 0.2467 0.2156 -0.0016 0.0005  0.0489  55 PRO A O   
452 C CB  . PRO A 55 ? 0.2705 0.2997 0.2412 0.0181  0.0264  0.0263  55 PRO A CB  
453 C CG  . PRO A 55 ? 0.3996 0.4558 0.4213 0.0165  0.0260  0.0330  55 PRO A CG  
454 C CD  . PRO A 55 ? 0.2178 0.2621 0.2522 0.0212  0.0087  0.0278  55 PRO A CD  
455 N N   . THR A 56 ? 0.2858 0.2755 0.2168 0.0057  -0.0182 0.0450  56 THR A N   
456 C CA  . THR A 56 ? 0.2906 0.2736 0.2220 0.0011  -0.0230 0.0644  56 THR A CA  
457 C C   . THR A 56 ? 0.3421 0.3141 0.2230 -0.0002 -0.0206 0.0750  56 THR A C   
458 O O   . THR A 56 ? 0.3817 0.3464 0.2179 0.0015  -0.0192 0.0640  56 THR A O   
459 C CB  . THR A 56 ? 0.2822 0.2593 0.2399 0.0028  -0.0465 0.0707  56 THR A CB  
460 O OG1 . THR A 56 ? 0.3064 0.2786 0.2455 0.0040  -0.0686 0.0596  56 THR A OG1 
461 C CG2 . THR A 56 ? 0.2403 0.2220 0.2437 0.0019  -0.0393 0.0666  56 THR A CG2 
462 N N   . LYS A 57 ? 0.3515 0.3164 0.2350 -0.0035 -0.0174 0.0968  57 LYS A N   
463 C CA  . LYS A 57 ? 0.4071 0.3587 0.2399 -0.0058 -0.0119 0.1134  57 LYS A CA  
464 C C   . LYS A 57 ? 0.4602 0.3983 0.2453 -0.0040 -0.0428 0.1195  57 LYS A C   
465 O O   . LYS A 57 ? 0.4503 0.3908 0.2631 -0.0015 -0.0728 0.1256  57 LYS A O   
466 C CB  . LYS A 57 ? 0.4152 0.3564 0.2682 -0.0093 -0.0017 0.1388  57 LYS A CB  
467 C CG  . LYS A 57 ? 0.4694 0.3958 0.2715 -0.0136 0.0127  0.1588  57 LYS A CG  
468 C CD  . LYS A 57 ? 0.6149 0.5265 0.4434 -0.0191 0.0301  0.1814  57 LYS A CD  
469 C CE  . LYS A 57 ? 0.7602 0.6585 0.5408 -0.0262 0.0529  0.2000  57 LYS A CE  
470 N NZ  . LYS A 57 ? 0.7408 0.6582 0.5016 -0.0313 0.0778  0.1790  57 LYS A NZ  
471 N N   . THR A 58 ? 0.5242 0.4482 0.2370 -0.0075 -0.0348 0.1185  58 THR A N   
472 C CA  . THR A 58 ? 0.6859 0.5907 0.3323 -0.0115 -0.0669 0.1266  58 THR A CA  
473 C C   . THR A 58 ? 0.8627 0.7504 0.4589 -0.0149 -0.0601 0.1594  58 THR A C   
474 O O   . THR A 58 ? 0.9049 0.7951 0.5268 -0.0144 -0.0284 0.1727  58 THR A O   
475 C CB  . THR A 58 ? 0.7721 0.6609 0.3525 -0.0153 -0.0625 0.0945  58 THR A CB  
476 O OG1 . THR A 58 ? 0.8692 0.7499 0.4096 -0.0149 -0.0158 0.0879  58 THR A OG1 
477 C CG2 . THR A 58 ? 0.6977 0.5994 0.3331 -0.0107 -0.0646 0.0650  58 THR A CG2 
478 N N   . ASN A 59 ? 0.8487 0.7244 0.3876 -0.0177 -0.0876 0.1693  59 ASN A N   
479 C CA  . ASN A 59 ? 0.9395 0.8054 0.4394 -0.0163 -0.0747 0.1953  59 ASN A CA  
480 C C   . ASN A 59 ? 0.9825 0.8406 0.4372 -0.0214 -0.0239 0.1833  59 ASN A C   
481 O O   . ASN A 59 ? 1.0660 0.9150 0.4675 -0.0259 -0.0110 0.1542  59 ASN A O   
482 C CB  . ASN A 59 ? 1.0323 0.8921 0.4788 -0.0188 -0.1127 0.2025  59 ASN A CB  
483 C CG  . ASN A 59 ? 1.0730 0.9424 0.5736 -0.0099 -0.1483 0.2358  59 ASN A CG  
484 O OD1 . ASN A 59 ? 1.1222 0.9902 0.6787 -0.0003 -0.1330 0.2583  59 ASN A OD1 
485 N ND2 . ASN A 59 ? 1.0038 0.8798 0.4907 -0.0143 -0.1935 0.2372  59 ASN A ND2 
486 N N   . GLY A 60 ? 0.9834 0.8457 0.4709 -0.0211 0.0081  0.2041  60 GLY A N   
487 C CA  . GLY A 60 ? 0.9677 0.8345 0.4414 -0.0283 0.0575  0.1953  60 GLY A CA  
488 C C   . GLY A 60 ? 0.9342 0.8128 0.4798 -0.0342 0.0828  0.2091  60 GLY A C   
489 O O   . GLY A 60 ? 0.9106 0.7905 0.5129 -0.0321 0.0687  0.2136  60 GLY A O   
490 N N   . LYS A 61 ? 0.9271 0.8110 0.4708 -0.0440 0.1198  0.2131  61 LYS A N   
491 C CA  . LYS A 61 ? 0.8515 0.7442 0.4630 -0.0549 0.1422  0.2192  61 LYS A CA  
492 C C   . LYS A 61 ? 0.6928 0.6152 0.3562 -0.0548 0.1694  0.1918  61 LYS A C   
493 O O   . LYS A 61 ? 0.6982 0.6298 0.3407 -0.0463 0.1806  0.1702  61 LYS A O   
494 C CB  . LYS A 61 ? 0.9187 0.8040 0.5115 -0.0673 0.1638  0.2414  61 LYS A CB  
495 C CG  . LYS A 61 ? 0.9884 0.8469 0.5428 -0.0689 0.1358  0.2763  61 LYS A CG  
496 C CD  . LYS A 61 ? 0.9331 0.7663 0.5397 -0.0718 0.1187  0.2871  61 LYS A CD  
497 C CE  . LYS A 61 ? 0.9456 0.7389 0.5159 -0.0666 0.0827  0.3137  61 LYS A CE  
498 N NZ  . LYS A 61 ? 0.9837 0.7869 0.4952 -0.0718 0.0807  0.3400  61 LYS A NZ  
499 N N   . CYS A 62 ? 0.6993 0.6358 0.4330 -0.0652 0.1781  0.1924  62 CYS A N   
500 C CA  . CYS A 62 ? 0.6668 0.6403 0.4624 -0.0682 0.1962  0.1728  62 CYS A CA  
501 C C   . CYS A 62 ? 0.6845 0.6800 0.4838 -0.0720 0.2321  0.1691  62 CYS A C   
502 O O   . CYS A 62 ? 0.6867 0.6753 0.4758 -0.0830 0.2478  0.1848  62 CYS A O   
503 C CB  . CYS A 62 ? 0.6671 0.6482 0.5289 -0.0838 0.1894  0.1738  62 CYS A CB  
504 S SG  . CYS A 62 ? 0.8930 0.9255 0.8349 -0.0926 0.1975  0.1547  62 CYS A SG  
505 N N   . LYS A 63 ? 0.6959 0.7172 0.5146 -0.0612 0.2470  0.1496  63 LYS A N   
506 C CA  . LYS A 63 ? 0.6951 0.7407 0.5336 -0.0608 0.2842  0.1444  63 LYS A CA  
507 C C   . LYS A 63 ? 0.8084 0.8842 0.7196 -0.0801 0.2961  0.1555  63 LYS A C   
508 O O   . LYS A 63 ? 0.8519 0.9705 0.8394 -0.0822 0.3037  0.1480  63 LYS A O   
509 C CB  . LYS A 63 ? 0.6223 0.6923 0.4928 -0.0435 0.2953  0.1222  63 LYS A CB  
# 
